data_7CWY
#
_entry.id   7CWY
#
_cell.length_a   132.527
_cell.length_b   132.527
_cell.length_c   390.130
_cell.angle_alpha   90.000
_cell.angle_beta   90.000
_cell.angle_gamma   120.000
#
_symmetry.space_group_name_H-M   'P 61 2 2'
#
loop_
_entity.id
_entity.type
_entity.pdbx_description
1 polymer Decarboxylase
2 water water
#
_entity_poly.entity_id   1
_entity_poly.type   'polypeptide(L)'
_entity_poly.pdbx_seq_one_letter_code
;MKNEKLAKGEMNLNALFIGDKAENGQLYKDLLIDLVDEHLGWRQNYMPQDMPVISSQERTSKSYEKTVNHMKDVLNEISS
RMRTHSVPWHTAGRYWGHMNSETLMPSLLAYNFAMLWNGNNVAYESSPATSQMEEEVGHEFAHLMSYKNGWGHIVADGSL
ANLEGLWYARNIKSLPFAMKEVKPELVAGKSDWELLNMPTKEIMDLLESAEDEIDEIKAHSARSGKHLQAIGKWLVPQTK
HYSWLKAADIIGIGLDQVIPVPVDHNYRMDINELEKIVRGLAEEQIPVLGVVGVVGSTEEGAVDSIDKIIALRDELMKDG
IYYYVHVDAAYGGYGRAIFLDEDNNFIPYEDLQDVHEEYGVFKEKKEHISREVYDAYKAIELAESVTIDPH(LLP)MGYI
PYSAGGIVIQDIRMRDVISYFATYVFEKGADIPALLGAYILEGSKAGATAASVWAAHHVLPLNVAGYGKLIGASIEGSHH
FYNFLNDLTFKVGDKEIEVHTLTHPDFNMVDYVFKEKGNDDLVAMNKLNHDVYDYASYVKGNIYNNEFITSHTDFAIPDY
GNSPLKFVNSLGFSDEEWNRAGKVTVLRAAVMTPYMNDKEEFDVYAPKIQAALQEKLEQIYDVK
;
_entity_poly.pdbx_strand_id   A,B,C
#
# COMPACT_ATOMS: atom_id res chain seq x y z
N LYS A 8 16.89 34.86 -30.82
CA LYS A 8 18.05 35.50 -31.48
C LYS A 8 18.54 36.64 -30.60
N GLY A 9 19.30 36.34 -29.54
CA GLY A 9 19.86 37.38 -28.65
C GLY A 9 18.79 38.20 -27.93
N GLU A 10 18.60 39.48 -28.31
CA GLU A 10 17.53 40.31 -27.70
C GLU A 10 16.87 41.25 -28.73
N MET A 11 15.55 41.40 -28.66
CA MET A 11 14.78 42.25 -29.61
C MET A 11 14.68 43.68 -29.08
N ASN A 12 14.89 44.68 -29.94
CA ASN A 12 14.69 46.10 -29.55
C ASN A 12 13.20 46.41 -29.61
N LEU A 13 12.60 46.70 -28.46
CA LEU A 13 11.17 47.03 -28.41
C LEU A 13 10.98 48.39 -29.08
N ASN A 14 12.03 49.20 -29.12
CA ASN A 14 11.94 50.57 -29.68
C ASN A 14 11.70 50.57 -31.18
N ALA A 15 11.92 49.44 -31.86
CA ALA A 15 11.62 49.36 -33.29
C ALA A 15 10.19 48.86 -33.51
N LEU A 16 9.47 48.56 -32.44
CA LEU A 16 8.13 47.97 -32.62
C LEU A 16 7.05 48.96 -32.22
N PHE A 17 7.39 50.25 -32.12
CA PHE A 17 6.39 51.25 -31.84
C PHE A 17 6.61 52.45 -32.75
N ILE A 18 5.55 53.13 -33.18
CA ILE A 18 5.69 54.33 -34.05
C ILE A 18 6.56 55.35 -33.31
N GLY A 19 6.40 55.44 -32.00
CA GLY A 19 7.19 56.36 -31.20
C GLY A 19 6.40 57.42 -30.45
N ASP A 20 6.94 57.86 -29.32
CA ASP A 20 6.33 58.94 -28.51
C ASP A 20 6.48 60.26 -29.27
N LYS A 21 7.43 60.33 -30.18
CA LYS A 21 7.66 61.54 -30.99
C LYS A 21 7.73 61.11 -32.46
N ALA A 22 7.01 60.06 -32.84
CA ALA A 22 6.95 59.54 -34.23
C ALA A 22 8.35 59.26 -34.77
N GLU A 23 9.23 58.73 -33.93
CA GLU A 23 10.64 58.48 -34.31
C GLU A 23 10.70 57.40 -35.38
N ASN A 24 9.75 56.48 -35.36
CA ASN A 24 9.72 55.36 -36.33
C ASN A 24 8.52 55.55 -37.25
N GLY A 25 8.26 56.79 -37.65
CA GLY A 25 7.11 57.11 -38.51
C GLY A 25 7.34 56.75 -39.95
N GLN A 26 8.55 56.95 -40.46
CA GLN A 26 8.88 56.54 -41.84
C GLN A 26 8.86 55.02 -41.93
N LEU A 27 9.36 54.33 -40.92
CA LEU A 27 9.29 52.85 -40.89
C LEU A 27 7.84 52.43 -41.01
N TYR A 28 6.96 52.98 -40.18
CA TYR A 28 5.52 52.67 -40.27
C TYR A 28 4.98 52.97 -41.67
N LYS A 29 5.15 54.20 -42.13
CA LYS A 29 4.59 54.61 -43.43
C LYS A 29 5.13 53.75 -44.58
N ASP A 30 6.40 53.39 -44.53
CA ASP A 30 7.03 52.61 -45.62
C ASP A 30 6.52 51.18 -45.58
N LEU A 31 6.44 50.59 -44.40
CA LEU A 31 5.86 49.25 -44.32
C LEU A 31 4.37 49.27 -44.62
N LEU A 32 3.67 50.31 -44.17
CA LEU A 32 2.26 50.45 -44.49
C LEU A 32 2.04 50.46 -46.00
N ILE A 33 2.82 51.28 -46.72
CA ILE A 33 2.66 51.37 -48.16
C ILE A 33 3.12 50.10 -48.85
N ASP A 34 4.19 49.46 -48.36
CA ASP A 34 4.60 48.22 -48.99
C ASP A 34 3.48 47.19 -48.91
N LEU A 35 2.81 47.11 -47.76
CA LEU A 35 1.71 46.16 -47.59
C LEU A 35 0.54 46.50 -48.52
N VAL A 36 0.12 47.75 -48.55
CA VAL A 36 -0.93 48.15 -49.48
C VAL A 36 -0.55 47.75 -50.91
N ASP A 37 0.69 48.02 -51.30
CA ASP A 37 1.09 47.70 -52.67
C ASP A 37 0.97 46.20 -52.94
N GLU A 38 1.30 45.37 -51.94
CA GLU A 38 1.16 43.94 -52.11
C GLU A 38 -0.31 43.54 -52.23
N HIS A 39 -1.20 44.23 -51.52
CA HIS A 39 -2.62 43.95 -51.69
C HIS A 39 -3.10 44.36 -53.06
N LEU A 40 -2.74 45.58 -53.50
CA LEU A 40 -3.18 46.08 -54.79
C LEU A 40 -2.68 45.18 -55.92
N GLY A 41 -1.43 44.72 -55.83
CA GLY A 41 -0.92 43.83 -56.84
C GLY A 41 -1.68 42.52 -56.88
N TRP A 42 -2.11 42.05 -55.70
CA TRP A 42 -2.94 40.86 -55.65
C TRP A 42 -4.29 41.08 -56.33
N ARG A 43 -4.91 42.24 -56.09
CA ARG A 43 -6.18 42.52 -56.77
C ARG A 43 -6.00 42.49 -58.28
N GLN A 44 -4.94 43.14 -58.79
CA GLN A 44 -4.79 43.31 -60.22
C GLN A 44 -4.55 41.98 -60.93
N ASN A 45 -3.99 40.99 -60.25
CA ASN A 45 -3.61 39.78 -60.95
C ASN A 45 -4.54 38.63 -60.68
N TYR A 46 -5.65 38.88 -59.99
CA TYR A 46 -6.82 38.01 -60.10
C TYR A 46 -7.56 38.35 -61.39
N MET A 47 -7.63 37.39 -62.32
CA MET A 47 -8.15 37.59 -63.66
C MET A 47 -7.52 38.83 -64.32
N PRO A 48 -6.21 38.79 -64.58
CA PRO A 48 -5.55 39.94 -65.20
C PRO A 48 -6.10 40.28 -66.58
N GLN A 49 -6.84 39.38 -67.23
CA GLN A 49 -7.44 39.69 -68.52
C GLN A 49 -8.58 40.69 -68.40
N ASP A 50 -9.11 40.90 -67.20
CA ASP A 50 -10.18 41.88 -67.04
C ASP A 50 -9.62 43.31 -67.12
N MET A 51 -10.30 44.15 -67.90
CA MET A 51 -9.88 45.54 -67.93
C MET A 51 -10.51 46.30 -66.77
N PRO A 52 -9.86 47.37 -66.30
CA PRO A 52 -10.45 48.15 -65.19
C PRO A 52 -11.83 48.69 -65.57
N VAL A 53 -12.83 48.47 -64.72
CA VAL A 53 -14.15 48.98 -65.05
C VAL A 53 -14.22 50.48 -64.83
N ILE A 54 -13.35 51.01 -63.98
CA ILE A 54 -13.29 52.48 -63.77
C ILE A 54 -12.33 53.06 -64.80
N SER A 55 -12.87 53.88 -65.69
CA SER A 55 -12.08 54.43 -66.81
C SER A 55 -11.15 55.56 -66.38
N SER A 56 -10.11 55.79 -67.16
CA SER A 56 -9.18 56.91 -66.88
C SER A 56 -9.96 58.21 -66.95
N GLN A 57 -10.88 58.29 -67.90
CA GLN A 57 -11.68 59.50 -68.11
C GLN A 57 -12.60 59.76 -66.93
N GLU A 58 -13.07 58.70 -66.27
CA GLU A 58 -13.99 58.83 -65.11
C GLU A 58 -13.22 59.37 -63.92
N ARG A 59 -11.94 59.07 -63.83
CA ARG A 59 -11.12 59.49 -62.69
C ARG A 59 -10.58 60.91 -62.91
N THR A 60 -10.84 61.50 -64.07
CA THR A 60 -10.43 62.89 -64.37
C THR A 60 -11.70 63.75 -64.50
N SER A 61 -12.85 63.12 -64.30
CA SER A 61 -14.16 63.81 -64.40
C SER A 61 -14.39 64.71 -63.20
N LYS A 62 -15.32 65.66 -63.33
CA LYS A 62 -15.63 66.61 -62.24
C LYS A 62 -16.51 65.90 -61.21
N SER A 63 -17.29 64.90 -61.64
CA SER A 63 -18.10 64.09 -60.71
C SER A 63 -17.17 63.43 -59.70
N TYR A 64 -16.06 62.90 -60.18
CA TYR A 64 -15.07 62.21 -59.32
C TYR A 64 -14.42 63.21 -58.36
N GLU A 65 -13.98 64.36 -58.86
CA GLU A 65 -13.26 65.37 -58.05
C GLU A 65 -14.16 65.91 -56.96
N LYS A 66 -15.42 66.15 -57.26
CA LYS A 66 -16.37 66.70 -56.27
C LYS A 66 -16.61 65.67 -55.17
N THR A 67 -16.64 64.39 -55.53
CA THR A 67 -16.84 63.31 -54.55
C THR A 67 -15.57 63.13 -53.74
N VAL A 68 -14.41 63.13 -54.40
CA VAL A 68 -13.10 63.03 -53.71
C VAL A 68 -12.89 64.25 -52.79
N ASN A 69 -13.37 65.42 -53.19
CA ASN A 69 -13.24 66.64 -52.35
C ASN A 69 -14.21 66.58 -51.18
N HIS A 70 -15.41 66.07 -51.40
CA HIS A 70 -16.35 65.90 -50.27
C HIS A 70 -15.73 64.88 -49.33
N MET A 71 -15.15 63.83 -49.88
CA MET A 71 -14.45 62.89 -49.00
C MET A 71 -13.35 63.55 -48.20
N LYS A 72 -12.57 64.44 -48.84
CA LYS A 72 -11.50 65.13 -48.11
C LYS A 72 -12.08 66.02 -47.02
N ASP A 73 -13.22 66.66 -47.29
CA ASP A 73 -13.86 67.48 -46.27
C ASP A 73 -14.25 66.64 -45.07
N VAL A 74 -14.82 65.46 -45.33
CA VAL A 74 -15.20 64.63 -44.20
C VAL A 74 -13.96 64.17 -43.44
N LEU A 75 -12.92 63.73 -44.15
CA LEU A 75 -11.70 63.28 -43.46
C LEU A 75 -11.10 64.42 -42.67
N ASN A 76 -11.17 65.65 -43.20
CA ASN A 76 -10.66 66.79 -42.48
C ASN A 76 -11.47 67.07 -41.22
N GLU A 77 -12.79 66.84 -41.28
CA GLU A 77 -13.60 66.99 -40.08
C GLU A 77 -13.22 65.95 -39.04
N ILE A 78 -13.08 64.69 -39.46
CA ILE A 78 -12.62 63.67 -38.53
C ILE A 78 -11.27 64.05 -37.94
N SER A 79 -10.34 64.49 -38.81
CA SER A 79 -9.00 64.84 -38.33
C SER A 79 -9.02 65.97 -37.31
N SER A 80 -9.79 67.01 -37.59
CA SER A 80 -9.89 68.12 -36.64
C SER A 80 -10.41 67.65 -35.29
N ARG A 81 -11.48 66.84 -35.28
CA ARG A 81 -12.06 66.37 -34.02
C ARG A 81 -11.11 65.44 -33.27
N MET A 82 -10.49 64.46 -33.98
CA MET A 82 -9.52 63.55 -33.37
C MET A 82 -8.38 64.33 -32.71
N ARG A 83 -7.87 65.34 -33.39
CA ARG A 83 -6.70 66.06 -32.95
C ARG A 83 -7.02 67.11 -31.90
N THR A 84 -8.28 67.31 -31.58
CA THR A 84 -8.66 68.22 -30.52
C THR A 84 -8.83 67.50 -29.19
N HIS A 85 -9.47 66.31 -29.19
CA HIS A 85 -9.93 65.68 -27.96
C HIS A 85 -9.23 64.37 -27.60
N SER A 86 -8.47 63.77 -28.51
CA SER A 86 -7.92 62.47 -28.20
C SER A 86 -6.82 62.61 -27.14
N VAL A 87 -6.59 61.52 -26.41
CA VAL A 87 -5.70 61.53 -25.26
C VAL A 87 -4.26 61.18 -25.67
N PRO A 88 -3.27 61.97 -25.26
CA PRO A 88 -1.89 61.78 -25.71
C PRO A 88 -1.07 60.76 -24.88
N TRP A 89 -1.62 59.56 -24.70
CA TRP A 89 -0.93 58.48 -23.97
C TRP A 89 0.22 57.84 -24.75
N HIS A 90 0.52 58.31 -25.95
CA HIS A 90 1.70 57.85 -26.68
C HIS A 90 2.99 58.41 -26.06
N THR A 91 2.89 59.47 -25.25
CA THR A 91 4.05 60.11 -24.65
C THR A 91 4.78 59.15 -23.73
N ALA A 92 6.11 59.31 -23.67
CA ALA A 92 6.95 58.32 -23.02
C ALA A 92 6.80 58.34 -21.51
N GLY A 93 6.64 59.52 -20.88
CA GLY A 93 6.60 59.61 -19.43
C GLY A 93 5.78 60.74 -18.81
N ARG A 94 4.68 61.12 -19.45
CA ARG A 94 3.78 62.13 -18.93
C ARG A 94 2.37 61.58 -18.73
N TYR A 95 2.07 60.40 -19.26
CA TYR A 95 0.75 59.81 -19.14
C TYR A 95 0.83 58.70 -18.10
N TRP A 96 0.15 58.91 -16.97
CA TRP A 96 0.18 57.99 -15.85
C TRP A 96 -1.27 57.69 -15.43
N GLY A 97 -2.01 57.04 -16.31
CA GLY A 97 -3.43 56.81 -16.07
C GLY A 97 -3.96 55.45 -16.48
N HIS A 98 -4.88 55.46 -17.44
CA HIS A 98 -5.64 54.28 -17.81
C HIS A 98 -4.78 53.27 -18.56
N MET A 99 -5.37 52.09 -18.77
CA MET A 99 -4.70 50.98 -19.42
C MET A 99 -4.47 51.23 -20.91
N ASN A 100 -3.62 52.21 -21.24
CA ASN A 100 -3.55 52.75 -22.60
C ASN A 100 -2.17 53.34 -22.81
N SER A 101 -1.48 52.83 -23.81
CA SER A 101 -0.24 53.45 -24.27
C SER A 101 -0.23 53.38 -25.80
N GLU A 102 0.96 53.24 -26.33
CA GLU A 102 1.12 52.97 -27.73
C GLU A 102 0.75 51.50 -28.00
N THR A 103 0.40 51.17 -29.24
CA THR A 103 0.20 49.77 -29.62
C THR A 103 1.31 49.29 -30.54
N LEU A 104 1.47 47.97 -30.62
CA LEU A 104 2.56 47.38 -31.38
C LEU A 104 2.41 47.65 -32.88
N MET A 105 3.45 48.22 -33.47
CA MET A 105 3.43 48.54 -34.90
C MET A 105 3.11 47.34 -35.77
N PRO A 106 3.69 46.15 -35.54
CA PRO A 106 3.30 45.01 -36.38
C PRO A 106 1.81 44.70 -36.33
N SER A 107 1.14 44.92 -35.18
CA SER A 107 -0.32 44.73 -35.14
C SER A 107 -1.02 45.78 -35.99
N LEU A 108 -0.65 47.05 -35.80
CA LEU A 108 -1.21 48.14 -36.61
C LEU A 108 -1.05 47.83 -38.10
N LEU A 109 0.14 47.42 -38.52
CA LEU A 109 0.38 47.19 -39.94
C LEU A 109 -0.46 46.03 -40.44
N ALA A 110 -0.45 44.92 -39.69
CA ALA A 110 -1.21 43.74 -40.11
C ALA A 110 -2.71 44.02 -40.15
N TYR A 111 -3.22 44.82 -39.22
CA TYR A 111 -4.65 45.09 -39.23
C TYR A 111 -5.04 45.85 -40.49
N ASN A 112 -4.35 46.96 -40.80
CA ASN A 112 -4.70 47.68 -42.03
C ASN A 112 -4.51 46.80 -43.27
N PHE A 113 -3.47 45.97 -43.28
CA PHE A 113 -3.26 45.04 -44.39
C PHE A 113 -4.46 44.09 -44.53
N ALA A 114 -4.85 43.41 -43.45
CA ALA A 114 -5.91 42.42 -43.56
C ALA A 114 -7.26 43.06 -43.87
N MET A 115 -7.51 44.23 -43.30
CA MET A 115 -8.79 44.92 -43.52
C MET A 115 -9.04 45.17 -45.02
N LEU A 116 -7.99 45.27 -45.84
CA LEU A 116 -8.20 45.45 -47.27
C LEU A 116 -8.83 44.23 -47.90
N TRP A 117 -8.62 43.06 -47.32
CA TRP A 117 -9.32 41.86 -47.76
C TRP A 117 -10.67 41.71 -47.09
N ASN A 118 -10.83 42.27 -45.88
CA ASN A 118 -12.10 42.30 -45.16
C ASN A 118 -12.70 40.92 -44.95
N GLY A 119 -11.84 39.96 -44.60
CA GLY A 119 -12.32 38.63 -44.32
C GLY A 119 -13.15 38.59 -43.05
N ASN A 120 -14.15 37.72 -43.05
CA ASN A 120 -15.00 37.49 -41.89
C ASN A 120 -14.59 36.17 -41.26
N ASN A 121 -14.21 36.20 -39.99
CA ASN A 121 -13.73 34.96 -39.40
C ASN A 121 -14.81 34.05 -38.87
N VAL A 122 -16.09 34.45 -38.94
CA VAL A 122 -17.19 33.62 -38.43
C VAL A 122 -17.34 32.34 -39.25
N ALA A 123 -16.74 32.28 -40.44
CA ALA A 123 -16.82 31.10 -41.28
C ALA A 123 -15.54 30.95 -42.08
N TYR A 124 -14.94 29.75 -42.03
CA TYR A 124 -13.67 29.50 -42.68
C TYR A 124 -13.66 29.90 -44.14
N GLU A 125 -14.77 29.71 -44.84
CA GLU A 125 -14.85 30.02 -46.29
C GLU A 125 -14.58 31.50 -46.58
N SER A 126 -15.02 32.41 -45.72
CA SER A 126 -14.85 33.86 -46.00
C SER A 126 -13.39 34.25 -46.06
N SER A 127 -12.60 33.85 -45.06
CA SER A 127 -11.15 34.11 -45.13
C SER A 127 -10.38 32.92 -44.56
N PRO A 128 -9.98 31.96 -45.41
CA PRO A 128 -9.21 30.82 -44.94
C PRO A 128 -7.94 31.10 -44.13
N ALA A 129 -7.23 32.18 -44.41
CA ALA A 129 -5.93 32.43 -43.78
C ALA A 129 -6.07 33.15 -42.45
N THR A 130 -7.03 34.04 -42.34
CA THR A 130 -7.29 34.74 -41.06
C THR A 130 -7.95 33.76 -40.09
N SER A 131 -8.63 32.73 -40.61
CA SER A 131 -9.28 31.71 -39.76
C SER A 131 -8.22 30.71 -39.28
N GLN A 132 -7.22 30.42 -40.10
CA GLN A 132 -6.09 29.58 -39.64
C GLN A 132 -5.33 30.38 -38.61
N MET A 133 -5.20 31.68 -38.83
CA MET A 133 -4.43 32.51 -37.89
C MET A 133 -5.13 32.53 -36.54
N GLU A 134 -6.46 32.64 -36.52
CA GLU A 134 -7.19 32.68 -35.24
C GLU A 134 -7.10 31.35 -34.51
N GLU A 135 -7.18 30.24 -35.25
CA GLU A 135 -6.97 28.93 -34.64
C GLU A 135 -5.58 28.86 -33.98
N GLU A 136 -4.56 29.32 -34.68
CA GLU A 136 -3.22 29.30 -34.11
C GLU A 136 -3.13 30.22 -32.91
N VAL A 137 -3.85 31.35 -32.96
CA VAL A 137 -3.88 32.28 -31.83
C VAL A 137 -4.48 31.60 -30.61
N GLY A 138 -5.55 30.82 -30.80
CA GLY A 138 -6.17 30.11 -29.69
C GLY A 138 -5.21 29.10 -29.06
N HIS A 139 -4.51 28.33 -29.90
CA HIS A 139 -3.49 27.43 -29.38
C HIS A 139 -2.37 28.22 -28.70
N GLU A 140 -2.08 29.43 -29.18
CA GLU A 140 -1.05 30.23 -28.52
C GLU A 140 -1.54 30.75 -27.18
N PHE A 141 -2.83 31.08 -27.08
CA PHE A 141 -3.44 31.41 -25.80
C PHE A 141 -3.32 30.23 -24.83
N ALA A 142 -3.64 29.02 -25.31
CA ALA A 142 -3.63 27.84 -24.44
C ALA A 142 -2.21 27.53 -23.97
N HIS A 143 -1.22 27.65 -24.86
CA HIS A 143 0.16 27.43 -24.44
C HIS A 143 0.65 28.54 -23.52
N LEU A 144 0.15 29.76 -23.67
CA LEU A 144 0.49 30.82 -22.72
C LEU A 144 -0.04 30.50 -21.33
N MET A 145 -1.13 29.75 -21.26
CA MET A 145 -1.76 29.38 -20.01
C MET A 145 -1.26 28.03 -19.50
N SER A 146 -0.28 27.43 -20.20
CA SER A 146 0.28 26.10 -19.87
C SER A 146 -0.75 24.98 -19.88
N TYR A 147 -1.83 25.17 -20.63
CA TYR A 147 -2.79 24.10 -20.89
C TYR A 147 -2.18 23.07 -21.83
N LYS A 148 -2.40 21.78 -21.57
CA LYS A 148 -1.83 20.77 -22.46
C LYS A 148 -2.76 20.35 -23.59
N ASN A 149 -4.09 20.41 -23.41
CA ASN A 149 -5.01 20.21 -24.53
C ASN A 149 -6.12 21.26 -24.51
N GLY A 150 -5.72 22.54 -24.49
CA GLY A 150 -6.65 23.63 -24.40
C GLY A 150 -6.98 24.21 -25.76
N TRP A 151 -7.62 25.37 -25.72
CA TRP A 151 -8.09 26.03 -26.92
C TRP A 151 -8.41 27.46 -26.54
N GLY A 152 -8.74 28.25 -27.56
CA GLY A 152 -9.10 29.64 -27.33
C GLY A 152 -9.49 30.28 -28.64
N HIS A 153 -9.99 31.50 -28.54
CA HIS A 153 -10.32 32.27 -29.73
C HIS A 153 -10.38 33.73 -29.32
N ILE A 154 -10.41 34.60 -30.31
CA ILE A 154 -10.46 36.03 -30.04
C ILE A 154 -11.91 36.38 -29.79
N VAL A 155 -12.15 37.17 -28.74
CA VAL A 155 -13.49 37.63 -28.40
C VAL A 155 -13.51 39.13 -28.65
N ALA A 156 -14.71 39.66 -28.96
CA ALA A 156 -14.82 41.07 -29.28
C ALA A 156 -14.22 41.93 -28.18
N ASP A 157 -14.43 41.56 -26.92
CA ASP A 157 -13.75 42.24 -25.82
C ASP A 157 -13.78 41.34 -24.59
N GLY A 158 -13.20 41.85 -23.49
CA GLY A 158 -13.08 41.08 -22.28
C GLY A 158 -14.40 40.90 -21.57
N SER A 159 -15.27 41.92 -21.63
CA SER A 159 -16.61 41.79 -21.06
C SER A 159 -17.35 40.61 -21.68
N LEU A 160 -17.29 40.49 -23.01
CA LEU A 160 -17.95 39.39 -23.68
C LEU A 160 -17.20 38.09 -23.45
N ALA A 161 -15.89 38.15 -23.25
CA ALA A 161 -15.19 36.91 -22.94
C ALA A 161 -15.57 36.40 -21.55
N ASN A 162 -15.82 37.32 -20.59
CA ASN A 162 -16.32 36.93 -19.29
C ASN A 162 -17.70 36.32 -19.41
N LEU A 163 -18.58 36.95 -20.21
CA LEU A 163 -19.91 36.38 -20.41
C LEU A 163 -19.81 34.98 -21.00
N GLU A 164 -18.83 34.75 -21.90
CA GLU A 164 -18.68 33.43 -22.47
C GLU A 164 -18.21 32.41 -21.43
N GLY A 165 -17.37 32.82 -20.49
CA GLY A 165 -16.96 31.90 -19.45
C GLY A 165 -18.13 31.49 -18.59
N LEU A 166 -18.99 32.45 -18.27
CA LEU A 166 -20.18 32.13 -17.51
C LEU A 166 -21.15 31.29 -18.33
N TRP A 167 -21.20 31.50 -19.65
CA TRP A 167 -21.96 30.58 -20.50
C TRP A 167 -21.42 29.16 -20.37
N TYR A 168 -20.10 29.02 -20.33
CA TYR A 168 -19.49 27.69 -20.18
C TYR A 168 -19.86 27.08 -18.83
N ALA A 169 -19.55 27.78 -17.75
CA ALA A 169 -19.80 27.25 -16.43
C ALA A 169 -21.27 26.92 -16.23
N ARG A 170 -22.15 27.83 -16.66
CA ARG A 170 -23.58 27.64 -16.49
C ARG A 170 -24.05 26.39 -17.22
N ASN A 171 -23.61 26.19 -18.45
CA ASN A 171 -24.05 25.00 -19.16
C ASN A 171 -23.43 23.74 -18.55
N ILE A 172 -22.16 23.83 -18.15
CA ILE A 172 -21.46 22.67 -17.61
C ILE A 172 -22.10 22.22 -16.29
N LYS A 173 -22.42 23.18 -15.42
CA LYS A 173 -22.99 22.81 -14.14
C LYS A 173 -24.34 22.12 -14.31
N SER A 174 -25.05 22.44 -15.38
CA SER A 174 -26.35 21.84 -15.67
C SER A 174 -26.22 20.47 -16.33
N LEU A 175 -25.04 20.08 -16.76
CA LEU A 175 -24.93 18.82 -17.50
C LEU A 175 -25.23 17.59 -16.63
N PRO A 176 -24.73 17.49 -15.38
CA PRO A 176 -25.12 16.33 -14.55
C PRO A 176 -26.62 16.08 -14.45
N PHE A 177 -27.43 17.11 -14.14
CA PHE A 177 -28.89 16.95 -14.14
C PHE A 177 -29.40 16.42 -15.48
N ALA A 178 -28.90 16.98 -16.58
CA ALA A 178 -29.36 16.58 -17.91
C ALA A 178 -28.88 15.20 -18.32
N MET A 179 -27.79 14.71 -17.75
CA MET A 179 -27.44 13.33 -18.01
C MET A 179 -28.38 12.38 -17.29
N LYS A 180 -28.97 12.83 -16.18
CA LYS A 180 -29.91 11.99 -15.46
C LYS A 180 -31.22 11.84 -16.20
N GLU A 181 -31.58 12.85 -17.01
CA GLU A 181 -32.83 12.85 -17.76
C GLU A 181 -32.75 12.22 -19.14
N VAL A 182 -31.53 11.99 -19.67
CA VAL A 182 -31.37 11.50 -21.04
C VAL A 182 -30.65 10.16 -21.09
N LYS A 183 -29.70 9.94 -20.20
CA LYS A 183 -28.91 8.72 -20.18
C LYS A 183 -28.42 8.53 -18.75
N PRO A 184 -29.33 8.22 -17.82
CA PRO A 184 -28.96 8.22 -16.40
C PRO A 184 -27.95 7.19 -16.00
N GLU A 185 -27.63 6.29 -16.91
CA GLU A 185 -26.57 5.28 -16.64
C GLU A 185 -25.27 6.00 -16.31
N LEU A 186 -24.98 7.14 -16.94
CA LEU A 186 -23.69 7.84 -16.74
C LEU A 186 -23.57 8.37 -15.32
N VAL A 187 -24.68 8.80 -14.73
CA VAL A 187 -24.61 9.44 -13.39
C VAL A 187 -25.35 8.56 -12.39
N ALA A 188 -25.21 7.25 -12.54
CA ALA A 188 -25.94 6.29 -11.67
C ALA A 188 -25.42 6.31 -10.25
N GLY A 189 -26.34 6.24 -9.29
CA GLY A 189 -25.94 6.18 -7.88
C GLY A 189 -25.45 7.50 -7.36
N LYS A 190 -25.78 8.58 -8.06
CA LYS A 190 -25.23 9.90 -7.65
C LYS A 190 -26.36 10.76 -7.11
N SER A 191 -26.16 11.30 -5.92
CA SER A 191 -27.18 12.16 -5.28
C SER A 191 -27.29 13.47 -6.05
N ASP A 192 -28.34 14.22 -5.79
CA ASP A 192 -28.52 15.51 -6.48
C ASP A 192 -27.36 16.43 -6.09
N TRP A 193 -26.95 16.40 -4.83
CA TRP A 193 -25.80 17.24 -4.38
C TRP A 193 -24.52 16.75 -5.03
N GLU A 194 -24.39 15.44 -5.19
CA GLU A 194 -23.20 14.89 -5.86
C GLU A 194 -23.20 15.37 -7.30
N LEU A 195 -24.40 15.43 -7.92
CA LEU A 195 -24.47 15.87 -9.31
C LEU A 195 -24.06 17.33 -9.46
N LEU A 196 -24.51 18.17 -8.54
CA LEU A 196 -24.17 19.58 -8.51
C LEU A 196 -22.76 19.83 -7.95
N ASN A 197 -21.91 18.79 -7.87
CA ASN A 197 -20.54 18.96 -7.42
C ASN A 197 -19.58 18.02 -8.16
N MET A 198 -20.00 17.58 -9.33
CA MET A 198 -19.13 16.74 -10.17
C MET A 198 -18.03 17.62 -10.76
N PRO A 199 -16.75 17.18 -10.73
CA PRO A 199 -15.68 17.94 -11.35
C PRO A 199 -15.89 18.12 -12.85
N THR A 200 -15.38 19.20 -13.41
CA THR A 200 -15.60 19.51 -14.84
C THR A 200 -15.02 18.42 -15.73
N LYS A 201 -13.82 17.95 -15.41
CA LYS A 201 -13.18 16.85 -16.18
C LYS A 201 -14.12 15.63 -16.23
N GLU A 202 -14.72 15.26 -15.10
CA GLU A 202 -15.62 14.09 -15.05
C GLU A 202 -16.85 14.35 -15.92
N ILE A 203 -17.45 15.54 -15.81
CA ILE A 203 -18.65 15.90 -16.62
C ILE A 203 -18.25 15.79 -18.10
N MET A 204 -17.05 16.22 -18.43
CA MET A 204 -16.61 16.25 -19.84
C MET A 204 -16.24 14.85 -20.32
N ASP A 205 -15.67 14.03 -19.45
CA ASP A 205 -15.30 12.65 -19.80
C ASP A 205 -16.58 11.84 -19.97
N LEU A 206 -17.61 12.14 -19.19
CA LEU A 206 -18.90 11.44 -19.31
C LEU A 206 -19.66 11.96 -20.53
N LEU A 207 -19.60 13.26 -20.80
CA LEU A 207 -20.29 13.77 -21.99
C LEU A 207 -19.67 13.19 -23.26
N GLU A 208 -18.33 13.17 -23.33
CA GLU A 208 -17.69 12.62 -24.52
C GLU A 208 -17.85 11.11 -24.62
N SER A 209 -18.06 10.42 -23.51
CA SER A 209 -18.29 8.99 -23.57
C SER A 209 -19.63 8.65 -24.25
N ALA A 210 -20.66 9.45 -23.97
CA ALA A 210 -22.02 9.20 -24.48
C ALA A 210 -22.20 9.80 -25.86
N GLU A 211 -21.58 9.15 -26.85
CA GLU A 211 -21.42 9.78 -28.17
C GLU A 211 -22.75 10.16 -28.80
N ASP A 212 -23.64 9.20 -28.99
CA ASP A 212 -24.84 9.50 -29.79
C ASP A 212 -25.87 10.33 -29.06
N GLU A 213 -25.73 10.54 -27.76
CA GLU A 213 -26.73 11.26 -27.02
C GLU A 213 -26.31 12.66 -26.63
N ILE A 214 -25.14 13.12 -27.09
CA ILE A 214 -24.64 14.42 -26.64
C ILE A 214 -25.65 15.51 -27.00
N ASP A 215 -26.21 15.44 -28.21
CA ASP A 215 -27.16 16.47 -28.63
C ASP A 215 -28.39 16.48 -27.73
N GLU A 216 -28.89 15.31 -27.34
CA GLU A 216 -30.04 15.25 -26.46
C GLU A 216 -29.70 15.71 -25.05
N ILE A 217 -28.52 15.32 -24.55
CA ILE A 217 -28.10 15.83 -23.24
C ILE A 217 -28.01 17.36 -23.27
N LYS A 218 -27.39 17.90 -24.31
CA LYS A 218 -27.29 19.36 -24.40
C LYS A 218 -28.67 20.01 -24.50
N ALA A 219 -29.62 19.34 -25.17
CA ALA A 219 -30.96 19.91 -25.29
C ALA A 219 -31.65 20.01 -23.94
N HIS A 220 -31.23 19.23 -22.95
CA HIS A 220 -31.76 19.32 -21.61
C HIS A 220 -30.87 20.14 -20.68
N SER A 221 -29.77 20.68 -21.18
CA SER A 221 -28.87 21.45 -20.32
C SER A 221 -29.44 22.84 -20.13
N ALA A 222 -28.64 23.74 -19.54
CA ALA A 222 -29.12 25.10 -19.33
C ALA A 222 -29.49 25.80 -20.64
N ARG A 223 -29.11 25.23 -21.79
CA ARG A 223 -29.54 25.78 -23.08
C ARG A 223 -31.05 25.78 -23.23
N SER A 224 -31.73 24.84 -22.56
CA SER A 224 -33.17 24.75 -22.63
C SER A 224 -33.87 25.86 -21.87
N GLY A 225 -33.16 26.47 -20.93
CA GLY A 225 -33.72 27.49 -20.07
C GLY A 225 -34.06 26.99 -18.69
N LYS A 226 -33.86 25.70 -18.43
CA LYS A 226 -34.32 25.08 -17.21
C LYS A 226 -33.14 24.83 -16.26
N HIS A 227 -33.42 24.96 -14.96
CA HIS A 227 -32.54 24.70 -13.83
C HIS A 227 -31.49 25.79 -13.66
N LEU A 228 -31.82 27.02 -14.07
CA LEU A 228 -30.83 28.10 -14.00
C LEU A 228 -30.61 28.58 -12.58
N GLN A 229 -31.61 28.44 -11.72
CA GLN A 229 -31.42 28.75 -10.31
C GLN A 229 -30.91 27.55 -9.53
N ALA A 230 -31.02 26.35 -10.09
CA ALA A 230 -30.58 25.15 -9.42
C ALA A 230 -29.06 24.98 -9.45
N ILE A 231 -28.37 25.65 -10.38
CA ILE A 231 -26.94 25.37 -10.57
C ILE A 231 -26.02 26.13 -9.64
N GLY A 232 -26.49 27.15 -8.95
CA GLY A 232 -25.76 27.66 -7.81
C GLY A 232 -25.36 29.12 -7.94
N LYS A 233 -24.51 29.54 -7.01
CA LYS A 233 -24.11 30.93 -6.87
C LYS A 233 -22.79 31.17 -7.58
N TRP A 234 -22.67 32.38 -8.14
CA TRP A 234 -21.48 32.83 -8.85
C TRP A 234 -20.69 33.73 -7.90
N LEU A 235 -19.49 33.28 -7.53
CA LEU A 235 -18.69 33.94 -6.51
C LEU A 235 -17.58 34.74 -7.17
N VAL A 236 -17.51 36.02 -6.85
CA VAL A 236 -16.59 36.98 -7.45
C VAL A 236 -16.00 37.87 -6.37
N PRO A 237 -14.84 38.45 -6.62
CA PRO A 237 -14.30 39.42 -5.66
C PRO A 237 -15.25 40.61 -5.49
N GLN A 238 -15.22 41.21 -4.31
CA GLN A 238 -16.15 42.31 -4.07
C GLN A 238 -15.84 43.52 -4.94
N THR A 239 -14.61 43.60 -5.47
CA THR A 239 -14.18 44.68 -6.36
C THR A 239 -14.21 44.26 -7.82
N LYS A 240 -15.06 43.30 -8.17
CA LYS A 240 -15.19 42.72 -9.51
C LYS A 240 -15.37 43.80 -10.56
N HIS A 241 -15.01 43.49 -11.79
CA HIS A 241 -15.33 44.38 -12.89
C HIS A 241 -16.82 44.32 -13.19
N TYR A 242 -17.43 45.48 -13.46
CA TYR A 242 -18.88 45.54 -13.61
C TYR A 242 -19.41 44.68 -14.73
N SER A 243 -18.57 44.21 -15.66
CA SER A 243 -19.01 43.24 -16.66
C SER A 243 -19.52 41.95 -16.02
N TRP A 244 -19.11 41.69 -14.77
CA TRP A 244 -19.53 40.45 -14.11
C TRP A 244 -20.99 40.52 -13.69
N LEU A 245 -21.42 41.67 -13.16
CA LEU A 245 -22.84 41.86 -12.93
C LEU A 245 -23.61 41.69 -14.25
N LYS A 246 -23.15 42.38 -15.30
CA LYS A 246 -23.82 42.26 -16.59
C LYS A 246 -23.82 40.81 -17.08
N ALA A 247 -22.75 40.06 -16.80
CA ALA A 247 -22.70 38.68 -17.27
C ALA A 247 -23.79 37.82 -16.61
N ALA A 248 -23.95 37.93 -15.29
CA ALA A 248 -24.98 37.16 -14.58
C ALA A 248 -26.37 37.54 -15.05
N ASP A 249 -26.64 38.84 -15.11
CA ASP A 249 -27.85 39.39 -15.71
C ASP A 249 -28.13 38.72 -17.06
N ILE A 250 -27.19 38.83 -18.00
CA ILE A 250 -27.46 38.40 -19.37
C ILE A 250 -27.62 36.88 -19.43
N ILE A 251 -26.73 36.14 -18.76
CA ILE A 251 -26.68 34.70 -18.93
C ILE A 251 -27.87 33.96 -18.31
N GLY A 252 -28.65 34.62 -17.45
CA GLY A 252 -29.89 34.05 -16.95
C GLY A 252 -29.87 33.61 -15.49
N ILE A 253 -28.70 33.47 -14.86
CA ILE A 253 -28.71 33.12 -13.45
C ILE A 253 -29.18 34.31 -12.62
N GLY A 254 -28.94 35.53 -13.09
CA GLY A 254 -29.50 36.73 -12.50
C GLY A 254 -28.57 37.42 -11.52
N LEU A 255 -28.80 38.73 -11.34
CA LEU A 255 -28.01 39.52 -10.40
C LEU A 255 -28.09 38.99 -8.99
N ASP A 256 -29.19 38.31 -8.64
CA ASP A 256 -29.36 37.82 -7.28
C ASP A 256 -28.51 36.60 -6.97
N GLN A 257 -27.99 35.92 -8.00
CA GLN A 257 -27.16 34.74 -7.80
C GLN A 257 -25.69 35.06 -7.72
N VAL A 258 -25.33 36.31 -7.46
CA VAL A 258 -23.94 36.76 -7.41
C VAL A 258 -23.61 37.07 -5.98
N ILE A 259 -22.57 36.44 -5.46
CA ILE A 259 -22.10 36.63 -4.10
C ILE A 259 -20.72 37.27 -4.17
N PRO A 260 -20.54 38.48 -3.62
CA PRO A 260 -19.22 39.09 -3.55
C PRO A 260 -18.39 38.53 -2.39
N VAL A 261 -17.14 38.23 -2.66
CA VAL A 261 -16.20 37.74 -1.65
C VAL A 261 -15.32 38.90 -1.20
N PRO A 262 -15.19 39.14 0.10
CA PRO A 262 -14.38 40.29 0.56
C PRO A 262 -12.92 40.15 0.14
N VAL A 263 -12.25 41.29 0.02
CA VAL A 263 -10.85 41.34 -0.38
C VAL A 263 -9.99 41.74 0.81
N ASP A 264 -8.69 41.45 0.70
CA ASP A 264 -7.65 41.71 1.70
C ASP A 264 -7.40 43.20 1.84
N HIS A 265 -6.44 43.55 2.69
CA HIS A 265 -5.89 44.89 2.67
C HIS A 265 -4.94 45.12 1.48
N ASN A 266 -4.62 44.06 0.74
CA ASN A 266 -3.98 44.17 -0.57
C ASN A 266 -4.97 44.09 -1.71
N TYR A 267 -6.27 44.18 -1.40
CA TYR A 267 -7.34 44.19 -2.40
C TYR A 267 -7.34 42.90 -3.22
N ARG A 268 -6.84 41.82 -2.65
CA ARG A 268 -6.99 40.48 -3.22
C ARG A 268 -8.09 39.72 -2.50
N MET A 269 -8.79 38.88 -3.25
CA MET A 269 -9.85 38.08 -2.66
C MET A 269 -9.33 37.39 -1.39
N ASP A 270 -10.10 37.50 -0.30
CA ASP A 270 -9.74 36.91 0.98
C ASP A 270 -10.08 35.41 0.95
N ILE A 271 -9.05 34.56 0.91
CA ILE A 271 -9.31 33.13 0.79
C ILE A 271 -9.95 32.56 2.05
N ASN A 272 -9.75 33.19 3.20
CA ASN A 272 -10.50 32.83 4.39
C ASN A 272 -11.97 33.13 4.20
N GLU A 273 -12.27 34.32 3.66
CA GLU A 273 -13.67 34.63 3.41
C GLU A 273 -14.26 33.74 2.34
N LEU A 274 -13.45 33.34 1.36
CA LEU A 274 -13.94 32.46 0.32
C LEU A 274 -14.32 31.10 0.89
N GLU A 275 -13.48 30.57 1.79
CA GLU A 275 -13.76 29.28 2.40
C GLU A 275 -15.03 29.33 3.23
N LYS A 276 -15.22 30.40 3.99
CA LYS A 276 -16.41 30.53 4.83
C LYS A 276 -17.67 30.48 3.98
N ILE A 277 -17.70 31.28 2.91
CA ILE A 277 -18.89 31.36 2.08
C ILE A 277 -19.12 30.04 1.35
N VAL A 278 -18.07 29.43 0.80
CA VAL A 278 -18.27 28.18 0.06
C VAL A 278 -18.72 27.08 1.00
N ARG A 279 -18.06 26.93 2.14
CA ARG A 279 -18.45 25.86 3.04
C ARG A 279 -19.85 26.09 3.62
N GLY A 280 -20.16 27.32 4.00
CA GLY A 280 -21.50 27.63 4.46
C GLY A 280 -22.55 27.32 3.43
N LEU A 281 -22.31 27.71 2.16
CA LEU A 281 -23.25 27.38 1.09
C LEU A 281 -23.43 25.88 0.95
N ALA A 282 -22.39 25.10 1.23
CA ALA A 282 -22.51 23.66 1.12
C ALA A 282 -23.36 23.10 2.26
N GLU A 283 -23.30 23.73 3.44
CA GLU A 283 -24.18 23.33 4.54
C GLU A 283 -25.64 23.49 4.16
N GLU A 284 -25.97 24.49 3.35
CA GLU A 284 -27.33 24.73 2.92
C GLU A 284 -27.63 23.99 1.63
N GLN A 285 -26.65 23.22 1.17
CA GLN A 285 -26.69 22.48 -0.10
C GLN A 285 -27.09 23.37 -1.27
N ILE A 286 -26.62 24.60 -1.22
CA ILE A 286 -26.67 25.53 -2.34
C ILE A 286 -25.34 25.40 -3.08
N PRO A 287 -25.33 24.99 -4.34
CA PRO A 287 -24.06 24.75 -5.01
C PRO A 287 -23.34 26.05 -5.31
N VAL A 288 -22.05 25.92 -5.62
CA VAL A 288 -21.25 27.04 -6.09
C VAL A 288 -21.13 26.88 -7.60
N LEU A 289 -21.79 27.76 -8.36
CA LEU A 289 -21.66 27.74 -9.81
C LEU A 289 -20.20 27.90 -10.22
N GLY A 290 -19.53 28.91 -9.67
CA GLY A 290 -18.11 29.06 -9.90
C GLY A 290 -17.58 30.22 -9.09
N VAL A 291 -16.25 30.31 -9.09
CA VAL A 291 -15.49 31.37 -8.46
C VAL A 291 -14.65 32.05 -9.55
N VAL A 292 -14.61 33.40 -9.51
CA VAL A 292 -13.80 34.19 -10.43
C VAL A 292 -12.54 34.64 -9.70
N GLY A 293 -11.37 34.27 -10.22
CA GLY A 293 -10.10 34.81 -9.74
C GLY A 293 -9.60 35.89 -10.69
N VAL A 294 -9.31 37.05 -10.13
CA VAL A 294 -8.92 38.24 -10.90
C VAL A 294 -7.41 38.35 -10.86
N VAL A 295 -6.75 38.20 -12.03
CA VAL A 295 -5.31 38.40 -12.18
C VAL A 295 -5.09 39.78 -12.78
N GLY A 296 -4.83 40.77 -11.92
CA GLY A 296 -4.71 42.15 -12.38
C GLY A 296 -6.04 42.87 -12.35
N SER A 297 -6.44 43.33 -11.17
CA SER A 297 -7.74 43.98 -11.02
C SER A 297 -7.74 45.35 -11.68
N THR A 298 -8.94 45.82 -12.03
CA THR A 298 -9.06 47.02 -12.84
C THR A 298 -8.59 48.26 -12.10
N GLU A 299 -8.85 48.35 -10.79
CA GLU A 299 -8.60 49.59 -10.10
C GLU A 299 -7.30 49.62 -9.31
N GLU A 300 -6.65 48.47 -9.11
CA GLU A 300 -5.40 48.50 -8.36
C GLU A 300 -4.32 47.57 -8.89
N GLY A 301 -4.63 46.73 -9.88
CA GLY A 301 -3.64 45.83 -10.43
C GLY A 301 -3.32 44.70 -9.49
N ALA A 302 -4.25 44.35 -8.62
CA ALA A 302 -4.01 43.31 -7.63
C ALA A 302 -4.13 41.96 -8.30
N VAL A 303 -3.41 40.98 -7.76
CA VAL A 303 -3.44 39.61 -8.30
C VAL A 303 -4.01 38.68 -7.22
N ASP A 304 -5.16 38.08 -7.53
CA ASP A 304 -5.76 37.10 -6.64
C ASP A 304 -4.88 35.86 -6.52
N SER A 305 -4.83 35.29 -5.32
CA SER A 305 -4.01 34.11 -5.07
C SER A 305 -4.72 32.92 -5.69
N ILE A 306 -4.54 32.78 -7.00
CA ILE A 306 -5.19 31.70 -7.74
C ILE A 306 -4.71 30.36 -7.24
N ASP A 307 -3.44 30.29 -6.81
CA ASP A 307 -2.90 29.07 -6.21
C ASP A 307 -3.72 28.68 -5.00
N LYS A 308 -3.91 29.63 -4.08
CA LYS A 308 -4.72 29.39 -2.89
C LYS A 308 -6.17 29.05 -3.24
N ILE A 309 -6.70 29.62 -4.33
CA ILE A 309 -8.08 29.33 -4.71
C ILE A 309 -8.20 27.90 -5.20
N ILE A 310 -7.26 27.45 -6.03
CA ILE A 310 -7.35 26.07 -6.52
C ILE A 310 -7.00 25.09 -5.41
N ALA A 311 -6.06 25.45 -4.54
CA ALA A 311 -5.69 24.59 -3.41
C ALA A 311 -6.87 24.37 -2.48
N LEU A 312 -7.65 25.43 -2.24
CA LEU A 312 -8.89 25.29 -1.49
C LEU A 312 -9.85 24.35 -2.20
N ARG A 313 -9.93 24.45 -3.52
CA ARG A 313 -10.83 23.56 -4.25
C ARG A 313 -10.42 22.12 -4.13
N ASP A 314 -9.11 21.84 -4.07
CA ASP A 314 -8.64 20.47 -3.87
C ASP A 314 -9.01 19.94 -2.48
N GLU A 315 -8.97 20.83 -1.48
CA GLU A 315 -9.30 20.48 -0.10
C GLU A 315 -10.81 20.29 0.08
N LEU A 316 -11.64 20.98 -0.70
CA LEU A 316 -13.09 20.85 -0.58
C LEU A 316 -13.65 19.65 -1.34
N MET A 317 -12.93 19.14 -2.34
CA MET A 317 -13.39 17.94 -3.05
C MET A 317 -13.37 16.71 -2.16
N LYS A 318 -12.55 16.73 -1.12
CA LYS A 318 -12.57 15.68 -0.12
C LYS A 318 -13.89 15.70 0.65
N ASP A 319 -14.52 16.88 0.75
CA ASP A 319 -15.82 17.02 1.45
C ASP A 319 -16.95 17.12 0.41
N GLY A 320 -16.70 16.71 -0.82
CA GLY A 320 -17.74 16.69 -1.87
C GLY A 320 -18.18 18.05 -2.37
N ILE A 321 -17.29 19.03 -2.38
CA ILE A 321 -17.60 20.39 -2.88
C ILE A 321 -16.70 20.70 -4.08
N TYR A 322 -17.27 21.00 -5.25
CA TYR A 322 -16.45 21.43 -6.41
C TYR A 322 -16.92 22.79 -6.92
N TYR A 323 -15.99 23.62 -7.36
CA TYR A 323 -16.36 24.90 -8.00
C TYR A 323 -15.54 25.10 -9.27
N TYR A 324 -16.18 25.61 -10.31
CA TYR A 324 -15.48 25.93 -11.56
C TYR A 324 -14.66 27.18 -11.25
N VAL A 325 -13.44 27.24 -11.79
CA VAL A 325 -12.65 28.48 -11.59
C VAL A 325 -12.44 29.19 -12.94
N HIS A 326 -12.89 30.43 -13.03
CA HIS A 326 -12.62 31.25 -14.22
C HIS A 326 -11.68 32.37 -13.81
N VAL A 327 -10.62 32.54 -14.56
CA VAL A 327 -9.63 33.58 -14.29
C VAL A 327 -9.94 34.79 -15.16
N ASP A 328 -10.24 35.92 -14.51
CA ASP A 328 -10.40 37.20 -15.19
C ASP A 328 -9.02 37.85 -15.29
N ALA A 329 -8.31 37.48 -16.35
CA ALA A 329 -6.99 38.02 -16.66
C ALA A 329 -7.05 38.95 -17.87
N ALA A 330 -8.15 39.69 -18.02
CA ALA A 330 -8.23 40.61 -19.15
C ALA A 330 -7.03 41.55 -19.15
N TYR A 331 -6.67 42.07 -17.98
CA TYR A 331 -5.56 43.00 -17.88
C TYR A 331 -4.22 42.27 -17.77
N GLY A 332 -4.11 41.34 -16.84
CA GLY A 332 -2.82 40.75 -16.53
C GLY A 332 -2.48 39.51 -17.31
N GLY A 333 -3.35 39.08 -18.22
CA GLY A 333 -3.19 37.78 -18.88
C GLY A 333 -1.91 37.66 -19.67
N TYR A 334 -1.58 38.68 -20.48
CA TYR A 334 -0.33 38.62 -21.24
C TYR A 334 0.88 38.66 -20.34
N GLY A 335 0.70 39.10 -19.09
CA GLY A 335 1.81 39.11 -18.14
C GLY A 335 2.40 37.73 -17.89
N ARG A 336 1.61 36.67 -18.10
CA ARG A 336 2.15 35.35 -17.84
C ARG A 336 3.35 35.05 -18.71
N ALA A 337 3.55 35.81 -19.78
CA ALA A 337 4.69 35.54 -20.65
C ALA A 337 6.02 35.77 -19.94
N ILE A 338 6.04 36.63 -18.92
CA ILE A 338 7.28 36.91 -18.21
C ILE A 338 7.81 35.71 -17.44
N PHE A 339 7.01 34.67 -17.23
CA PHE A 339 7.44 33.51 -16.47
C PHE A 339 7.82 32.32 -17.32
N LEU A 340 7.74 32.43 -18.64
CA LEU A 340 7.90 31.28 -19.51
C LEU A 340 9.22 31.34 -20.24
N ASP A 341 9.89 30.21 -20.30
CA ASP A 341 11.16 30.16 -21.02
C ASP A 341 10.86 29.81 -22.47
N GLU A 342 11.92 29.76 -23.29
CA GLU A 342 11.71 29.55 -24.71
C GLU A 342 11.21 28.17 -25.05
N ASP A 343 11.20 27.24 -24.09
CA ASP A 343 10.61 25.93 -24.30
C ASP A 343 9.23 25.84 -23.67
N ASN A 344 8.68 26.99 -23.26
CA ASN A 344 7.36 27.13 -22.67
C ASN A 344 7.24 26.48 -21.29
N ASN A 345 8.35 26.24 -20.61
CA ASN A 345 8.27 25.77 -19.24
C ASN A 345 8.30 26.96 -18.31
N PHE A 346 7.50 26.88 -17.26
CA PHE A 346 7.45 27.94 -16.27
C PHE A 346 8.81 28.00 -15.54
N ILE A 347 9.42 29.17 -15.51
CA ILE A 347 10.76 29.32 -14.94
C ILE A 347 10.68 29.13 -13.43
N PRO A 348 11.53 28.32 -12.82
CA PRO A 348 11.53 28.20 -11.36
C PRO A 348 11.82 29.55 -10.71
N TYR A 349 11.12 29.84 -9.59
CA TYR A 349 11.20 31.16 -8.98
C TYR A 349 12.63 31.53 -8.62
N GLU A 350 13.43 30.55 -8.19
CA GLU A 350 14.79 30.87 -7.77
C GLU A 350 15.65 31.33 -8.96
N ASP A 351 15.24 30.95 -10.16
CA ASP A 351 16.07 31.25 -11.36
C ASP A 351 15.51 32.46 -12.09
N LEU A 352 14.44 33.08 -11.60
CA LEU A 352 13.75 34.19 -12.32
C LEU A 352 14.68 35.37 -12.59
N GLN A 353 15.32 35.90 -11.56
CA GLN A 353 16.16 37.11 -11.73
C GLN A 353 17.29 36.83 -12.72
N ASP A 354 17.77 35.59 -12.75
CA ASP A 354 18.93 35.26 -13.62
C ASP A 354 18.47 35.21 -15.07
N VAL A 355 17.35 34.54 -15.32
CA VAL A 355 16.78 34.47 -16.70
C VAL A 355 16.37 35.87 -17.16
N HIS A 356 15.80 36.66 -16.27
CA HIS A 356 15.32 38.00 -16.66
C HIS A 356 16.50 38.91 -17.00
N GLU A 357 17.63 38.71 -16.35
CA GLU A 357 18.85 39.50 -16.64
C GLU A 357 19.42 39.05 -17.98
N GLU A 358 19.34 37.76 -18.24
CA GLU A 358 19.90 37.19 -19.49
C GLU A 358 19.04 37.61 -20.67
N TYR A 359 17.76 37.84 -20.45
CA TYR A 359 16.84 38.16 -21.58
C TYR A 359 16.49 39.65 -21.62
N GLY A 360 16.97 40.43 -20.67
CA GLY A 360 16.75 41.88 -20.69
C GLY A 360 15.35 42.25 -20.25
N VAL A 361 14.65 41.31 -19.65
CA VAL A 361 13.28 41.54 -19.16
C VAL A 361 13.37 42.63 -18.10
N PHE A 362 14.36 42.51 -17.21
CA PHE A 362 14.58 43.55 -16.19
C PHE A 362 15.99 44.09 -16.32
N LYS A 363 16.16 45.39 -16.15
CA LYS A 363 17.48 46.03 -16.30
C LYS A 363 18.28 45.88 -15.01
N GLU A 364 17.63 46.03 -13.86
CA GLU A 364 18.30 45.91 -12.55
C GLU A 364 17.97 44.53 -11.98
N LYS A 365 18.98 43.80 -11.53
CA LYS A 365 18.79 42.42 -10.99
C LYS A 365 18.35 42.51 -9.54
N LYS A 366 17.05 42.48 -9.31
CA LYS A 366 16.49 42.55 -7.94
C LYS A 366 15.14 41.87 -8.01
N GLU A 367 14.48 41.72 -6.88
CA GLU A 367 13.12 41.16 -6.93
C GLU A 367 12.18 42.20 -7.54
N HIS A 368 11.41 41.80 -8.52
CA HIS A 368 10.39 42.70 -9.11
C HIS A 368 9.05 41.99 -8.96
N ILE A 369 9.07 40.66 -9.01
CA ILE A 369 7.83 39.85 -8.88
C ILE A 369 7.90 39.01 -7.60
N SER A 370 6.83 39.03 -6.81
CA SER A 370 6.74 38.23 -5.57
C SER A 370 6.42 36.78 -5.88
N ARG A 371 6.76 35.86 -4.98
CA ARG A 371 6.50 34.41 -5.18
C ARG A 371 5.00 34.21 -5.14
N GLU A 372 4.29 35.07 -4.43
CA GLU A 372 2.82 34.99 -4.36
C GLU A 372 2.22 35.20 -5.75
N VAL A 373 2.62 36.27 -6.44
CA VAL A 373 2.12 36.58 -7.81
C VAL A 373 2.60 35.48 -8.74
N TYR A 374 3.84 35.05 -8.58
CA TYR A 374 4.39 33.95 -9.40
C TYR A 374 3.51 32.70 -9.25
N ASP A 375 3.16 32.36 -8.01
CA ASP A 375 2.40 31.12 -7.72
C ASP A 375 0.97 31.24 -8.24
N ALA A 376 0.41 32.43 -8.19
CA ALA A 376 -0.95 32.68 -8.71
C ALA A 376 -0.96 32.53 -10.23
N TYR A 377 0.07 33.05 -10.88
CA TYR A 377 0.17 32.95 -12.35
C TYR A 377 0.37 31.49 -12.75
N LYS A 378 1.13 30.74 -11.97
CA LYS A 378 1.41 29.33 -12.32
C LYS A 378 0.13 28.53 -12.16
N ALA A 379 -0.68 28.89 -11.16
CA ALA A 379 -1.87 28.07 -10.92
C ALA A 379 -2.97 28.31 -11.94
N ILE A 380 -2.84 29.35 -12.78
CA ILE A 380 -3.84 29.61 -13.81
C ILE A 380 -4.03 28.38 -14.69
N GLU A 381 -2.99 27.56 -14.85
CA GLU A 381 -3.12 26.37 -15.69
C GLU A 381 -4.11 25.35 -15.15
N LEU A 382 -4.55 25.49 -13.90
CA LEU A 382 -5.48 24.56 -13.31
C LEU A 382 -6.93 25.02 -13.40
N ALA A 383 -7.14 26.28 -13.79
CA ALA A 383 -8.47 26.83 -13.96
C ALA A 383 -9.08 26.30 -15.24
N GLU A 384 -10.41 26.38 -15.32
CA GLU A 384 -11.11 25.83 -16.46
C GLU A 384 -11.04 26.77 -17.67
N SER A 385 -11.04 28.08 -17.43
CA SER A 385 -11.09 29.05 -18.49
C SER A 385 -10.52 30.38 -17.99
N VAL A 386 -10.03 31.19 -18.94
CA VAL A 386 -9.39 32.47 -18.67
C VAL A 386 -9.85 33.51 -19.67
N THR A 387 -10.16 34.70 -19.19
CA THR A 387 -10.34 35.89 -20.03
C THR A 387 -8.99 36.60 -20.15
N ILE A 388 -8.61 36.97 -21.37
CA ILE A 388 -7.34 37.67 -21.60
C ILE A 388 -7.52 38.70 -22.71
N ASP A 389 -7.09 39.95 -22.47
CA ASP A 389 -7.31 40.98 -23.47
C ASP A 389 -6.06 41.26 -24.27
N PRO A 390 -5.99 40.87 -25.54
CA PRO A 390 -4.93 41.42 -26.41
C PRO A 390 -4.89 42.92 -26.39
N HIS A 391 -6.04 43.61 -26.28
CA HIS A 391 -5.94 45.09 -26.24
C HIS A 391 -5.74 45.65 -24.87
N MET A 393 -2.78 44.23 -22.04
CA MET A 393 -1.31 44.17 -21.97
C MET A 393 -0.70 43.35 -23.12
N GLY A 394 -1.53 42.99 -24.10
CA GLY A 394 -0.97 42.51 -25.36
C GLY A 394 -0.54 43.63 -26.32
N TYR A 395 -0.85 44.90 -25.99
CA TYR A 395 -0.48 46.06 -26.79
C TYR A 395 -1.01 45.97 -28.21
N ILE A 396 -2.17 45.33 -28.37
CA ILE A 396 -2.81 45.18 -29.65
C ILE A 396 -3.96 46.17 -29.70
N PRO A 397 -4.24 46.81 -30.84
CA PRO A 397 -5.29 47.84 -30.89
C PRO A 397 -6.69 47.29 -30.62
N TYR A 398 -7.50 48.11 -29.95
CA TYR A 398 -8.93 47.80 -29.84
C TYR A 398 -9.47 47.51 -31.23
N SER A 399 -10.44 46.62 -31.32
CA SER A 399 -11.03 45.89 -30.21
C SER A 399 -10.71 44.40 -30.30
N ALA A 400 -10.08 43.83 -29.29
CA ALA A 400 -9.68 42.42 -29.34
C ALA A 400 -9.52 41.90 -27.92
N GLY A 401 -10.47 41.09 -27.47
CA GLY A 401 -10.34 40.30 -26.27
C GLY A 401 -10.01 38.85 -26.58
N GLY A 402 -10.09 38.02 -25.55
CA GLY A 402 -9.76 36.61 -25.73
C GLY A 402 -10.27 35.75 -24.60
N ILE A 403 -10.47 34.46 -24.93
CA ILE A 403 -10.83 33.45 -23.95
C ILE A 403 -9.98 32.21 -24.21
N VAL A 404 -9.58 31.54 -23.13
CA VAL A 404 -8.83 30.30 -23.19
C VAL A 404 -9.60 29.27 -22.37
N ILE A 405 -9.70 28.05 -22.88
CA ILE A 405 -10.34 26.97 -22.16
C ILE A 405 -9.32 25.86 -21.92
N GLN A 406 -9.40 25.25 -20.73
CA GLN A 406 -8.41 24.26 -20.34
C GLN A 406 -8.51 23.00 -21.19
N ASP A 407 -9.73 22.58 -21.51
CA ASP A 407 -9.95 21.37 -22.29
C ASP A 407 -10.72 21.74 -23.53
N ILE A 408 -10.12 21.51 -24.70
CA ILE A 408 -10.75 21.88 -25.96
C ILE A 408 -12.14 21.27 -26.07
N ARG A 409 -12.38 20.14 -25.39
CA ARG A 409 -13.66 19.45 -25.49
C ARG A 409 -14.78 20.22 -24.81
N MET A 410 -14.45 21.19 -23.97
CA MET A 410 -15.49 22.00 -23.34
C MET A 410 -16.32 22.78 -24.35
N ARG A 411 -15.75 23.11 -25.52
CA ARG A 411 -16.51 23.88 -26.47
C ARG A 411 -17.70 23.11 -27.01
N ASP A 412 -17.72 21.79 -26.82
CA ASP A 412 -18.89 21.01 -27.20
C ASP A 412 -20.10 21.31 -26.31
N VAL A 413 -19.89 21.90 -25.13
CA VAL A 413 -21.05 22.21 -24.30
C VAL A 413 -21.77 23.45 -24.78
N ILE A 414 -21.14 24.28 -25.61
CA ILE A 414 -21.82 25.44 -26.18
C ILE A 414 -21.94 25.36 -27.69
N SER A 415 -21.34 24.37 -28.32
CA SER A 415 -21.31 24.35 -29.77
C SER A 415 -22.72 24.30 -30.35
N TYR A 416 -22.82 24.72 -31.61
CA TYR A 416 -24.04 24.61 -32.39
C TYR A 416 -23.66 24.06 -33.75
N PHE A 417 -24.42 23.10 -34.23
CA PHE A 417 -24.34 22.79 -35.64
C PHE A 417 -25.63 23.16 -36.33
N ALA A 418 -26.73 23.16 -35.59
CA ALA A 418 -28.02 23.68 -36.02
C ALA A 418 -27.90 25.13 -36.48
N ASP A 427 -9.78 20.02 -35.31
CA ASP A 427 -9.28 20.79 -36.45
C ASP A 427 -9.88 22.21 -36.46
N ILE A 428 -9.49 22.99 -37.48
CA ILE A 428 -10.08 24.32 -37.66
C ILE A 428 -11.58 24.17 -37.87
N PRO A 429 -12.41 24.86 -37.10
CA PRO A 429 -13.86 24.78 -37.32
C PRO A 429 -14.22 25.31 -38.69
N ALA A 430 -15.19 24.68 -39.32
CA ALA A 430 -15.72 25.25 -40.55
C ALA A 430 -16.59 26.46 -40.27
N LEU A 431 -17.19 26.53 -39.08
CA LEU A 431 -17.93 27.69 -38.61
C LEU A 431 -17.47 28.02 -37.19
N LEU A 432 -16.52 28.95 -37.07
CA LEU A 432 -16.11 29.36 -35.74
C LEU A 432 -17.25 30.03 -34.98
N GLY A 433 -18.24 30.58 -35.70
CA GLY A 433 -19.43 31.11 -35.05
C GLY A 433 -20.28 30.04 -34.41
N ALA A 434 -20.01 28.78 -34.74
CA ALA A 434 -20.64 27.64 -34.10
C ALA A 434 -20.02 27.32 -32.74
N TYR A 435 -18.82 27.82 -32.45
CA TYR A 435 -18.12 27.45 -31.22
C TYR A 435 -17.89 28.64 -30.29
N ILE A 436 -18.58 29.77 -30.51
CA ILE A 436 -18.31 30.98 -29.76
C ILE A 436 -19.61 31.68 -29.43
N LEU A 437 -19.53 32.65 -28.50
CA LEU A 437 -20.69 33.43 -28.13
C LEU A 437 -21.10 34.40 -29.23
N GLU A 438 -20.13 35.10 -29.85
CA GLU A 438 -20.47 36.16 -30.80
C GLU A 438 -20.67 35.61 -32.21
N GLY A 439 -20.93 36.54 -33.15
CA GLY A 439 -21.09 36.16 -34.55
C GLY A 439 -19.94 36.63 -35.43
N SER A 440 -20.19 37.61 -36.30
CA SER A 440 -19.17 38.04 -37.25
C SER A 440 -17.96 38.65 -36.55
N LYS A 441 -16.78 38.37 -37.11
CA LYS A 441 -15.48 38.71 -36.55
C LYS A 441 -14.60 39.13 -37.70
N ALA A 442 -13.83 40.20 -37.49
CA ALA A 442 -12.88 40.65 -38.51
C ALA A 442 -11.67 39.74 -38.53
N GLY A 443 -11.40 39.08 -39.66
CA GLY A 443 -10.13 38.42 -39.81
C GLY A 443 -8.94 39.34 -39.61
N ALA A 444 -9.13 40.65 -39.81
CA ALA A 444 -8.04 41.58 -39.57
C ALA A 444 -7.65 41.58 -38.11
N THR A 445 -8.63 41.38 -37.22
CA THR A 445 -8.31 41.28 -35.80
C THR A 445 -7.41 40.07 -35.52
N ALA A 446 -7.72 38.93 -36.14
CA ALA A 446 -6.86 37.76 -35.98
C ALA A 446 -5.45 38.03 -36.52
N ALA A 447 -5.35 38.58 -37.74
CA ALA A 447 -4.03 38.90 -38.29
C ALA A 447 -3.28 39.88 -37.39
N SER A 448 -4.00 40.79 -36.76
CA SER A 448 -3.38 41.74 -35.88
C SER A 448 -2.78 41.06 -34.66
N VAL A 449 -3.49 40.07 -34.09
CA VAL A 449 -3.00 39.38 -32.89
C VAL A 449 -1.90 38.41 -33.26
N TRP A 450 -2.09 37.68 -34.36
CA TRP A 450 -1.07 36.75 -34.82
C TRP A 450 0.26 37.46 -35.09
N ALA A 451 0.21 38.62 -35.75
CA ALA A 451 1.43 39.38 -36.00
C ALA A 451 2.15 39.70 -34.70
N ALA A 452 1.42 40.13 -33.67
CA ALA A 452 2.07 40.44 -32.40
C ALA A 452 2.67 39.19 -31.77
N HIS A 453 1.93 38.07 -31.79
CA HIS A 453 2.45 36.85 -31.20
C HIS A 453 3.65 36.31 -31.97
N HIS A 454 3.81 36.66 -33.25
CA HIS A 454 4.91 36.13 -34.05
C HIS A 454 6.08 37.09 -34.19
N VAL A 455 5.90 38.38 -33.89
CA VAL A 455 7.07 39.25 -33.73
C VAL A 455 7.61 39.12 -32.31
N LEU A 456 6.70 39.02 -31.33
CA LEU A 456 7.02 38.85 -29.92
C LEU A 456 6.52 37.49 -29.46
N PRO A 457 7.38 36.47 -29.37
CA PRO A 457 6.94 35.19 -28.80
C PRO A 457 6.38 35.38 -27.40
N LEU A 458 5.42 34.52 -27.04
CA LEU A 458 4.73 34.65 -25.76
C LEU A 458 5.53 34.00 -24.62
N ASN A 459 6.75 34.49 -24.41
CA ASN A 459 7.63 34.00 -23.34
C ASN A 459 8.68 35.09 -23.05
N VAL A 460 9.75 34.73 -22.35
CA VAL A 460 10.73 35.75 -21.97
C VAL A 460 11.50 36.31 -23.17
N ALA A 461 11.46 35.61 -24.31
CA ALA A 461 12.16 36.09 -25.50
C ALA A 461 11.39 37.18 -26.24
N GLY A 462 10.11 37.39 -25.91
CA GLY A 462 9.29 38.38 -26.59
C GLY A 462 8.45 39.20 -25.61
N TYR A 463 7.20 38.78 -25.39
CA TYR A 463 6.31 39.56 -24.53
C TYR A 463 6.88 39.73 -23.14
N GLY A 464 7.66 38.75 -22.64
CA GLY A 464 8.28 38.87 -21.34
C GLY A 464 9.11 40.14 -21.21
N LYS A 465 9.81 40.50 -22.29
CA LYS A 465 10.62 41.71 -22.26
C LYS A 465 9.74 42.95 -22.23
N LEU A 466 8.59 42.91 -22.88
CA LEU A 466 7.66 44.05 -22.87
C LEU A 466 6.96 44.18 -21.51
N ILE A 467 6.47 43.06 -20.95
CA ILE A 467 5.88 43.12 -19.60
C ILE A 467 6.89 43.63 -18.59
N GLY A 468 8.12 43.12 -18.66
CA GLY A 468 9.15 43.55 -17.73
C GLY A 468 9.41 45.04 -17.77
N ALA A 469 9.48 45.61 -18.98
CA ALA A 469 9.69 47.05 -19.09
C ALA A 469 8.53 47.81 -18.47
N SER A 470 7.31 47.29 -18.62
CA SER A 470 6.17 47.94 -18.00
C SER A 470 6.28 47.87 -16.49
N ILE A 471 6.60 46.68 -15.96
CA ILE A 471 6.67 46.53 -14.52
C ILE A 471 7.79 47.39 -13.94
N GLU A 472 8.98 47.38 -14.57
CA GLU A 472 10.08 48.19 -14.06
C GLU A 472 9.74 49.68 -14.10
N GLY A 473 9.06 50.12 -15.16
CA GLY A 473 8.61 51.49 -15.19
C GLY A 473 7.67 51.81 -14.05
N SER A 474 6.77 50.87 -13.74
CA SER A 474 5.84 51.08 -12.63
C SER A 474 6.60 51.18 -11.31
N HIS A 475 7.68 50.40 -11.15
CA HIS A 475 8.43 50.41 -9.90
C HIS A 475 9.26 51.69 -9.73
N HIS A 476 9.76 52.27 -10.80
CA HIS A 476 10.48 53.56 -10.66
C HIS A 476 9.51 54.66 -10.23
N PHE A 477 8.30 54.66 -10.76
CA PHE A 477 7.30 55.71 -10.44
C PHE A 477 6.86 55.52 -9.00
N TYR A 478 6.71 54.27 -8.58
CA TYR A 478 6.31 53.95 -7.20
C TYR A 478 7.32 54.58 -6.24
N ASN A 479 8.61 54.36 -6.48
CA ASN A 479 9.69 54.88 -5.61
C ASN A 479 9.80 56.40 -5.72
N PHE A 480 9.43 56.98 -6.87
CA PHE A 480 9.45 58.45 -7.04
C PHE A 480 8.32 59.06 -6.20
N LEU A 481 7.15 58.43 -6.21
CA LEU A 481 5.98 58.96 -5.49
C LEU A 481 6.21 58.76 -4.00
N ASN A 482 6.81 57.64 -3.64
CA ASN A 482 7.10 57.38 -2.21
C ASN A 482 8.04 58.48 -1.72
N ASP A 483 7.61 59.21 -0.69
CA ASP A 483 8.40 60.35 -0.17
C ASP A 483 8.56 61.42 -1.25
N LEU A 484 7.45 61.89 -1.80
CA LEU A 484 7.51 63.02 -2.75
C LEU A 484 6.72 64.12 -2.06
N THR A 485 7.37 65.23 -1.75
CA THR A 485 6.70 66.28 -0.96
C THR A 485 6.73 67.59 -1.73
N PHE A 486 5.66 68.38 -1.61
CA PHE A 486 5.59 69.68 -2.33
C PHE A 486 5.29 70.79 -1.31
N LYS A 487 5.83 71.98 -1.54
CA LYS A 487 5.54 73.13 -0.64
C LYS A 487 4.59 74.07 -1.40
N VAL A 488 3.31 74.01 -1.09
CA VAL A 488 2.30 74.83 -1.81
C VAL A 488 1.85 75.96 -0.90
N GLY A 489 2.60 77.06 -0.91
CA GLY A 489 2.31 78.18 -0.02
C GLY A 489 2.74 77.87 1.39
N ASP A 490 1.84 78.05 2.35
CA ASP A 490 2.13 77.75 3.77
C ASP A 490 1.83 76.26 3.99
N LYS A 491 1.21 75.63 3.00
CA LYS A 491 0.81 74.21 3.15
C LYS A 491 1.89 73.29 2.57
N GLU A 492 1.99 72.08 3.10
CA GLU A 492 2.93 71.07 2.57
C GLU A 492 2.11 69.86 2.15
N ILE A 493 2.12 69.51 0.86
CA ILE A 493 1.28 68.39 0.35
C ILE A 493 2.15 67.16 0.16
N GLU A 494 1.71 66.01 0.67
CA GLU A 494 2.56 64.79 0.62
C GLU A 494 1.92 63.75 -0.29
N VAL A 495 2.73 62.89 -0.88
CA VAL A 495 2.19 61.80 -1.74
C VAL A 495 2.35 60.48 -1.01
N HIS A 496 1.32 59.64 -1.10
CA HIS A 496 1.37 58.31 -0.45
C HIS A 496 0.84 57.28 -1.43
N THR A 497 1.63 56.24 -1.69
CA THR A 497 1.20 55.14 -2.57
C THR A 497 0.21 54.25 -1.83
N LEU A 498 -0.71 53.62 -2.56
CA LEU A 498 -1.73 52.82 -1.89
C LEU A 498 -1.13 51.55 -1.29
N THR A 499 -0.56 50.71 -2.13
CA THR A 499 0.07 49.47 -1.72
C THR A 499 1.20 49.17 -2.71
N HIS A 500 2.08 48.24 -2.36
CA HIS A 500 3.09 47.82 -3.33
C HIS A 500 2.38 47.12 -4.49
N PRO A 501 2.71 47.46 -5.73
CA PRO A 501 1.96 46.92 -6.88
C PRO A 501 2.18 45.42 -7.05
N ASP A 502 1.09 44.68 -7.20
CA ASP A 502 1.23 43.27 -7.57
C ASP A 502 1.68 43.11 -9.03
N PHE A 503 1.47 44.13 -9.88
CA PHE A 503 1.77 44.07 -11.31
C PHE A 503 2.40 45.37 -11.77
N ASN A 504 1.69 46.15 -12.59
CA ASN A 504 2.22 47.40 -13.14
C ASN A 504 1.34 48.60 -12.83
N MET A 505 0.37 48.47 -11.93
CA MET A 505 -0.52 49.56 -11.62
C MET A 505 -0.19 50.13 -10.24
N VAL A 506 0.02 51.44 -10.17
CA VAL A 506 0.39 52.12 -8.95
C VAL A 506 -0.70 53.14 -8.60
N ASP A 507 -1.37 52.92 -7.47
CA ASP A 507 -2.34 53.87 -6.94
C ASP A 507 -1.67 54.74 -5.88
N TYR A 508 -2.18 55.95 -5.73
CA TYR A 508 -1.51 56.89 -4.84
C TYR A 508 -2.51 57.99 -4.49
N VAL A 509 -2.19 58.77 -3.45
CA VAL A 509 -3.00 59.91 -3.04
C VAL A 509 -2.14 61.10 -2.66
N PHE A 510 -2.72 62.29 -2.82
CA PHE A 510 -2.20 63.54 -2.26
C PHE A 510 -3.03 63.82 -0.99
N LYS A 511 -2.39 64.33 0.05
CA LYS A 511 -3.07 64.66 1.30
C LYS A 511 -2.36 65.94 1.79
N GLU A 512 -2.96 66.65 2.76
CA GLU A 512 -2.27 67.78 3.39
C GLU A 512 -1.70 67.38 4.73
N LYS A 513 -0.41 67.70 4.97
CA LYS A 513 0.20 67.43 6.27
C LYS A 513 -0.56 68.09 7.40
N GLY A 514 -0.92 67.28 8.38
CA GLY A 514 -1.62 67.76 9.53
C GLY A 514 -3.12 67.79 9.38
N ASN A 515 -3.61 67.70 8.16
CA ASN A 515 -5.04 67.69 7.93
C ASN A 515 -5.53 66.25 8.08
N ASP A 516 -6.59 66.09 8.87
CA ASP A 516 -7.11 64.79 9.31
C ASP A 516 -8.50 64.58 8.75
N ASP A 517 -8.88 65.43 7.79
CA ASP A 517 -10.18 65.41 7.16
C ASP A 517 -10.08 64.57 5.89
N LEU A 518 -10.72 63.40 5.91
CA LEU A 518 -10.67 62.49 4.77
C LEU A 518 -11.52 63.02 3.62
N VAL A 519 -12.68 63.62 3.93
CA VAL A 519 -13.48 64.23 2.88
C VAL A 519 -12.66 65.29 2.15
N ALA A 520 -11.77 65.98 2.88
CA ALA A 520 -10.93 67.00 2.27
C ALA A 520 -9.84 66.39 1.40
N MET A 521 -9.26 65.28 1.84
CA MET A 521 -8.29 64.60 1.01
C MET A 521 -8.96 64.09 -0.27
N ASN A 522 -10.21 63.63 -0.17
CA ASN A 522 -10.90 63.20 -1.37
C ASN A 522 -11.20 64.37 -2.28
N LYS A 523 -11.43 65.56 -1.72
CA LYS A 523 -11.53 66.75 -2.55
C LYS A 523 -10.19 67.09 -3.18
N LEU A 524 -9.10 66.98 -2.41
CA LEU A 524 -7.77 67.30 -2.94
C LEU A 524 -7.42 66.38 -4.10
N ASN A 525 -7.68 65.08 -3.95
CA ASN A 525 -7.35 64.17 -5.03
C ASN A 525 -8.32 64.32 -6.19
N HIS A 526 -9.57 64.67 -5.92
CA HIS A 526 -10.47 64.99 -7.01
C HIS A 526 -10.07 66.27 -7.72
N ASP A 527 -9.41 67.20 -7.02
CA ASP A 527 -8.98 68.44 -7.65
C ASP A 527 -7.70 68.21 -8.45
N VAL A 528 -6.84 67.33 -7.94
CA VAL A 528 -5.66 66.99 -8.71
C VAL A 528 -6.07 66.25 -9.98
N TYR A 529 -7.01 65.32 -9.86
CA TYR A 529 -7.51 64.64 -11.06
C TYR A 529 -8.11 65.61 -12.06
N ASP A 530 -8.90 66.58 -11.60
CA ASP A 530 -9.54 67.52 -12.52
C ASP A 530 -8.51 68.26 -13.35
N TYR A 531 -7.40 68.65 -12.74
CA TYR A 531 -6.33 69.34 -13.44
C TYR A 531 -5.42 68.41 -14.23
N ALA A 532 -5.35 67.14 -13.86
CA ALA A 532 -4.59 66.13 -14.60
C ALA A 532 -5.48 65.29 -15.49
N SER A 533 -6.50 65.90 -16.09
CA SER A 533 -7.39 65.21 -17.02
C SER A 533 -8.06 66.24 -17.92
N TYR A 534 -8.91 65.74 -18.81
CA TYR A 534 -9.65 66.58 -19.75
C TYR A 534 -10.68 67.45 -19.06
N VAL A 535 -10.90 67.29 -17.76
CA VAL A 535 -11.93 68.08 -17.09
C VAL A 535 -11.58 69.56 -17.15
N LYS A 536 -10.37 69.91 -16.73
CA LYS A 536 -9.91 71.29 -16.69
C LYS A 536 -8.86 71.51 -17.78
N GLY A 537 -9.17 72.38 -18.75
CA GLY A 537 -8.20 72.78 -19.75
C GLY A 537 -8.24 71.94 -21.02
N ASN A 538 -7.32 72.26 -21.92
CA ASN A 538 -7.11 71.47 -23.13
C ASN A 538 -6.23 70.27 -22.83
N ILE A 539 -6.70 69.07 -23.20
CA ILE A 539 -5.91 67.88 -22.91
C ILE A 539 -4.60 67.91 -23.69
N TYR A 540 -4.59 68.61 -24.83
CA TYR A 540 -3.38 68.73 -25.62
C TYR A 540 -2.33 69.60 -24.97
N ASN A 541 -2.69 70.37 -23.95
CA ASN A 541 -1.75 71.24 -23.26
C ASN A 541 -1.43 70.73 -21.85
N ASN A 542 -1.92 69.56 -21.47
CA ASN A 542 -1.73 69.04 -20.11
C ASN A 542 -0.37 68.35 -19.94
N GLU A 543 0.43 68.81 -18.97
CA GLU A 543 1.78 68.28 -18.76
C GLU A 543 1.85 66.98 -17.94
N PHE A 544 0.73 66.53 -17.35
CA PHE A 544 0.70 65.29 -16.58
C PHE A 544 -0.76 64.82 -16.54
N ILE A 545 -1.00 63.57 -16.94
CA ILE A 545 -2.36 63.02 -17.00
C ILE A 545 -2.43 61.74 -16.18
N THR A 546 -3.51 61.61 -15.41
CA THR A 546 -3.74 60.41 -14.62
C THR A 546 -5.23 60.09 -14.62
N SER A 547 -5.58 59.00 -13.95
CA SER A 547 -6.97 58.63 -13.72
C SER A 547 -7.24 58.57 -12.22
N HIS A 548 -8.48 58.28 -11.87
CA HIS A 548 -8.91 58.36 -10.49
C HIS A 548 -10.06 57.39 -10.28
N THR A 549 -10.16 56.87 -9.07
CA THR A 549 -11.25 55.95 -8.74
C THR A 549 -11.57 56.13 -7.27
N ASP A 550 -12.80 55.76 -6.94
CA ASP A 550 -13.29 55.84 -5.57
C ASP A 550 -13.31 54.45 -4.98
N PHE A 551 -12.69 54.31 -3.80
CA PHE A 551 -12.81 53.09 -2.99
C PHE A 551 -13.96 53.34 -2.02
N ALA A 552 -15.15 52.85 -2.34
CA ALA A 552 -16.32 53.11 -1.50
C ALA A 552 -16.66 51.88 -0.67
N ILE A 553 -17.15 52.14 0.55
CA ILE A 553 -17.49 51.06 1.49
C ILE A 553 -18.43 50.02 0.88
N PRO A 554 -19.47 50.40 0.12
CA PRO A 554 -20.33 49.36 -0.47
C PRO A 554 -19.58 48.34 -1.30
N ASP A 555 -18.45 48.71 -1.88
CA ASP A 555 -17.74 47.79 -2.77
C ASP A 555 -16.42 47.30 -2.22
N TYR A 556 -15.77 48.07 -1.36
CA TYR A 556 -14.49 47.68 -0.81
C TYR A 556 -14.56 47.25 0.65
N GLY A 557 -15.70 47.48 1.30
CA GLY A 557 -15.78 47.18 2.72
C GLY A 557 -14.82 48.06 3.49
N ASN A 558 -14.11 47.45 4.43
CA ASN A 558 -13.09 48.16 5.18
C ASN A 558 -11.69 47.76 4.74
N SER A 559 -11.58 47.13 3.58
CA SER A 559 -10.26 46.83 3.03
C SER A 559 -9.36 48.05 2.86
N PRO A 560 -9.86 49.27 2.56
CA PRO A 560 -8.96 50.43 2.58
C PRO A 560 -8.64 50.97 3.97
N LEU A 561 -9.24 50.40 5.03
CA LEU A 561 -9.15 51.00 6.35
C LEU A 561 -7.72 51.01 6.86
N LYS A 562 -7.00 49.91 6.67
CA LYS A 562 -5.59 49.87 7.06
C LYS A 562 -4.80 50.97 6.38
N PHE A 563 -5.05 51.19 5.08
CA PHE A 563 -4.38 52.24 4.33
C PHE A 563 -4.79 53.63 4.84
N VAL A 564 -6.10 53.85 4.99
CA VAL A 564 -6.58 55.14 5.45
C VAL A 564 -6.08 55.46 6.87
N ASN A 565 -5.96 54.43 7.72
CA ASN A 565 -5.37 54.64 9.06
C ASN A 565 -3.90 55.00 8.98
N SER A 566 -3.16 54.39 8.05
CA SER A 566 -1.74 54.70 7.93
C SER A 566 -1.50 56.18 7.64
N LEU A 567 -2.45 56.85 7.00
CA LEU A 567 -2.27 58.26 6.68
C LEU A 567 -2.68 59.19 7.82
N GLY A 568 -3.23 58.64 8.90
CA GLY A 568 -3.66 59.43 10.04
C GLY A 568 -5.15 59.51 10.24
N PHE A 569 -5.93 58.91 9.36
CA PHE A 569 -7.39 59.07 9.47
C PHE A 569 -7.96 58.03 10.42
N SER A 570 -9.04 58.37 11.11
CA SER A 570 -9.64 57.46 12.10
C SER A 570 -10.68 56.58 11.44
N ASP A 571 -11.16 55.58 12.16
CA ASP A 571 -12.18 54.66 11.61
C ASP A 571 -13.49 55.43 11.53
N GLU A 572 -13.57 56.54 12.25
CA GLU A 572 -14.81 57.36 12.27
C GLU A 572 -14.77 58.28 11.05
N GLU A 573 -13.60 58.82 10.72
CA GLU A 573 -13.47 59.65 9.52
C GLU A 573 -13.76 58.78 8.31
N TRP A 574 -13.35 57.52 8.38
CA TRP A 574 -13.55 56.59 7.24
C TRP A 574 -15.03 56.40 7.03
N ASN A 575 -15.80 56.33 8.10
CA ASN A 575 -17.23 56.01 7.93
C ASN A 575 -17.99 57.29 7.53
N ARG A 576 -17.50 58.45 7.95
CA ARG A 576 -18.18 59.74 7.64
C ARG A 576 -17.97 60.02 6.15
N ALA A 577 -16.75 59.81 5.65
CA ALA A 577 -16.47 60.01 4.22
C ALA A 577 -17.11 58.89 3.42
N GLY A 578 -17.01 57.67 3.93
CA GLY A 578 -17.58 56.50 3.23
C GLY A 578 -16.70 56.03 2.10
N LYS A 579 -15.59 56.72 1.86
CA LYS A 579 -14.78 56.38 0.67
C LYS A 579 -13.44 57.09 0.65
N VAL A 580 -12.48 56.52 -0.06
CA VAL A 580 -11.24 57.23 -0.33
C VAL A 580 -11.05 57.32 -1.84
N THR A 581 -10.76 58.53 -2.31
CA THR A 581 -10.49 58.81 -3.72
C THR A 581 -8.99 58.64 -3.97
N VAL A 582 -8.63 57.71 -4.86
CA VAL A 582 -7.23 57.46 -5.14
C VAL A 582 -6.95 57.71 -6.62
N LEU A 583 -5.73 58.13 -6.90
CA LEU A 583 -5.27 58.27 -8.26
C LEU A 583 -4.58 56.98 -8.68
N ARG A 584 -4.84 56.54 -9.93
CA ARG A 584 -4.31 55.27 -10.42
C ARG A 584 -3.52 55.48 -11.72
N ALA A 585 -2.38 54.78 -11.81
CA ALA A 585 -1.50 54.85 -12.98
C ALA A 585 -1.21 53.42 -13.38
N ALA A 586 -1.82 52.99 -14.47
CA ALA A 586 -1.54 51.68 -15.05
C ALA A 586 -0.36 51.94 -15.97
N VAL A 587 0.84 51.74 -15.44
CA VAL A 587 2.06 52.11 -16.15
C VAL A 587 2.30 51.16 -17.31
N MET A 588 1.78 51.51 -18.49
CA MET A 588 1.96 50.68 -19.66
C MET A 588 2.98 51.22 -20.65
N THR A 589 3.49 52.42 -20.43
CA THR A 589 4.57 52.90 -21.26
C THR A 589 5.75 51.93 -21.22
N PRO A 590 6.36 51.61 -22.36
CA PRO A 590 7.54 50.75 -22.37
C PRO A 590 8.85 51.50 -22.22
N TYR A 591 8.80 52.81 -22.04
CA TYR A 591 9.99 53.65 -22.12
C TYR A 591 10.60 53.99 -20.76
N MET A 592 9.92 53.70 -19.66
CA MET A 592 10.39 54.19 -18.37
C MET A 592 11.12 53.14 -17.54
N ASN A 593 11.48 52.00 -18.13
CA ASN A 593 12.18 50.98 -17.37
C ASN A 593 13.65 51.35 -17.14
N ASP A 594 14.24 52.10 -18.06
CA ASP A 594 15.62 52.55 -17.89
C ASP A 594 15.60 53.73 -16.92
N LYS A 595 16.28 53.56 -15.79
CA LYS A 595 16.21 54.56 -14.73
C LYS A 595 16.66 55.94 -15.21
N GLU A 596 17.72 55.99 -16.02
CA GLU A 596 18.12 57.26 -16.62
C GLU A 596 17.00 57.89 -17.44
N GLU A 597 16.27 57.09 -18.20
CA GLU A 597 15.19 57.70 -18.97
C GLU A 597 14.07 58.19 -18.05
N PHE A 598 13.78 57.45 -16.97
CA PHE A 598 12.80 57.93 -16.01
C PHE A 598 13.26 59.22 -15.35
N ASP A 599 14.55 59.31 -15.04
CA ASP A 599 15.03 60.52 -14.40
C ASP A 599 14.91 61.74 -15.30
N VAL A 600 14.71 61.57 -16.60
CA VAL A 600 14.46 62.73 -17.44
C VAL A 600 13.07 63.26 -17.17
N TYR A 601 12.12 62.36 -16.95
CA TYR A 601 10.73 62.75 -16.77
C TYR A 601 10.34 62.97 -15.31
N ALA A 602 11.17 62.55 -14.35
CA ALA A 602 10.85 62.84 -12.95
C ALA A 602 10.71 64.34 -12.70
N PRO A 603 11.67 65.19 -13.06
CA PRO A 603 11.46 66.64 -12.84
C PRO A 603 10.30 67.21 -13.61
N LYS A 604 9.99 66.67 -14.78
CA LYS A 604 8.85 67.18 -15.55
C LYS A 604 7.54 66.79 -14.89
N ILE A 605 7.49 65.62 -14.26
CA ILE A 605 6.29 65.23 -13.52
C ILE A 605 6.11 66.09 -12.28
N GLN A 606 7.16 66.20 -11.45
CA GLN A 606 7.01 67.01 -10.24
C GLN A 606 6.61 68.43 -10.62
N ALA A 607 7.24 68.99 -11.65
CA ALA A 607 6.95 70.37 -12.04
C ALA A 607 5.50 70.50 -12.44
N ALA A 608 4.98 69.52 -13.17
CA ALA A 608 3.58 69.60 -13.58
C ALA A 608 2.66 69.48 -12.37
N LEU A 609 3.04 68.66 -11.38
CA LEU A 609 2.23 68.50 -10.19
C LEU A 609 2.34 69.73 -9.29
N GLN A 610 3.50 70.38 -9.25
CA GLN A 610 3.63 71.63 -8.50
C GLN A 610 2.70 72.69 -9.06
N GLU A 611 2.81 72.96 -10.36
CA GLU A 611 1.97 73.96 -11.00
C GLU A 611 0.49 73.68 -10.70
N LYS A 612 0.11 72.40 -10.69
CA LYS A 612 -1.26 72.01 -10.56
C LYS A 612 -1.78 72.12 -9.13
N LEU A 613 -0.94 71.79 -8.16
CA LEU A 613 -1.29 72.00 -6.76
C LEU A 613 -1.40 73.48 -6.43
N GLU A 614 -0.48 74.30 -6.97
CA GLU A 614 -0.52 75.74 -6.73
C GLU A 614 -1.74 76.38 -7.36
N GLN A 615 -2.35 75.73 -8.35
CA GLN A 615 -3.60 76.24 -8.90
C GLN A 615 -4.79 75.85 -8.02
N ILE A 616 -4.73 74.64 -7.46
CA ILE A 616 -5.80 74.15 -6.61
C ILE A 616 -6.01 75.06 -5.39
N TYR A 617 -4.93 75.65 -4.89
CA TYR A 617 -4.99 76.41 -3.65
C TYR A 617 -5.09 77.93 -3.85
N ASP A 618 -5.19 78.41 -5.08
CA ASP A 618 -5.38 79.85 -5.28
C ASP A 618 -6.71 80.10 -6.00
N LEU B 6 -32.27 -28.29 8.83
CA LEU B 6 -31.67 -26.97 8.96
C LEU B 6 -32.44 -25.93 8.18
N ALA B 7 -33.28 -25.18 8.89
CA ALA B 7 -33.99 -24.08 8.27
C ALA B 7 -33.02 -22.96 7.94
N LYS B 8 -33.56 -21.96 7.23
CA LYS B 8 -32.76 -20.95 6.56
C LYS B 8 -31.97 -20.12 7.58
N GLY B 9 -32.67 -19.54 8.53
CA GLY B 9 -32.01 -18.79 9.58
C GLY B 9 -31.81 -19.53 10.89
N GLU B 10 -32.20 -20.81 10.96
CA GLU B 10 -32.20 -21.60 12.19
C GLU B 10 -30.81 -22.05 12.66
N MET B 11 -29.74 -21.60 12.03
CA MET B 11 -28.43 -21.98 12.54
C MET B 11 -28.22 -21.20 13.84
N ASN B 12 -28.01 -21.91 14.93
CA ASN B 12 -27.88 -21.28 16.24
C ASN B 12 -26.40 -21.15 16.61
N LEU B 13 -25.87 -19.94 16.51
CA LEU B 13 -24.46 -19.73 16.77
C LEU B 13 -24.10 -20.03 18.23
N ASN B 14 -25.06 -20.03 19.14
CA ASN B 14 -24.74 -20.33 20.53
C ASN B 14 -24.28 -21.77 20.75
N ALA B 15 -24.59 -22.68 19.84
CA ALA B 15 -24.19 -24.06 20.03
C ALA B 15 -22.80 -24.34 19.53
N LEU B 16 -22.14 -23.36 18.92
CA LEU B 16 -20.87 -23.58 18.24
C LEU B 16 -19.71 -22.99 19.01
N PHE B 17 -19.93 -22.53 20.24
CA PHE B 17 -18.87 -22.00 21.08
C PHE B 17 -18.96 -22.60 22.48
N ILE B 18 -17.79 -22.79 23.08
CA ILE B 18 -17.71 -23.24 24.46
C ILE B 18 -18.51 -22.29 25.35
N GLY B 19 -18.38 -20.99 25.12
CA GLY B 19 -19.22 -20.03 25.80
C GLY B 19 -18.43 -19.00 26.60
N ASP B 20 -19.01 -17.80 26.74
CA ASP B 20 -18.38 -16.75 27.53
C ASP B 20 -18.11 -17.18 28.97
N LYS B 21 -18.99 -18.02 29.54
CA LYS B 21 -18.85 -18.60 30.88
C LYS B 21 -19.03 -20.14 30.84
N ALA B 22 -18.41 -20.77 29.83
CA ALA B 22 -18.33 -22.24 29.67
C ALA B 22 -19.71 -22.91 29.69
N GLU B 23 -20.74 -22.22 29.24
CA GLU B 23 -22.09 -22.80 29.27
C GLU B 23 -22.17 -24.07 28.45
N ASN B 24 -21.39 -24.16 27.37
CA ASN B 24 -21.28 -25.37 26.56
C ASN B 24 -20.03 -26.18 26.88
N GLY B 25 -19.53 -26.09 28.11
CA GLY B 25 -18.32 -26.81 28.48
C GLY B 25 -18.52 -28.32 28.51
N GLN B 26 -19.66 -28.78 29.04
CA GLN B 26 -19.93 -30.21 29.10
C GLN B 26 -20.07 -30.81 27.70
N LEU B 27 -20.75 -30.09 26.80
CA LEU B 27 -20.86 -30.54 25.41
C LEU B 27 -19.48 -30.64 24.75
N TYR B 28 -18.63 -29.62 24.95
CA TYR B 28 -17.27 -29.65 24.41
C TYR B 28 -16.53 -30.87 24.94
N LYS B 29 -16.60 -31.08 26.25
CA LYS B 29 -15.91 -32.21 26.87
C LYS B 29 -16.44 -33.55 26.34
N ASP B 30 -17.77 -33.70 26.27
CA ASP B 30 -18.33 -34.95 25.79
C ASP B 30 -17.90 -35.25 24.36
N LEU B 31 -17.95 -34.24 23.49
CA LEU B 31 -17.54 -34.46 22.10
C LEU B 31 -16.06 -34.72 22.01
N LEU B 32 -15.25 -34.04 22.83
CA LEU B 32 -13.80 -34.26 22.82
C LEU B 32 -13.46 -35.70 23.19
N ILE B 33 -14.07 -36.22 24.25
CA ILE B 33 -13.79 -37.58 24.66
C ILE B 33 -14.32 -38.58 23.64
N ASP B 34 -15.47 -38.30 23.04
CA ASP B 34 -15.97 -39.20 22.01
C ASP B 34 -14.99 -39.30 20.86
N LEU B 35 -14.45 -38.15 20.44
CA LEU B 35 -13.48 -38.15 19.35
C LEU B 35 -12.21 -38.89 19.76
N VAL B 36 -11.68 -38.59 20.94
CA VAL B 36 -10.48 -39.28 21.41
C VAL B 36 -10.73 -40.79 21.48
N ASP B 37 -11.88 -41.20 22.03
CA ASP B 37 -12.16 -42.63 22.11
C ASP B 37 -12.21 -43.24 20.72
N GLU B 38 -12.81 -42.53 19.76
CA GLU B 38 -12.81 -43.03 18.40
C GLU B 38 -11.39 -43.11 17.82
N HIS B 39 -10.50 -42.19 18.19
CA HIS B 39 -9.12 -42.32 17.73
C HIS B 39 -8.41 -43.49 18.38
N LEU B 40 -8.55 -43.64 19.70
CA LEU B 40 -7.86 -44.71 20.41
C LEU B 40 -8.30 -46.08 19.92
N GLY B 41 -9.61 -46.26 19.67
CA GLY B 41 -10.08 -47.53 19.14
C GLY B 41 -9.50 -47.81 17.76
N TRP B 42 -9.31 -46.78 16.97
CA TRP B 42 -8.63 -46.96 15.69
C TRP B 42 -7.19 -47.44 15.88
N ARG B 43 -6.50 -46.95 16.91
CA ARG B 43 -5.16 -47.44 17.22
C ARG B 43 -5.18 -48.93 17.56
N GLN B 44 -6.14 -49.33 18.38
CA GLN B 44 -6.16 -50.70 18.91
C GLN B 44 -6.45 -51.72 17.83
N ASN B 45 -7.18 -51.34 16.78
CA ASN B 45 -7.61 -52.31 15.79
C ASN B 45 -6.82 -52.23 14.49
N TYR B 46 -5.74 -51.46 14.47
CA TYR B 46 -4.67 -51.72 13.52
C TYR B 46 -3.84 -52.86 14.08
N MET B 47 -3.81 -53.99 13.38
CA MET B 47 -3.19 -55.24 13.82
C MET B 47 -3.62 -55.60 15.23
N PRO B 48 -4.90 -55.93 15.43
CA PRO B 48 -5.37 -56.31 16.77
C PRO B 48 -4.70 -57.57 17.33
N GLN B 49 -4.00 -58.36 16.50
CA GLN B 49 -3.25 -59.49 17.03
C GLN B 49 -2.03 -59.05 17.83
N ASP B 50 -1.59 -57.80 17.68
CA ASP B 50 -0.44 -57.31 18.43
C ASP B 50 -0.82 -57.07 19.89
N MET B 51 -0.03 -57.59 20.81
CA MET B 51 -0.27 -57.32 22.23
C MET B 51 0.34 -55.96 22.63
N PRO B 52 -0.21 -55.31 23.65
CA PRO B 52 0.32 -54.00 24.06
C PRO B 52 1.77 -54.12 24.49
N VAL B 53 2.62 -53.20 24.04
CA VAL B 53 4.06 -53.24 24.38
C VAL B 53 4.24 -52.68 25.79
N ILE B 54 3.43 -51.70 26.17
CA ILE B 54 3.48 -51.19 27.56
C ILE B 54 2.68 -52.15 28.44
N SER B 55 3.35 -52.79 29.38
CA SER B 55 2.73 -53.80 30.28
C SER B 55 1.90 -53.18 31.40
N SER B 56 1.02 -53.97 32.00
CA SER B 56 0.19 -53.52 33.13
C SER B 56 1.08 -53.23 34.33
N GLN B 57 2.10 -54.03 34.53
CA GLN B 57 3.02 -53.88 35.67
C GLN B 57 3.87 -52.62 35.48
N GLU B 58 4.13 -52.25 34.24
CA GLU B 58 4.95 -51.05 33.93
C GLU B 58 4.15 -49.82 34.32
N ARG B 59 2.84 -49.83 34.11
CA ARG B 59 1.96 -48.68 34.40
C ARG B 59 1.68 -48.53 35.89
N THR B 60 2.09 -49.50 36.70
CA THR B 60 1.90 -49.47 38.17
C THR B 60 3.27 -49.40 38.84
N SER B 61 4.33 -49.28 38.05
CA SER B 61 5.72 -49.21 38.57
C SER B 61 5.99 -47.85 39.19
N LYS B 62 6.99 -47.77 40.07
CA LYS B 62 7.35 -46.52 40.76
C LYS B 62 8.00 -45.55 39.78
N SER B 63 8.88 -46.04 38.91
CA SER B 63 9.49 -45.18 37.88
C SER B 63 8.38 -44.55 37.06
N TYR B 64 7.43 -45.37 36.64
CA TYR B 64 6.31 -44.88 35.84
C TYR B 64 5.49 -43.88 36.64
N GLU B 65 5.20 -44.22 37.90
CA GLU B 65 4.45 -43.29 38.73
C GLU B 65 5.22 -41.98 38.91
N LYS B 66 6.52 -42.07 39.17
CA LYS B 66 7.28 -40.84 39.38
C LYS B 66 7.34 -39.99 38.10
N THR B 67 7.39 -40.63 36.92
CA THR B 67 7.39 -39.90 35.66
C THR B 67 6.05 -39.20 35.43
N VAL B 68 4.94 -39.88 35.75
CA VAL B 68 3.63 -39.24 35.65
C VAL B 68 3.55 -38.05 36.58
N ASN B 69 4.10 -38.17 37.80
CA ASN B 69 4.08 -37.04 38.73
C ASN B 69 4.93 -35.90 38.21
N HIS B 70 6.06 -36.22 37.59
CA HIS B 70 6.89 -35.19 36.97
C HIS B 70 6.14 -34.49 35.83
N MET B 71 5.44 -35.27 35.00
CA MET B 71 4.61 -34.66 33.96
C MET B 71 3.49 -33.81 34.54
N LYS B 72 2.86 -34.27 35.62
CA LYS B 72 1.81 -33.48 36.25
C LYS B 72 2.35 -32.16 36.80
N ASP B 73 3.59 -32.18 37.31
CA ASP B 73 4.20 -30.95 37.82
C ASP B 73 4.35 -29.93 36.71
N VAL B 74 4.88 -30.36 35.57
CA VAL B 74 5.08 -29.47 34.44
C VAL B 74 3.74 -28.93 33.93
N LEU B 75 2.73 -29.79 33.83
CA LEU B 75 1.43 -29.32 33.37
C LEU B 75 0.85 -28.29 34.33
N ASN B 76 1.04 -28.49 35.63
CA ASN B 76 0.52 -27.55 36.60
C ASN B 76 1.25 -26.20 36.52
N GLU B 77 2.54 -26.23 36.21
CA GLU B 77 3.26 -24.99 35.95
C GLU B 77 2.70 -24.29 34.71
N ILE B 78 2.51 -25.06 33.62
CA ILE B 78 1.88 -24.49 32.43
C ILE B 78 0.51 -23.94 32.79
N SER B 79 -0.28 -24.71 33.56
CA SER B 79 -1.61 -24.24 33.93
C SER B 79 -1.56 -22.96 34.76
N SER B 80 -0.65 -22.88 35.73
CA SER B 80 -0.53 -21.67 36.53
C SER B 80 -0.16 -20.45 35.69
N ARG B 81 0.82 -20.61 34.81
CA ARG B 81 1.25 -19.48 33.96
C ARG B 81 0.12 -19.05 33.03
N MET B 82 -0.50 -19.97 32.29
CA MET B 82 -1.59 -19.61 31.39
C MET B 82 -2.72 -18.90 32.13
N ARG B 83 -3.07 -19.38 33.32
CA ARG B 83 -4.24 -18.84 34.00
C ARG B 83 -3.96 -17.52 34.69
N THR B 84 -2.70 -17.08 34.70
CA THR B 84 -2.29 -15.79 35.27
C THR B 84 -2.24 -14.66 34.23
N HIS B 85 -1.66 -14.91 33.05
CA HIS B 85 -1.32 -13.86 32.09
C HIS B 85 -2.14 -13.90 30.81
N SER B 86 -2.94 -14.93 30.57
CA SER B 86 -3.69 -15.00 29.32
C SER B 86 -4.79 -13.94 29.28
N VAL B 87 -5.16 -13.55 28.07
CA VAL B 87 -6.11 -12.45 27.90
C VAL B 87 -7.53 -13.02 27.90
N PRO B 88 -8.45 -12.48 28.73
CA PRO B 88 -9.81 -13.04 28.86
C PRO B 88 -10.81 -12.52 27.82
N TRP B 89 -10.44 -12.55 26.53
CA TRP B 89 -11.33 -12.13 25.46
C TRP B 89 -12.48 -13.09 25.16
N HIS B 90 -12.63 -14.20 25.87
CA HIS B 90 -13.80 -15.08 25.76
C HIS B 90 -15.06 -14.45 26.33
N THR B 91 -14.89 -13.37 27.11
CA THR B 91 -16.00 -12.69 27.74
C THR B 91 -16.97 -12.16 26.71
N ALA B 92 -18.24 -12.08 27.10
CA ALA B 92 -19.30 -11.79 26.15
C ALA B 92 -19.27 -10.34 25.68
N GLY B 93 -18.99 -9.40 26.60
CA GLY B 93 -19.04 -7.98 26.28
C GLY B 93 -18.12 -7.09 27.10
N ARG B 94 -16.92 -7.57 27.42
CA ARG B 94 -15.95 -6.78 28.15
C ARG B 94 -14.65 -6.58 27.41
N TYR B 95 -14.39 -7.34 26.36
CA TYR B 95 -13.15 -7.24 25.61
C TYR B 95 -13.42 -6.49 24.32
N TRP B 96 -12.80 -5.31 24.17
CA TRP B 96 -12.98 -4.48 22.98
C TRP B 96 -11.60 -4.08 22.46
N GLY B 97 -10.85 -5.07 21.99
CA GLY B 97 -9.47 -4.86 21.57
C GLY B 97 -9.05 -5.56 20.30
N HIS B 98 -8.07 -6.46 20.41
CA HIS B 98 -7.45 -7.07 19.23
C HIS B 98 -8.40 -8.03 18.53
N MET B 99 -7.96 -8.49 17.36
CA MET B 99 -8.74 -9.38 16.49
C MET B 99 -8.85 -10.78 17.09
N ASN B 100 -9.57 -10.89 18.20
CA ASN B 100 -9.51 -12.08 19.03
C ASN B 100 -10.80 -12.21 19.81
N SER B 101 -11.48 -13.34 19.64
CA SER B 101 -12.55 -13.72 20.55
C SER B 101 -12.44 -15.21 20.84
N GLU B 102 -13.58 -15.84 21.08
CA GLU B 102 -13.66 -17.28 21.16
C GLU B 102 -13.50 -17.85 19.75
N THR B 103 -13.04 -19.09 19.64
CA THR B 103 -13.00 -19.77 18.35
C THR B 103 -14.07 -20.86 18.32
N LEU B 104 -14.41 -21.30 17.10
CA LEU B 104 -15.51 -22.24 16.91
C LEU B 104 -15.19 -23.59 17.54
N MET B 105 -16.13 -24.08 18.35
CA MET B 105 -15.98 -25.40 18.97
C MET B 105 -15.70 -26.50 17.95
N PRO B 106 -16.44 -26.62 16.83
CA PRO B 106 -16.09 -27.67 15.86
C PRO B 106 -14.66 -27.59 15.35
N SER B 107 -14.05 -26.40 15.27
CA SER B 107 -12.65 -26.29 14.89
C SER B 107 -11.74 -26.81 15.98
N LEU B 108 -11.96 -26.38 17.22
CA LEU B 108 -11.17 -26.89 18.34
C LEU B 108 -11.21 -28.41 18.37
N LEU B 109 -12.41 -28.99 18.28
CA LEU B 109 -12.55 -30.44 18.40
C LEU B 109 -11.84 -31.14 17.26
N ALA B 110 -12.06 -30.68 16.03
CA ALA B 110 -11.40 -31.29 14.88
C ALA B 110 -9.88 -31.19 14.98
N TYR B 111 -9.35 -30.09 15.50
CA TYR B 111 -7.89 -29.97 15.58
C TYR B 111 -7.33 -31.02 16.53
N ASN B 112 -7.86 -31.09 17.75
CA ASN B 112 -7.34 -32.04 18.73
C ASN B 112 -7.47 -33.48 18.24
N PHE B 113 -8.59 -33.80 17.60
CA PHE B 113 -8.82 -35.12 17.02
C PHE B 113 -7.75 -35.45 16.00
N ALA B 114 -7.59 -34.58 15.00
CA ALA B 114 -6.69 -34.86 13.89
C ALA B 114 -5.24 -34.88 14.36
N MET B 115 -4.90 -34.03 15.32
CA MET B 115 -3.55 -33.98 15.87
C MET B 115 -3.11 -35.33 16.45
N LEU B 116 -4.06 -36.15 16.93
CA LEU B 116 -3.67 -37.46 17.47
C LEU B 116 -3.06 -38.37 16.41
N TRP B 117 -3.41 -38.15 15.15
CA TRP B 117 -2.81 -38.84 14.01
C TRP B 117 -1.54 -38.16 13.52
N ASN B 118 -1.41 -36.85 13.75
CA ASN B 118 -0.22 -36.06 13.45
C ASN B 118 0.18 -36.14 11.97
N GLY B 119 -0.80 -36.00 11.09
CA GLY B 119 -0.50 -36.01 9.68
C GLY B 119 0.15 -34.73 9.20
N ASN B 120 1.06 -34.87 8.24
CA ASN B 120 1.76 -33.76 7.61
C ASN B 120 1.18 -33.53 6.21
N ASN B 121 0.66 -32.33 5.99
CA ASN B 121 0.02 -32.08 4.71
C ASN B 121 0.98 -31.71 3.59
N VAL B 122 2.29 -31.62 3.87
CA VAL B 122 3.25 -31.28 2.83
C VAL B 122 3.33 -32.37 1.76
N ALA B 123 2.87 -33.57 2.08
CA ALA B 123 2.86 -34.67 1.14
C ALA B 123 1.63 -35.52 1.38
N TYR B 124 0.86 -35.76 0.30
CA TYR B 124 -0.38 -36.51 0.38
C TYR B 124 -0.19 -37.85 1.09
N GLU B 125 0.95 -38.52 0.83
CA GLU B 125 1.18 -39.85 1.36
C GLU B 125 1.17 -39.86 2.88
N SER B 126 1.54 -38.75 3.50
CA SER B 126 1.60 -38.68 4.96
C SER B 126 0.22 -38.73 5.59
N SER B 127 -0.75 -38.00 5.03
CA SER B 127 -2.09 -37.93 5.60
C SER B 127 -3.08 -37.67 4.49
N PRO B 128 -3.49 -38.74 3.77
CA PRO B 128 -4.39 -38.56 2.63
C PRO B 128 -5.70 -37.86 2.95
N ALA B 129 -6.32 -38.17 4.09
CA ALA B 129 -7.62 -37.60 4.40
C ALA B 129 -7.52 -36.10 4.66
N THR B 130 -6.48 -35.66 5.41
CA THR B 130 -6.33 -34.24 5.69
C THR B 130 -5.79 -33.47 4.48
N SER B 131 -5.06 -34.13 3.58
CA SER B 131 -4.68 -33.47 2.34
C SER B 131 -5.89 -33.24 1.48
N GLN B 132 -6.75 -34.24 1.42
CA GLN B 132 -8.01 -34.09 0.72
C GLN B 132 -8.82 -32.95 1.32
N MET B 133 -8.85 -32.84 2.65
CA MET B 133 -9.60 -31.74 3.25
C MET B 133 -9.00 -30.39 2.87
N GLU B 134 -7.66 -30.29 2.82
CA GLU B 134 -7.05 -29.01 2.49
C GLU B 134 -7.30 -28.64 1.03
N GLU B 135 -7.26 -29.63 0.13
CA GLU B 135 -7.68 -29.40 -1.24
C GLU B 135 -9.12 -28.89 -1.31
N GLU B 136 -10.02 -29.50 -0.54
CA GLU B 136 -11.41 -29.01 -0.51
C GLU B 136 -11.51 -27.63 0.13
N VAL B 137 -10.65 -27.31 1.09
CA VAL B 137 -10.64 -25.96 1.64
C VAL B 137 -10.25 -24.94 0.57
N GLY B 138 -9.27 -25.27 -0.26
CA GLY B 138 -8.84 -24.33 -1.27
C GLY B 138 -9.92 -24.01 -2.28
N HIS B 139 -10.63 -25.04 -2.75
CA HIS B 139 -11.77 -24.78 -3.61
C HIS B 139 -12.86 -24.01 -2.89
N GLU B 140 -12.98 -24.20 -1.57
CA GLU B 140 -13.94 -23.39 -0.83
C GLU B 140 -13.46 -21.95 -0.72
N PHE B 141 -12.15 -21.76 -0.55
CA PHE B 141 -11.58 -20.43 -0.67
C PHE B 141 -11.90 -19.82 -2.03
N ALA B 142 -11.74 -20.61 -3.10
CA ALA B 142 -11.93 -20.09 -4.44
C ALA B 142 -13.38 -19.68 -4.68
N HIS B 143 -14.34 -20.51 -4.24
CA HIS B 143 -15.74 -20.16 -4.40
C HIS B 143 -16.13 -19.00 -3.50
N LEU B 144 -15.49 -18.84 -2.34
CA LEU B 144 -15.78 -17.69 -1.50
C LEU B 144 -15.46 -16.39 -2.22
N MET B 145 -14.48 -16.43 -3.09
CA MET B 145 -14.03 -15.29 -3.86
C MET B 145 -14.71 -15.22 -5.23
N SER B 146 -15.67 -16.12 -5.48
CA SER B 146 -16.42 -16.13 -6.75
C SER B 146 -15.49 -16.37 -7.94
N TYR B 147 -14.38 -17.05 -7.71
CA TYR B 147 -13.47 -17.45 -8.81
C TYR B 147 -14.04 -18.69 -9.49
N LYS B 148 -13.79 -18.88 -10.78
CA LYS B 148 -14.43 -20.00 -11.50
C LYS B 148 -13.44 -21.12 -11.75
N ASN B 149 -12.20 -20.77 -12.07
CA ASN B 149 -11.16 -21.82 -12.22
C ASN B 149 -9.99 -21.41 -11.33
N GLY B 150 -10.27 -21.26 -10.04
CA GLY B 150 -9.22 -20.86 -9.09
C GLY B 150 -8.82 -21.97 -8.16
N TRP B 151 -8.08 -21.62 -7.13
CA TRP B 151 -7.58 -22.61 -6.17
C TRP B 151 -7.18 -21.87 -4.92
N GLY B 152 -6.63 -22.59 -3.95
CA GLY B 152 -6.15 -21.95 -2.72
C GLY B 152 -5.57 -23.01 -1.82
N HIS B 153 -4.98 -22.56 -0.72
CA HIS B 153 -4.45 -23.50 0.25
C HIS B 153 -4.25 -22.78 1.58
N ILE B 154 -3.96 -23.58 2.62
CA ILE B 154 -3.74 -23.04 3.95
C ILE B 154 -2.30 -22.58 4.07
N VAL B 155 -2.11 -21.38 4.59
CA VAL B 155 -0.77 -20.85 4.82
C VAL B 155 -0.59 -20.73 6.32
N ALA B 156 0.66 -20.84 6.79
CA ALA B 156 0.91 -20.76 8.23
C ALA B 156 0.30 -19.51 8.87
N ASP B 157 0.36 -18.37 8.17
CA ASP B 157 -0.32 -17.16 8.63
C ASP B 157 -0.50 -16.20 7.46
N GLY B 158 -1.09 -15.03 7.75
CA GLY B 158 -1.36 -14.05 6.71
C GLY B 158 -0.11 -13.37 6.19
N SER B 159 0.87 -13.12 7.08
CA SER B 159 2.14 -12.54 6.64
C SER B 159 2.79 -13.38 5.55
N LEU B 160 2.83 -14.71 5.75
CA LEU B 160 3.44 -15.56 4.74
C LEU B 160 2.56 -15.65 3.52
N ALA B 161 1.25 -15.50 3.70
CA ALA B 161 0.38 -15.50 2.54
C ALA B 161 0.62 -14.26 1.69
N ASN B 162 0.95 -13.14 2.32
CA ASN B 162 1.36 -11.96 1.58
C ASN B 162 2.68 -12.18 0.85
N LEU B 163 3.65 -12.79 1.53
CA LEU B 163 4.92 -13.12 0.86
C LEU B 163 4.70 -14.10 -0.28
N GLU B 164 3.80 -15.07 -0.10
CA GLU B 164 3.53 -15.99 -1.19
C GLU B 164 2.83 -15.30 -2.35
N GLY B 165 1.95 -14.33 -2.05
CA GLY B 165 1.32 -13.58 -3.12
C GLY B 165 2.33 -12.75 -3.90
N LEU B 166 3.29 -12.15 -3.19
CA LEU B 166 4.33 -11.38 -3.84
C LEU B 166 5.28 -12.29 -4.63
N TRP B 167 5.53 -13.51 -4.13
CA TRP B 167 6.27 -14.50 -4.91
C TRP B 167 5.59 -14.75 -6.23
N TYR B 168 4.26 -14.80 -6.23
CA TYR B 168 3.50 -14.97 -7.45
C TYR B 168 3.69 -13.78 -8.40
N ALA B 169 3.39 -12.56 -7.91
CA ALA B 169 3.46 -11.38 -8.77
C ALA B 169 4.86 -11.19 -9.34
N ARG B 170 5.89 -11.42 -8.51
CA ARG B 170 7.27 -11.30 -8.97
C ARG B 170 7.57 -12.29 -10.11
N ASN B 171 7.15 -13.54 -9.97
CA ASN B 171 7.43 -14.51 -11.03
C ASN B 171 6.57 -14.26 -12.27
N ILE B 172 5.30 -13.90 -12.08
CA ILE B 172 4.43 -13.72 -13.23
C ILE B 172 4.90 -12.57 -14.12
N LYS B 173 5.26 -11.39 -13.51
CA LYS B 173 5.70 -10.22 -14.28
C LYS B 173 7.01 -10.51 -15.02
N SER B 174 7.83 -11.44 -14.52
CA SER B 174 9.12 -11.70 -15.17
C SER B 174 9.01 -12.68 -16.33
N LEU B 175 7.87 -13.34 -16.48
CA LEU B 175 7.73 -14.38 -17.50
C LEU B 175 7.81 -13.90 -18.95
N PRO B 176 7.17 -12.76 -19.31
CA PRO B 176 7.35 -12.27 -20.69
C PRO B 176 8.81 -12.16 -21.11
N PHE B 177 9.66 -11.53 -20.26
CA PHE B 177 11.10 -11.51 -20.55
C PHE B 177 11.65 -12.92 -20.72
N ALA B 178 11.26 -13.84 -19.85
CA ALA B 178 11.80 -15.18 -19.96
C ALA B 178 11.24 -15.93 -21.18
N MET B 179 10.07 -15.52 -21.69
CA MET B 179 9.56 -16.06 -22.94
C MET B 179 10.33 -15.50 -24.14
N LYS B 180 10.89 -14.29 -23.97
CA LYS B 180 11.70 -13.62 -25.00
C LYS B 180 12.99 -14.35 -25.22
N GLU B 181 13.51 -14.90 -24.14
CA GLU B 181 14.83 -15.50 -24.10
C GLU B 181 14.85 -16.96 -24.45
N VAL B 182 13.69 -17.63 -24.44
CA VAL B 182 13.69 -19.08 -24.63
C VAL B 182 12.84 -19.46 -25.83
N LYS B 183 11.76 -18.72 -26.05
CA LYS B 183 10.83 -19.02 -27.14
C LYS B 183 10.18 -17.73 -27.57
N PRO B 184 10.94 -16.86 -28.24
CA PRO B 184 10.41 -15.54 -28.60
C PRO B 184 9.22 -15.59 -29.54
N GLU B 185 8.92 -16.76 -30.11
CA GLU B 185 7.71 -16.90 -30.91
C GLU B 185 6.46 -16.49 -30.14
N LEU B 186 6.45 -16.78 -28.83
CA LEU B 186 5.28 -16.53 -28.00
C LEU B 186 5.01 -15.03 -27.85
N VAL B 187 6.06 -14.22 -27.74
CA VAL B 187 5.91 -12.78 -27.59
C VAL B 187 6.49 -12.04 -28.78
N ALA B 188 6.30 -12.62 -29.97
CA ALA B 188 6.79 -12.04 -31.21
C ALA B 188 6.23 -10.64 -31.43
N GLY B 189 7.11 -9.72 -31.83
CA GLY B 189 6.75 -8.36 -32.13
C GLY B 189 6.12 -7.65 -30.96
N LYS B 190 6.78 -7.72 -29.81
CA LYS B 190 6.34 -7.02 -28.60
C LYS B 190 7.51 -6.20 -28.07
N SER B 191 7.30 -4.91 -27.92
CA SER B 191 8.34 -4.07 -27.33
C SER B 191 8.63 -4.53 -25.90
N ASP B 192 9.75 -4.04 -25.36
CA ASP B 192 10.09 -4.37 -23.97
C ASP B 192 9.01 -3.87 -23.01
N TRP B 193 8.49 -2.66 -23.25
CA TRP B 193 7.42 -2.12 -22.41
C TRP B 193 6.13 -2.92 -22.52
N GLU B 194 5.86 -3.52 -23.69
CA GLU B 194 4.66 -4.34 -23.83
C GLU B 194 4.79 -5.63 -23.03
N LEU B 195 5.99 -6.21 -22.99
CA LEU B 195 6.19 -7.40 -22.18
C LEU B 195 5.92 -7.11 -20.71
N LEU B 196 6.35 -5.94 -20.22
CA LEU B 196 6.12 -5.53 -18.83
C LEU B 196 4.70 -5.01 -18.60
N ASN B 197 3.77 -5.27 -19.50
CA ASN B 197 2.39 -4.87 -19.24
C ASN B 197 1.35 -5.84 -19.80
N MET B 198 1.72 -7.10 -20.04
CA MET B 198 0.73 -8.09 -20.46
C MET B 198 -0.16 -8.46 -19.28
N PRO B 199 -1.48 -8.51 -19.45
CA PRO B 199 -2.33 -8.98 -18.36
C PRO B 199 -1.98 -10.39 -17.97
N THR B 200 -2.19 -10.71 -16.69
CA THR B 200 -1.77 -12.01 -16.18
C THR B 200 -2.38 -13.14 -16.99
N LYS B 201 -3.65 -13.00 -17.39
CA LYS B 201 -4.32 -14.05 -18.15
C LYS B 201 -3.60 -14.34 -19.47
N GLU B 202 -3.22 -13.28 -20.19
CA GLU B 202 -2.44 -13.48 -21.41
C GLU B 202 -1.14 -14.21 -21.11
N ILE B 203 -0.41 -13.76 -20.09
CA ILE B 203 0.84 -14.42 -19.75
C ILE B 203 0.60 -15.90 -19.48
N MET B 204 -0.43 -16.20 -18.70
CA MET B 204 -0.69 -17.60 -18.37
C MET B 204 -1.11 -18.40 -19.60
N ASP B 205 -1.93 -17.80 -20.47
CA ASP B 205 -2.31 -18.50 -21.69
C ASP B 205 -1.07 -18.82 -22.55
N LEU B 206 -0.14 -17.87 -22.66
CA LEU B 206 1.08 -18.13 -23.44
C LEU B 206 1.95 -19.19 -22.77
N LEU B 207 2.09 -19.12 -21.44
CA LEU B 207 2.97 -20.05 -20.75
C LEU B 207 2.50 -21.49 -20.93
N GLU B 208 1.20 -21.72 -20.76
CA GLU B 208 0.66 -23.06 -20.90
C GLU B 208 0.68 -23.53 -22.34
N SER B 209 0.70 -22.60 -23.30
CA SER B 209 0.80 -23.00 -24.71
C SER B 209 2.15 -23.64 -25.01
N ALA B 210 3.23 -23.12 -24.42
CA ALA B 210 4.57 -23.64 -24.67
C ALA B 210 4.82 -24.83 -23.76
N GLU B 211 4.11 -25.92 -24.06
CA GLU B 211 4.05 -27.07 -23.15
C GLU B 211 5.43 -27.61 -22.85
N ASP B 212 6.19 -27.96 -23.89
CA ASP B 212 7.46 -28.63 -23.65
C ASP B 212 8.54 -27.71 -23.12
N GLU B 213 8.32 -26.40 -23.11
CA GLU B 213 9.40 -25.44 -22.74
C GLU B 213 9.08 -24.68 -21.46
N ILE B 214 8.04 -25.05 -20.73
CA ILE B 214 7.63 -24.32 -19.50
C ILE B 214 8.79 -24.26 -18.51
N ASP B 215 9.44 -25.38 -18.25
CA ASP B 215 10.50 -25.41 -17.22
C ASP B 215 11.70 -24.54 -17.60
N GLU B 216 12.06 -24.45 -18.88
CA GLU B 216 13.17 -23.54 -19.25
C GLU B 216 12.74 -22.08 -19.11
N ILE B 217 11.50 -21.78 -19.47
CA ILE B 217 10.97 -20.40 -19.31
C ILE B 217 11.02 -20.03 -17.82
N LYS B 218 10.70 -20.97 -16.93
CA LYS B 218 10.66 -20.67 -15.48
C LYS B 218 12.08 -20.52 -14.95
N ALA B 219 13.03 -21.14 -15.63
CA ALA B 219 14.44 -21.07 -15.19
C ALA B 219 15.05 -19.72 -15.53
N HIS B 220 14.43 -18.98 -16.46
CA HIS B 220 14.93 -17.63 -16.83
C HIS B 220 14.02 -16.60 -16.16
N SER B 221 13.13 -17.05 -15.30
CA SER B 221 12.25 -16.12 -14.55
C SER B 221 12.97 -15.56 -13.34
N ALA B 222 12.25 -14.92 -12.42
CA ALA B 222 12.86 -14.35 -11.21
C ALA B 222 13.36 -15.49 -10.32
N ARG B 223 12.95 -16.71 -10.62
CA ARG B 223 13.43 -17.88 -9.87
C ARG B 223 14.94 -17.95 -10.03
N SER B 224 15.47 -17.41 -11.11
CA SER B 224 16.93 -17.44 -11.41
C SER B 224 17.69 -16.38 -10.63
N GLY B 225 17.05 -15.27 -10.29
CA GLY B 225 17.73 -14.19 -9.55
C GLY B 225 17.99 -12.98 -10.40
N LYS B 226 17.41 -12.93 -11.60
CA LYS B 226 17.68 -11.81 -12.54
C LYS B 226 16.43 -10.99 -12.83
N HIS B 227 16.60 -9.72 -13.20
CA HIS B 227 15.48 -8.82 -13.60
C HIS B 227 14.58 -8.51 -12.41
N LEU B 228 15.13 -8.48 -11.21
CA LEU B 228 14.28 -8.29 -10.01
C LEU B 228 14.00 -6.80 -9.83
N GLN B 229 14.78 -5.95 -10.51
CA GLN B 229 14.57 -4.49 -10.38
C GLN B 229 13.87 -3.98 -11.64
N ALA B 230 13.72 -4.84 -12.64
CA ALA B 230 13.08 -4.44 -13.91
C ALA B 230 11.60 -4.77 -13.89
N ILE B 231 11.16 -5.58 -12.93
CA ILE B 231 9.74 -6.04 -12.93
C ILE B 231 8.87 -4.94 -12.38
N GLY B 232 9.46 -4.02 -11.63
CA GLY B 232 8.64 -2.88 -11.24
C GLY B 232 8.44 -2.63 -9.78
N LYS B 233 7.56 -1.68 -9.49
CA LYS B 233 7.31 -1.26 -8.11
C LYS B 233 6.09 -1.98 -7.56
N TRP B 234 6.13 -2.22 -6.25
CA TRP B 234 5.03 -2.80 -5.50
C TRP B 234 4.30 -1.66 -4.77
N LEU B 235 3.04 -1.44 -5.12
CA LEU B 235 2.29 -0.29 -4.62
C LEU B 235 1.36 -0.75 -3.50
N VAL B 236 1.51 -0.13 -2.32
CA VAL B 236 0.73 -0.52 -1.15
C VAL B 236 0.16 0.73 -0.50
N PRO B 237 -0.93 0.58 0.26
CA PRO B 237 -1.43 1.72 1.03
C PRO B 237 -0.40 2.24 2.01
N GLN B 238 -0.56 3.50 2.40
CA GLN B 238 0.34 4.08 3.38
C GLN B 238 0.24 3.33 4.69
N THR B 239 -0.91 2.71 4.95
CA THR B 239 -1.24 2.00 6.17
C THR B 239 -1.01 0.50 6.04
N LYS B 240 -0.06 0.11 5.20
CA LYS B 240 0.27 -1.29 5.00
C LYS B 240 0.56 -1.96 6.32
N HIS B 241 0.29 -3.27 6.37
CA HIS B 241 0.77 -4.12 7.44
C HIS B 241 2.26 -4.40 7.20
N TYR B 242 3.04 -4.44 8.28
CA TYR B 242 4.49 -4.55 8.10
C TYR B 242 4.91 -5.83 7.38
N SER B 243 3.99 -6.79 7.26
CA SER B 243 4.26 -8.00 6.50
C SER B 243 4.61 -7.70 5.04
N TRP B 244 4.18 -6.55 4.53
CA TRP B 244 4.56 -6.16 3.18
C TRP B 244 6.00 -5.66 3.10
N LEU B 245 6.42 -4.85 4.08
CA LEU B 245 7.82 -4.46 4.13
C LEU B 245 8.71 -5.70 4.18
N LYS B 246 8.37 -6.63 5.08
CA LYS B 246 9.13 -7.88 5.15
C LYS B 246 9.04 -8.64 3.83
N ALA B 247 7.88 -8.62 3.18
CA ALA B 247 7.72 -9.39 1.94
C ALA B 247 8.63 -8.86 0.83
N ALA B 248 8.68 -7.53 0.68
CA ALA B 248 9.56 -6.95 -0.34
C ALA B 248 11.01 -7.31 -0.05
N ASP B 249 11.44 -7.07 1.19
CA ASP B 249 12.74 -7.50 1.70
C ASP B 249 13.03 -8.97 1.37
N ILE B 250 12.16 -9.87 1.81
CA ILE B 250 12.43 -11.30 1.68
C ILE B 250 12.40 -11.73 0.22
N ILE B 251 11.40 -11.27 -0.54
CA ILE B 251 11.20 -11.79 -1.89
C ILE B 251 12.22 -11.29 -2.89
N GLY B 252 13.00 -10.27 -2.54
CA GLY B 252 14.16 -9.86 -3.33
C GLY B 252 14.03 -8.55 -4.09
N ILE B 253 12.83 -8.00 -4.24
CA ILE B 253 12.71 -6.70 -4.89
C ILE B 253 13.24 -5.62 -3.97
N GLY B 254 13.13 -5.81 -2.66
CA GLY B 254 13.75 -4.92 -1.71
C GLY B 254 12.79 -3.87 -1.19
N LEU B 255 13.12 -3.32 -0.02
CA LEU B 255 12.31 -2.27 0.58
C LEU B 255 12.21 -1.03 -0.30
N ASP B 256 13.21 -0.81 -1.17
CA ASP B 256 13.26 0.38 -1.99
C ASP B 256 12.27 0.34 -3.17
N GLN B 257 11.73 -0.83 -3.51
CA GLN B 257 10.77 -0.97 -4.61
C GLN B 257 9.32 -0.90 -4.15
N VAL B 258 9.07 -0.39 -2.94
CA VAL B 258 7.72 -0.27 -2.41
C VAL B 258 7.39 1.20 -2.32
N ILE B 259 6.27 1.59 -2.92
CA ILE B 259 5.80 2.97 -2.95
C ILE B 259 4.53 3.05 -2.11
N PRO B 260 4.50 3.83 -1.03
CA PRO B 260 3.24 4.01 -0.28
C PRO B 260 2.29 4.92 -1.03
N VAL B 261 1.03 4.50 -1.09
CA VAL B 261 0.01 5.31 -1.79
C VAL B 261 -0.84 5.97 -0.71
N PRO B 262 -0.99 7.30 -0.74
CA PRO B 262 -1.74 7.98 0.29
C PRO B 262 -3.17 7.47 0.45
N VAL B 263 -3.70 7.61 1.65
CA VAL B 263 -5.08 7.15 1.92
C VAL B 263 -5.96 8.39 2.13
N ASP B 264 -7.27 8.23 2.17
CA ASP B 264 -8.20 9.36 2.32
C ASP B 264 -8.46 9.62 3.81
N HIS B 265 -9.48 10.41 4.13
CA HIS B 265 -9.83 10.69 5.54
C HIS B 265 -10.60 9.51 6.10
N ASN B 266 -11.07 8.61 5.22
CA ASN B 266 -11.78 7.39 5.67
C ASN B 266 -10.76 6.27 5.75
N TYR B 267 -9.47 6.60 5.60
CA TYR B 267 -8.34 5.64 5.74
C TYR B 267 -8.37 4.58 4.64
N ARG B 268 -8.93 4.94 3.49
CA ARG B 268 -8.99 4.02 2.32
C ARG B 268 -8.02 4.56 1.27
N MET B 269 -7.34 3.69 0.55
CA MET B 269 -6.39 4.09 -0.51
C MET B 269 -6.99 5.15 -1.43
N ASP B 270 -6.29 6.26 -1.64
CA ASP B 270 -6.76 7.34 -2.56
C ASP B 270 -6.53 6.87 -3.98
N ILE B 271 -7.60 6.56 -4.70
CA ILE B 271 -7.45 6.04 -6.06
C ILE B 271 -6.98 7.11 -7.05
N ASN B 272 -7.28 8.38 -6.79
CA ASN B 272 -6.69 9.41 -7.65
C ASN B 272 -5.18 9.41 -7.48
N GLU B 273 -4.71 9.29 -6.23
CA GLU B 273 -3.28 9.19 -6.00
C GLU B 273 -2.72 7.92 -6.62
N LEU B 274 -3.52 6.86 -6.70
CA LEU B 274 -3.06 5.65 -7.34
C LEU B 274 -2.81 5.87 -8.83
N GLU B 275 -3.76 6.52 -9.52
CA GLU B 275 -3.56 6.83 -10.93
C GLU B 275 -2.36 7.74 -11.11
N LYS B 276 -2.24 8.72 -10.23
CA LYS B 276 -1.12 9.67 -10.28
C LYS B 276 0.22 8.96 -10.20
N ILE B 277 0.38 8.06 -9.24
CA ILE B 277 1.65 7.34 -9.10
C ILE B 277 1.84 6.37 -10.26
N VAL B 278 0.78 5.64 -10.63
CA VAL B 278 0.89 4.65 -11.70
C VAL B 278 1.21 5.32 -13.03
N ARG B 279 0.56 6.43 -13.34
CA ARG B 279 0.79 7.08 -14.66
C ARG B 279 2.21 7.66 -14.72
N GLY B 280 2.66 8.24 -13.63
CA GLY B 280 4.00 8.84 -13.60
C GLY B 280 5.09 7.81 -13.80
N LEU B 281 4.98 6.68 -13.12
CA LEU B 281 5.98 5.59 -13.27
C LEU B 281 6.06 5.23 -14.74
N ALA B 282 4.92 5.16 -15.43
CA ALA B 282 4.92 4.74 -16.84
C ALA B 282 5.58 5.78 -17.74
N GLU B 283 5.55 7.06 -17.35
CA GLU B 283 6.23 8.13 -18.12
C GLU B 283 7.73 7.90 -17.99
N GLU B 284 8.18 7.44 -16.81
CA GLU B 284 9.61 7.15 -16.60
C GLU B 284 9.91 5.74 -17.06
N GLN B 285 8.90 5.04 -17.59
CA GLN B 285 9.06 3.65 -18.11
C GLN B 285 9.41 2.68 -16.98
N ILE B 286 8.86 2.91 -15.78
CA ILE B 286 9.06 1.98 -14.63
C ILE B 286 7.74 1.25 -14.47
N PRO B 287 7.72 -0.09 -14.47
CA PRO B 287 6.47 -0.79 -14.38
C PRO B 287 5.85 -0.84 -12.97
N VAL B 288 4.58 -1.17 -12.88
CA VAL B 288 3.96 -1.38 -11.55
C VAL B 288 3.88 -2.89 -11.33
N LEU B 289 4.76 -3.43 -10.48
CA LEU B 289 4.73 -4.87 -10.18
C LEU B 289 3.35 -5.31 -9.75
N GLY B 290 2.74 -4.58 -8.82
CA GLY B 290 1.38 -4.83 -8.44
C GLY B 290 0.89 -3.80 -7.45
N VAL B 291 -0.41 -3.84 -7.21
CA VAL B 291 -1.07 -2.98 -6.23
C VAL B 291 -1.74 -3.90 -5.20
N VAL B 292 -1.64 -3.52 -3.93
CA VAL B 292 -2.31 -4.25 -2.86
C VAL B 292 -3.54 -3.47 -2.45
N GLY B 293 -4.71 -4.10 -2.58
CA GLY B 293 -5.92 -3.58 -2.01
C GLY B 293 -6.22 -4.29 -0.71
N VAL B 294 -6.38 -3.50 0.36
CA VAL B 294 -6.54 -3.99 1.70
C VAL B 294 -8.02 -3.96 2.06
N VAL B 295 -8.62 -5.14 2.22
CA VAL B 295 -10.01 -5.30 2.63
C VAL B 295 -10.00 -5.60 4.11
N GLY B 296 -10.23 -4.57 4.93
CA GLY B 296 -10.13 -4.74 6.37
C GLY B 296 -8.74 -4.42 6.88
N SER B 297 -8.46 -3.13 7.05
CA SER B 297 -7.15 -2.67 7.49
C SER B 297 -6.88 -3.01 8.96
N THR B 298 -5.60 -3.14 9.30
CA THR B 298 -5.21 -3.68 10.60
C THR B 298 -5.56 -2.74 11.75
N GLU B 299 -5.42 -1.43 11.56
CA GLU B 299 -5.55 -0.48 12.67
C GLU B 299 -6.87 0.29 12.68
N GLU B 300 -7.64 0.23 11.62
CA GLU B 300 -8.93 0.90 11.58
C GLU B 300 -10.05 0.13 10.89
N GLY B 301 -9.77 -1.02 10.27
CA GLY B 301 -10.83 -1.82 9.70
C GLY B 301 -11.46 -1.24 8.45
N ALA B 302 -10.68 -0.46 7.70
CA ALA B 302 -11.17 0.20 6.50
C ALA B 302 -11.15 -0.77 5.33
N VAL B 303 -12.03 -0.51 4.35
CA VAL B 303 -12.15 -1.32 3.14
C VAL B 303 -11.74 -0.46 1.94
N ASP B 304 -10.60 -0.79 1.35
CA ASP B 304 -10.21 -0.16 0.10
C ASP B 304 -11.21 -0.50 -0.99
N SER B 305 -11.50 0.47 -1.86
CA SER B 305 -12.48 0.29 -2.94
C SER B 305 -11.84 -0.52 -4.06
N ILE B 306 -11.95 -1.85 -3.96
CA ILE B 306 -11.31 -2.74 -4.92
C ILE B 306 -11.90 -2.61 -6.31
N ASP B 307 -13.20 -2.34 -6.43
CA ASP B 307 -13.78 -2.07 -7.73
C ASP B 307 -13.05 -0.91 -8.41
N LYS B 308 -12.84 0.16 -7.65
CA LYS B 308 -12.13 1.32 -8.16
C LYS B 308 -10.71 0.98 -8.59
N ILE B 309 -10.04 0.08 -7.87
CA ILE B 309 -8.69 -0.28 -8.26
C ILE B 309 -8.70 -1.06 -9.56
N ILE B 310 -9.68 -1.96 -9.73
CA ILE B 310 -9.80 -2.71 -10.97
C ILE B 310 -10.30 -1.83 -12.10
N ALA B 311 -11.21 -0.90 -11.80
CA ALA B 311 -11.71 -0.01 -12.84
C ALA B 311 -10.58 0.84 -13.41
N LEU B 312 -9.72 1.37 -12.52
CA LEU B 312 -8.53 2.07 -12.95
C LEU B 312 -7.61 1.17 -13.76
N ARG B 313 -7.46 -0.07 -13.34
CA ARG B 313 -6.61 -0.96 -14.10
C ARG B 313 -7.19 -1.17 -15.48
N ASP B 314 -8.52 -1.19 -15.57
CA ASP B 314 -9.17 -1.35 -16.86
C ASP B 314 -8.97 -0.11 -17.74
N GLU B 315 -8.95 1.10 -17.15
CA GLU B 315 -8.73 2.29 -17.96
C GLU B 315 -7.29 2.41 -18.45
N LEU B 316 -6.33 1.94 -17.66
CA LEU B 316 -4.94 2.12 -18.03
C LEU B 316 -4.47 1.14 -19.10
N MET B 317 -5.16 0.02 -19.27
CA MET B 317 -4.78 -0.90 -20.34
C MET B 317 -5.05 -0.28 -21.71
N LYS B 318 -5.92 0.73 -21.77
CA LYS B 318 -6.05 1.54 -22.97
C LYS B 318 -4.78 2.34 -23.26
N ASP B 319 -4.03 2.70 -22.22
CA ASP B 319 -2.74 3.36 -22.37
C ASP B 319 -1.55 2.41 -22.20
N GLY B 320 -1.77 1.11 -22.39
CA GLY B 320 -0.68 0.15 -22.30
C GLY B 320 -0.08 0.02 -20.92
N ILE B 321 -0.89 0.17 -19.86
CA ILE B 321 -0.44 0.03 -18.48
C ILE B 321 -1.24 -1.07 -17.79
N TYR B 322 -0.53 -2.05 -17.22
CA TYR B 322 -1.16 -3.13 -16.45
C TYR B 322 -0.42 -3.31 -15.12
N TYR B 323 -1.17 -3.76 -14.10
CA TYR B 323 -0.59 -4.11 -12.80
C TYR B 323 -1.36 -5.26 -12.17
N TYR B 324 -0.61 -6.16 -11.54
CA TYR B 324 -1.18 -7.26 -10.78
C TYR B 324 -1.91 -6.71 -9.56
N VAL B 325 -3.04 -7.31 -9.23
CA VAL B 325 -3.80 -6.88 -8.05
C VAL B 325 -3.84 -8.03 -7.06
N HIS B 326 -3.29 -7.81 -5.88
CA HIS B 326 -3.42 -8.77 -4.79
C HIS B 326 -4.22 -8.13 -3.67
N VAL B 327 -5.25 -8.83 -3.20
CA VAL B 327 -6.12 -8.32 -2.16
C VAL B 327 -5.62 -8.86 -0.81
N ASP B 328 -5.22 -7.96 0.08
CA ASP B 328 -4.91 -8.32 1.46
C ASP B 328 -6.21 -8.28 2.25
N ALA B 329 -6.92 -9.40 2.23
CA ALA B 329 -8.13 -9.54 3.02
C ALA B 329 -7.91 -10.51 4.18
N ALA B 330 -6.71 -10.51 4.74
CA ALA B 330 -6.42 -11.39 5.86
C ALA B 330 -7.44 -11.21 6.96
N TYR B 331 -7.79 -9.96 7.26
CA TYR B 331 -8.75 -9.70 8.31
C TYR B 331 -10.18 -9.84 7.79
N GLY B 332 -10.50 -9.21 6.67
CA GLY B 332 -11.88 -9.16 6.20
C GLY B 332 -12.32 -10.23 5.23
N GLY B 333 -11.42 -11.15 4.83
CA GLY B 333 -11.75 -12.08 3.76
C GLY B 333 -13.00 -12.89 4.03
N TYR B 334 -13.13 -13.42 5.25
CA TYR B 334 -14.32 -14.21 5.59
C TYR B 334 -15.59 -13.38 5.58
N GLY B 335 -15.47 -12.05 5.66
CA GLY B 335 -16.65 -11.21 5.55
C GLY B 335 -17.40 -11.38 4.23
N ARG B 336 -16.70 -11.75 3.14
CA ARG B 336 -17.37 -11.87 1.84
C ARG B 336 -18.53 -12.88 1.87
N ALA B 337 -18.54 -13.81 2.82
CA ALA B 337 -19.64 -14.76 2.91
C ALA B 337 -20.96 -14.08 3.22
N ILE B 338 -20.93 -12.89 3.84
CA ILE B 338 -22.16 -12.18 4.17
C ILE B 338 -22.89 -11.73 2.90
N PHE B 339 -22.21 -11.75 1.76
CA PHE B 339 -22.75 -11.28 0.51
C PHE B 339 -23.20 -12.42 -0.39
N LEU B 340 -23.04 -13.67 0.03
CA LEU B 340 -23.29 -14.80 -0.84
C LEU B 340 -24.56 -15.49 -0.43
N ASP B 341 -25.37 -15.87 -1.40
CA ASP B 341 -26.58 -16.64 -1.14
C ASP B 341 -26.22 -18.12 -1.19
N GLU B 342 -27.21 -18.98 -0.94
CA GLU B 342 -26.94 -20.41 -0.84
C GLU B 342 -26.54 -21.03 -2.17
N ASP B 343 -26.60 -20.28 -3.27
CA ASP B 343 -26.09 -20.75 -4.55
C ASP B 343 -24.75 -20.14 -4.90
N ASN B 344 -24.12 -19.46 -3.94
CA ASN B 344 -22.85 -18.79 -4.12
C ASN B 344 -22.95 -17.59 -5.05
N ASN B 345 -24.15 -17.08 -5.27
CA ASN B 345 -24.32 -15.86 -6.05
C ASN B 345 -24.30 -14.64 -5.14
N PHE B 346 -23.63 -13.59 -5.60
CA PHE B 346 -23.49 -12.38 -4.81
C PHE B 346 -24.88 -11.73 -4.74
N ILE B 347 -25.36 -11.44 -3.55
CA ILE B 347 -26.73 -10.90 -3.39
C ILE B 347 -26.77 -9.46 -3.93
N PRO B 348 -27.76 -9.10 -4.75
CA PRO B 348 -27.89 -7.70 -5.18
C PRO B 348 -28.10 -6.77 -3.99
N TYR B 349 -27.45 -5.60 -4.06
CA TYR B 349 -27.45 -4.70 -2.92
C TYR B 349 -28.85 -4.33 -2.47
N GLU B 350 -29.78 -4.19 -3.42
CA GLU B 350 -31.12 -3.76 -3.04
C GLU B 350 -31.83 -4.84 -2.22
N ASP B 351 -31.48 -6.10 -2.46
CA ASP B 351 -32.03 -7.24 -1.73
C ASP B 351 -31.31 -7.54 -0.43
N LEU B 352 -30.20 -6.85 -0.14
CA LEU B 352 -29.29 -7.31 0.91
C LEU B 352 -29.95 -7.28 2.29
N GLN B 353 -30.60 -6.17 2.63
CA GLN B 353 -31.29 -6.08 3.92
C GLN B 353 -32.42 -7.08 4.03
N ASP B 354 -33.08 -7.39 2.91
CA ASP B 354 -34.18 -8.34 2.97
C ASP B 354 -33.67 -9.75 3.23
N VAL B 355 -32.67 -10.18 2.45
CA VAL B 355 -32.13 -11.53 2.59
C VAL B 355 -31.48 -11.70 3.96
N HIS B 356 -30.77 -10.67 4.43
CA HIS B 356 -30.11 -10.75 5.73
C HIS B 356 -31.10 -10.95 6.86
N GLU B 357 -32.28 -10.34 6.76
CA GLU B 357 -33.32 -10.57 7.74
C GLU B 357 -33.85 -12.00 7.63
N GLU B 358 -33.98 -12.51 6.40
CA GLU B 358 -34.51 -13.85 6.19
C GLU B 358 -33.59 -14.91 6.77
N TYR B 359 -32.29 -14.67 6.77
CA TYR B 359 -31.34 -15.63 7.30
C TYR B 359 -30.91 -15.29 8.72
N GLY B 360 -31.54 -14.29 9.33
CA GLY B 360 -31.18 -13.91 10.69
C GLY B 360 -29.82 -13.28 10.80
N VAL B 361 -29.26 -12.87 9.66
CA VAL B 361 -27.93 -12.27 9.65
C VAL B 361 -27.88 -11.01 10.51
N PHE B 362 -28.96 -10.22 10.49
CA PHE B 362 -29.05 -8.99 11.26
C PHE B 362 -30.36 -9.00 12.03
N LYS B 363 -30.31 -8.47 13.26
CA LYS B 363 -31.49 -8.45 14.11
C LYS B 363 -32.34 -7.20 13.84
N GLU B 364 -31.68 -6.09 13.49
CA GLU B 364 -32.35 -4.83 13.20
C GLU B 364 -32.30 -4.61 11.69
N LYS B 365 -33.45 -4.45 11.06
CA LYS B 365 -33.51 -4.25 9.61
C LYS B 365 -33.26 -2.78 9.27
N LYS B 366 -32.01 -2.45 9.02
CA LYS B 366 -31.58 -1.11 8.62
C LYS B 366 -30.35 -1.30 7.74
N GLU B 367 -29.82 -0.22 7.18
CA GLU B 367 -28.58 -0.35 6.41
C GLU B 367 -27.42 -0.66 7.36
N HIS B 368 -26.67 -1.72 7.05
CA HIS B 368 -25.49 -2.10 7.84
C HIS B 368 -24.21 -2.08 7.04
N ILE B 369 -24.26 -2.42 5.75
CA ILE B 369 -23.11 -2.36 4.86
C ILE B 369 -23.40 -1.34 3.77
N SER B 370 -22.44 -0.46 3.51
CA SER B 370 -22.60 0.47 2.42
C SER B 370 -22.40 -0.25 1.09
N ARG B 371 -22.90 0.36 0.01
CA ARG B 371 -22.68 -0.24 -1.31
C ARG B 371 -21.20 -0.16 -1.66
N GLU B 372 -20.52 0.89 -1.22
CA GLU B 372 -19.09 1.00 -1.48
C GLU B 372 -18.36 -0.20 -0.92
N VAL B 373 -18.57 -0.51 0.38
CA VAL B 373 -17.99 -1.72 0.95
C VAL B 373 -18.49 -2.94 0.19
N TYR B 374 -19.78 -2.95 -0.15
CA TYR B 374 -20.33 -4.02 -0.97
C TYR B 374 -19.61 -4.11 -2.31
N ASP B 375 -19.36 -2.96 -2.96
CA ASP B 375 -18.75 -3.00 -4.28
C ASP B 375 -17.30 -3.47 -4.20
N ALA B 376 -16.56 -3.05 -3.17
CA ALA B 376 -15.18 -3.52 -3.01
C ALA B 376 -15.13 -5.04 -2.82
N TYR B 377 -16.00 -5.59 -1.98
CA TYR B 377 -16.00 -7.04 -1.79
C TYR B 377 -16.33 -7.78 -3.08
N LYS B 378 -17.28 -7.23 -3.86
CA LYS B 378 -17.70 -7.89 -5.09
C LYS B 378 -16.58 -7.92 -6.12
N ALA B 379 -15.78 -6.85 -6.17
CA ALA B 379 -14.75 -6.76 -7.19
C ALA B 379 -13.56 -7.65 -6.90
N ILE B 380 -13.52 -8.27 -5.72
CA ILE B 380 -12.41 -9.15 -5.35
C ILE B 380 -12.22 -10.28 -6.36
N GLU B 381 -13.29 -10.69 -7.04
CA GLU B 381 -13.15 -11.78 -8.01
C GLU B 381 -12.30 -11.39 -9.20
N LEU B 382 -11.99 -10.11 -9.36
CA LEU B 382 -11.19 -9.66 -10.48
C LEU B 382 -9.71 -9.53 -10.13
N ALA B 383 -9.35 -9.67 -8.87
CA ALA B 383 -7.95 -9.67 -8.47
C ALA B 383 -7.33 -11.04 -8.74
N GLU B 384 -6.00 -11.06 -8.85
CA GLU B 384 -5.33 -12.30 -9.19
C GLU B 384 -5.19 -13.23 -7.99
N SER B 385 -5.02 -12.66 -6.80
CA SER B 385 -4.78 -13.47 -5.63
C SER B 385 -5.30 -12.72 -4.41
N VAL B 386 -5.64 -13.48 -3.36
CA VAL B 386 -6.17 -12.91 -2.13
C VAL B 386 -5.51 -13.59 -0.93
N THR B 387 -5.16 -12.78 0.08
CA THR B 387 -4.78 -13.26 1.40
C THR B 387 -6.02 -13.30 2.29
N ILE B 388 -6.24 -14.43 2.98
CA ILE B 388 -7.39 -14.58 3.88
C ILE B 388 -6.99 -15.42 5.08
N ASP B 389 -7.27 -14.93 6.29
CA ASP B 389 -6.86 -15.62 7.52
C ASP B 389 -8.05 -16.32 8.17
N PRO B 390 -8.11 -17.65 8.15
CA PRO B 390 -9.06 -18.37 9.02
C PRO B 390 -8.94 -17.99 10.48
N HIS B 391 -7.75 -17.64 10.97
CA HIS B 391 -7.60 -17.30 12.38
C HIS B 391 -7.84 -15.83 12.68
N MET B 393 -11.18 -13.62 10.93
CA MET B 393 -12.65 -13.64 10.91
C MET B 393 -13.26 -15.00 10.52
N GLY B 394 -12.42 -16.01 10.34
CA GLY B 394 -12.93 -17.37 10.24
C GLY B 394 -13.17 -18.05 11.58
N TYR B 395 -12.71 -17.44 12.68
CA TYR B 395 -12.88 -17.95 14.04
C TYR B 395 -12.27 -19.33 14.21
N ILE B 396 -11.20 -19.58 13.48
CA ILE B 396 -10.48 -20.83 13.54
C ILE B 396 -9.21 -20.58 14.34
N PRO B 397 -8.81 -21.49 15.22
CA PRO B 397 -7.67 -21.19 16.11
C PRO B 397 -6.35 -21.05 15.36
N TYR B 398 -5.47 -20.19 15.90
CA TYR B 398 -4.10 -20.14 15.40
C TYR B 398 -3.53 -21.55 15.39
N SER B 399 -2.67 -21.83 14.43
CA SER B 399 -2.23 -20.89 13.41
C SER B 399 -2.78 -21.32 12.07
N ALA B 400 -3.53 -20.44 11.40
CA ALA B 400 -4.16 -20.80 10.13
C ALA B 400 -4.41 -19.52 9.31
N GLY B 401 -3.58 -19.30 8.30
CA GLY B 401 -3.85 -18.32 7.27
C GLY B 401 -4.28 -18.99 5.98
N GLY B 402 -4.33 -18.19 4.92
CA GLY B 402 -4.77 -18.70 3.63
C GLY B 402 -4.43 -17.76 2.49
N ILE B 403 -4.33 -18.34 1.30
CA ILE B 403 -4.13 -17.61 0.06
C ILE B 403 -5.06 -18.21 -1.00
N VAL B 404 -5.58 -17.36 -1.86
CA VAL B 404 -6.46 -17.78 -2.93
C VAL B 404 -5.86 -17.26 -4.23
N ILE B 405 -5.92 -18.06 -5.31
CA ILE B 405 -5.47 -17.58 -6.62
C ILE B 405 -6.64 -17.64 -7.58
N GLN B 406 -6.73 -16.63 -8.47
CA GLN B 406 -7.86 -16.53 -9.41
C GLN B 406 -7.82 -17.64 -10.45
N ASP B 407 -6.64 -17.99 -10.94
CA ASP B 407 -6.48 -19.03 -11.96
C ASP B 407 -5.59 -20.13 -11.39
N ILE B 408 -6.15 -21.35 -11.30
CA ILE B 408 -5.41 -22.47 -10.73
C ILE B 408 -4.08 -22.67 -11.45
N ARG B 409 -3.99 -22.26 -12.72
CA ARG B 409 -2.75 -22.43 -13.46
C ARG B 409 -1.64 -21.50 -12.95
N MET B 410 -1.98 -20.44 -12.21
CA MET B 410 -0.95 -19.55 -11.69
C MET B 410 0.03 -20.28 -10.80
N ARG B 411 -0.40 -21.38 -10.18
CA ARG B 411 0.52 -22.09 -9.30
C ARG B 411 1.70 -22.70 -10.06
N ASP B 412 1.58 -22.84 -11.39
CA ASP B 412 2.70 -23.36 -12.16
C ASP B 412 3.89 -22.40 -12.23
N VAL B 413 3.70 -21.11 -11.90
CA VAL B 413 4.83 -20.18 -11.96
C VAL B 413 5.73 -20.32 -10.75
N ILE B 414 5.25 -20.94 -9.67
CA ILE B 414 6.06 -21.21 -8.49
C ILE B 414 6.30 -22.69 -8.32
N SER B 415 5.72 -23.51 -9.18
CA SER B 415 5.73 -24.95 -9.01
C SER B 415 7.15 -25.50 -8.98
N TYR B 416 7.32 -26.64 -8.32
CA TYR B 416 8.56 -27.39 -8.27
C TYR B 416 8.24 -28.85 -8.51
N PHE B 417 9.04 -29.50 -9.34
CA PHE B 417 8.91 -30.93 -9.46
C PHE B 417 10.16 -31.64 -8.95
N ILE B 428 -5.64 -32.86 -7.04
CA ILE B 428 -5.00 -32.96 -5.72
C ILE B 428 -3.50 -33.18 -5.92
N PRO B 429 -2.68 -32.27 -5.39
CA PRO B 429 -1.22 -32.44 -5.49
C PRO B 429 -0.74 -33.63 -4.69
N ALA B 430 0.22 -34.36 -5.25
CA ALA B 430 0.87 -35.40 -4.46
C ALA B 430 1.86 -34.81 -3.48
N LEU B 431 2.39 -33.62 -3.78
CA LEU B 431 3.21 -32.86 -2.85
C LEU B 431 2.70 -31.43 -2.84
N LEU B 432 1.85 -31.11 -1.87
CA LEU B 432 1.39 -29.73 -1.74
C LEU B 432 2.54 -28.79 -1.49
N GLY B 433 3.67 -29.29 -0.99
CA GLY B 433 4.89 -28.52 -0.85
C GLY B 433 5.53 -28.10 -2.16
N ALA B 434 5.10 -28.70 -3.27
CA ALA B 434 5.54 -28.26 -4.58
C ALA B 434 4.79 -27.03 -5.08
N TYR B 435 3.64 -26.71 -4.49
CA TYR B 435 2.79 -25.63 -4.97
C TYR B 435 2.60 -24.50 -3.97
N ILE B 436 3.42 -24.43 -2.93
CA ILE B 436 3.18 -23.50 -1.82
C ILE B 436 4.52 -22.90 -1.38
N LEU B 437 4.44 -21.83 -0.60
CA LEU B 437 5.66 -21.21 -0.09
C LEU B 437 6.30 -22.06 0.99
N GLU B 438 5.52 -22.54 1.96
CA GLU B 438 6.06 -23.20 3.13
C GLU B 438 6.34 -24.68 2.86
N GLY B 439 6.78 -25.38 3.91
CA GLY B 439 7.03 -26.81 3.83
C GLY B 439 6.03 -27.61 4.64
N SER B 440 6.47 -28.19 5.76
CA SER B 440 5.60 -29.04 6.56
C SER B 440 4.43 -28.25 7.15
N LYS B 441 3.29 -28.93 7.24
CA LYS B 441 2.00 -28.35 7.62
C LYS B 441 1.24 -29.38 8.43
N ALA B 442 0.54 -28.95 9.48
CA ALA B 442 -0.28 -29.90 10.23
C ALA B 442 -1.51 -30.24 9.42
N GLY B 443 -1.74 -31.53 9.16
CA GLY B 443 -3.04 -31.90 8.66
C GLY B 443 -4.16 -31.51 9.61
N ALA B 444 -3.85 -31.37 10.89
CA ALA B 444 -4.85 -30.97 11.86
C ALA B 444 -5.37 -29.57 11.58
N THR B 445 -4.52 -28.68 11.06
CA THR B 445 -5.00 -27.36 10.70
C THR B 445 -6.05 -27.45 9.62
N ALA B 446 -5.78 -28.29 8.62
CA ALA B 446 -6.75 -28.52 7.56
C ALA B 446 -8.05 -29.06 8.13
N ALA B 447 -7.96 -30.06 9.00
CA ALA B 447 -9.17 -30.62 9.60
C ALA B 447 -9.95 -29.54 10.36
N SER B 448 -9.25 -28.64 11.05
CA SER B 448 -9.94 -27.60 11.82
C SER B 448 -10.62 -26.57 10.91
N VAL B 449 -9.99 -26.19 9.80
CA VAL B 449 -10.66 -25.23 8.91
C VAL B 449 -11.78 -25.93 8.17
N TRP B 450 -11.53 -27.15 7.71
CA TRP B 450 -12.54 -27.92 7.01
C TRP B 450 -13.77 -28.10 7.88
N ALA B 451 -13.59 -28.45 9.16
CA ALA B 451 -14.72 -28.60 10.06
C ALA B 451 -15.55 -27.32 10.11
N ALA B 452 -14.89 -26.15 10.18
CA ALA B 452 -15.61 -24.89 10.20
C ALA B 452 -16.39 -24.67 8.91
N HIS B 453 -15.76 -24.89 7.76
CA HIS B 453 -16.48 -24.66 6.50
C HIS B 453 -17.65 -25.61 6.34
N HIS B 454 -17.64 -26.77 6.99
CA HIS B 454 -18.74 -27.71 6.80
C HIS B 454 -19.77 -27.68 7.91
N VAL B 455 -19.49 -27.02 9.03
CA VAL B 455 -20.54 -26.71 9.99
C VAL B 455 -21.23 -25.40 9.64
N LEU B 456 -20.44 -24.41 9.24
CA LEU B 456 -20.92 -23.08 8.86
C LEU B 456 -20.62 -22.84 7.38
N PRO B 457 -21.60 -23.00 6.48
CA PRO B 457 -21.35 -22.71 5.06
C PRO B 457 -20.86 -21.28 4.86
N LEU B 458 -20.01 -21.10 3.84
CA LEU B 458 -19.38 -19.81 3.56
C LEU B 458 -20.34 -18.91 2.79
N ASN B 459 -21.49 -18.66 3.38
CA ASN B 459 -22.47 -17.80 2.76
C ASN B 459 -23.42 -17.30 3.84
N VAL B 460 -24.57 -16.75 3.44
CA VAL B 460 -25.47 -16.16 4.43
C VAL B 460 -26.09 -17.23 5.32
N ALA B 461 -26.07 -18.50 4.90
CA ALA B 461 -26.63 -19.59 5.70
C ALA B 461 -25.70 -20.04 6.83
N GLY B 462 -24.45 -19.62 6.80
CA GLY B 462 -23.50 -20.05 7.81
C GLY B 462 -22.69 -18.89 8.30
N TYR B 463 -21.51 -18.70 7.67
CA TYR B 463 -20.60 -17.67 8.11
C TYR B 463 -21.23 -16.29 8.05
N GLY B 464 -22.14 -16.07 7.09
CA GLY B 464 -22.84 -14.80 7.02
C GLY B 464 -23.51 -14.40 8.32
N LYS B 465 -24.10 -15.37 9.02
CA LYS B 465 -24.77 -15.08 10.29
C LYS B 465 -23.78 -14.68 11.37
N LEU B 466 -22.57 -15.26 11.32
CA LEU B 466 -21.54 -14.91 12.28
C LEU B 466 -20.95 -13.54 11.97
N ILE B 467 -20.57 -13.29 10.71
CA ILE B 467 -20.09 -11.97 10.35
C ILE B 467 -21.13 -10.91 10.66
N GLY B 468 -22.40 -11.21 10.38
CA GLY B 468 -23.45 -10.25 10.68
C GLY B 468 -23.51 -9.88 12.14
N ALA B 469 -23.47 -10.88 13.03
CA ALA B 469 -23.53 -10.56 14.45
C ALA B 469 -22.32 -9.75 14.90
N SER B 470 -21.16 -10.01 14.28
CA SER B 470 -19.96 -9.25 14.60
C SER B 470 -20.14 -7.79 14.21
N ILE B 471 -20.69 -7.54 13.02
CA ILE B 471 -20.88 -6.18 12.57
C ILE B 471 -21.92 -5.47 13.44
N GLU B 472 -23.03 -6.14 13.73
CA GLU B 472 -24.09 -5.49 14.50
C GLU B 472 -23.62 -5.13 15.91
N GLY B 473 -22.87 -6.02 16.55
CA GLY B 473 -22.32 -5.70 17.86
C GLY B 473 -21.38 -4.52 17.81
N SER B 474 -20.58 -4.42 16.74
CA SER B 474 -19.71 -3.26 16.59
C SER B 474 -20.54 -1.99 16.45
N HIS B 475 -21.69 -2.07 15.78
CA HIS B 475 -22.49 -0.87 15.57
C HIS B 475 -23.14 -0.42 16.87
N HIS B 476 -23.58 -1.36 17.69
CA HIS B 476 -24.10 -1.01 19.00
C HIS B 476 -23.03 -0.37 19.87
N PHE B 477 -21.78 -0.82 19.73
CA PHE B 477 -20.66 -0.20 20.44
C PHE B 477 -20.40 1.22 19.96
N TYR B 478 -20.43 1.41 18.64
CA TYR B 478 -20.21 2.73 18.04
C TYR B 478 -21.18 3.75 18.62
N ASN B 479 -22.46 3.39 18.64
CA ASN B 479 -23.51 4.32 19.11
C ASN B 479 -23.33 4.59 20.60
N PHE B 480 -22.64 3.72 21.32
CA PHE B 480 -22.53 3.89 22.79
C PHE B 480 -21.41 4.88 23.08
N LEU B 481 -20.33 4.77 22.32
CA LEU B 481 -19.17 5.67 22.53
C LEU B 481 -19.59 7.06 22.05
N ASN B 482 -20.48 7.12 21.07
CA ASN B 482 -21.00 8.44 20.64
C ASN B 482 -21.88 8.95 21.78
N ASP B 483 -21.66 10.19 22.25
CA ASP B 483 -22.42 10.82 23.37
C ASP B 483 -21.79 10.50 24.72
N LEU B 484 -21.03 9.41 24.83
CA LEU B 484 -20.48 8.99 26.14
C LEU B 484 -19.63 10.12 26.71
N THR B 485 -19.99 10.61 27.89
CA THR B 485 -19.18 11.64 28.58
C THR B 485 -18.99 11.15 30.01
N PHE B 486 -17.85 11.46 30.63
CA PHE B 486 -17.59 11.03 32.00
C PHE B 486 -17.26 12.22 32.90
N LYS B 487 -17.70 12.11 34.15
CA LYS B 487 -17.60 13.18 35.13
C LYS B 487 -16.56 12.69 36.14
N VAL B 488 -15.30 12.94 35.79
CA VAL B 488 -14.15 12.35 36.47
C VAL B 488 -13.47 13.40 37.33
N GLY B 489 -13.92 13.52 38.58
CA GLY B 489 -13.39 14.56 39.45
C GLY B 489 -14.02 15.89 39.14
N ASP B 490 -13.18 16.90 38.95
CA ASP B 490 -13.65 18.25 38.63
C ASP B 490 -13.77 18.48 37.13
N LYS B 491 -13.27 17.56 36.30
CA LYS B 491 -13.29 17.71 34.84
C LYS B 491 -14.41 16.90 34.20
N GLU B 492 -14.53 17.05 32.88
CA GLU B 492 -15.46 16.28 32.07
C GLU B 492 -14.67 15.65 30.92
N ILE B 493 -14.75 14.33 30.78
CA ILE B 493 -14.06 13.61 29.71
C ILE B 493 -15.10 13.10 28.72
N GLU B 494 -14.80 13.24 27.44
CA GLU B 494 -15.78 13.02 26.38
C GLU B 494 -15.17 12.06 25.36
N VAL B 495 -16.03 11.23 24.77
CA VAL B 495 -15.61 10.19 23.84
C VAL B 495 -16.07 10.56 22.44
N HIS B 496 -15.19 10.33 21.47
CA HIS B 496 -15.47 10.57 20.07
C HIS B 496 -14.98 9.37 19.27
N THR B 497 -15.83 8.85 18.41
CA THR B 497 -15.41 7.76 17.53
C THR B 497 -14.61 8.30 16.35
N LEU B 498 -13.70 7.46 15.84
CA LEU B 498 -12.80 7.90 14.77
C LEU B 498 -13.54 8.10 13.45
N THR B 499 -14.18 7.04 12.94
CA THR B 499 -14.97 7.10 11.72
C THR B 499 -16.05 6.04 11.79
N HIS B 500 -17.00 6.11 10.88
CA HIS B 500 -17.96 5.03 10.78
C HIS B 500 -17.25 3.77 10.33
N PRO B 501 -17.45 2.63 10.99
CA PRO B 501 -16.73 1.41 10.62
C PRO B 501 -17.16 0.86 9.26
N ASP B 502 -16.16 0.63 8.39
CA ASP B 502 -16.41 -0.06 7.13
C ASP B 502 -16.77 -1.52 7.34
N PHE B 503 -16.38 -2.08 8.49
CA PHE B 503 -16.56 -3.49 8.83
C PHE B 503 -17.02 -3.64 10.27
N ASN B 504 -16.15 -4.16 11.14
CA ASN B 504 -16.49 -4.40 12.54
C ASN B 504 -15.51 -3.76 13.51
N MET B 505 -14.64 -2.87 13.05
CA MET B 505 -13.64 -2.25 13.92
C MET B 505 -14.05 -0.83 14.22
N VAL B 506 -14.10 -0.49 15.51
CA VAL B 506 -14.51 0.81 15.99
C VAL B 506 -13.35 1.44 16.76
N ASP B 507 -12.80 2.53 16.23
CA ASP B 507 -11.76 3.30 16.90
C ASP B 507 -12.36 4.54 17.57
N TYR B 508 -11.70 4.99 18.64
CA TYR B 508 -12.24 6.06 19.48
C TYR B 508 -11.09 6.65 20.30
N VAL B 509 -11.32 7.84 20.85
CA VAL B 509 -10.34 8.48 21.75
C VAL B 509 -11.09 9.10 22.92
N PHE B 510 -10.36 9.24 24.03
CA PHE B 510 -10.81 10.02 25.18
C PHE B 510 -10.17 11.40 25.14
N LYS B 511 -10.96 12.42 25.48
CA LYS B 511 -10.50 13.81 25.45
C LYS B 511 -11.17 14.61 26.56
N GLU B 512 -10.41 15.54 27.15
CA GLU B 512 -10.95 16.49 28.11
C GLU B 512 -11.64 17.61 27.35
N LYS B 513 -12.88 17.88 27.69
CA LYS B 513 -13.63 18.98 27.07
C LYS B 513 -12.89 20.31 27.25
N GLY B 514 -12.64 21.00 26.14
CA GLY B 514 -12.00 22.30 26.22
C GLY B 514 -10.49 22.28 26.17
N ASN B 515 -9.87 21.12 26.38
CA ASN B 515 -8.42 21.01 26.35
C ASN B 515 -7.98 20.85 24.89
N ASP B 516 -7.00 21.64 24.49
CA ASP B 516 -6.62 21.69 23.09
C ASP B 516 -5.23 21.12 22.90
N ASP B 517 -4.69 20.50 23.92
CA ASP B 517 -3.35 19.96 23.85
C ASP B 517 -3.46 18.54 23.31
N LEU B 518 -3.00 18.35 22.06
CA LEU B 518 -3.06 17.05 21.42
C LEU B 518 -2.04 16.11 22.02
N VAL B 519 -0.86 16.64 22.35
CA VAL B 519 0.10 15.84 23.09
C VAL B 519 -0.52 15.36 24.40
N ALA B 520 -1.37 16.22 25.02
CA ALA B 520 -2.01 15.83 26.28
C ALA B 520 -3.11 14.79 26.05
N MET B 521 -3.90 14.95 25.00
CA MET B 521 -4.89 13.91 24.70
C MET B 521 -4.21 12.60 24.32
N ASN B 522 -3.05 12.66 23.66
CA ASN B 522 -2.38 11.41 23.31
C ASN B 522 -1.91 10.67 24.54
N LYS B 523 -1.49 11.39 25.60
CA LYS B 523 -1.20 10.73 26.86
C LYS B 523 -2.46 10.25 27.55
N LEU B 524 -3.57 11.00 27.43
CA LEU B 524 -4.80 10.57 28.09
C LEU B 524 -5.22 9.18 27.63
N ASN B 525 -5.16 8.94 26.32
CA ASN B 525 -5.54 7.65 25.76
C ASN B 525 -4.46 6.59 26.00
N HIS B 526 -3.19 7.00 25.97
CA HIS B 526 -2.13 6.08 26.35
C HIS B 526 -2.22 5.70 27.83
N ASP B 527 -2.82 6.56 28.65
CA ASP B 527 -3.04 6.23 30.06
C ASP B 527 -4.28 5.36 30.25
N VAL B 528 -5.31 5.58 29.42
CA VAL B 528 -6.49 4.71 29.48
C VAL B 528 -6.14 3.31 28.99
N TYR B 529 -5.39 3.22 27.88
CA TYR B 529 -4.96 1.91 27.41
C TYR B 529 -4.16 1.20 28.48
N ASP B 530 -3.26 1.93 29.16
CA ASP B 530 -2.41 1.30 30.16
C ASP B 530 -3.24 0.61 31.23
N TYR B 531 -4.35 1.24 31.63
CA TYR B 531 -5.24 0.68 32.64
C TYR B 531 -6.21 -0.32 32.04
N ALA B 532 -6.53 -0.20 30.76
CA ALA B 532 -7.39 -1.14 30.04
C ALA B 532 -6.57 -2.16 29.25
N SER B 533 -5.47 -2.61 29.84
CA SER B 533 -4.60 -3.63 29.25
C SER B 533 -3.78 -4.29 30.36
N TYR B 534 -2.85 -5.16 29.95
CA TYR B 534 -2.00 -5.88 30.86
C TYR B 534 -0.97 -5.00 31.56
N VAL B 535 -0.83 -3.75 31.14
CA VAL B 535 0.19 -2.86 31.69
C VAL B 535 -0.05 -2.59 33.17
N LYS B 536 -1.26 -2.16 33.52
CA LYS B 536 -1.58 -1.75 34.90
C LYS B 536 -2.49 -2.79 35.54
N GLY B 537 -1.97 -3.46 36.58
CA GLY B 537 -2.77 -4.36 37.39
C GLY B 537 -2.74 -5.79 36.90
N ASN B 538 -3.51 -6.63 37.59
CA ASN B 538 -3.75 -8.00 37.13
C ASN B 538 -4.82 -8.00 36.05
N ILE B 539 -4.52 -8.64 34.92
CA ILE B 539 -5.44 -8.64 33.79
C ILE B 539 -6.69 -9.44 34.12
N TYR B 540 -6.57 -10.43 35.01
CA TYR B 540 -7.70 -11.26 35.40
C TYR B 540 -8.74 -10.48 36.20
N ASN B 541 -8.41 -9.29 36.68
CA ASN B 541 -9.34 -8.42 37.39
C ASN B 541 -9.73 -7.20 36.56
N ASN B 542 -9.32 -7.17 35.30
CA ASN B 542 -9.58 -6.03 34.42
C ASN B 542 -11.03 -6.09 33.93
N GLU B 543 -11.82 -5.06 34.24
CA GLU B 543 -13.23 -5.05 33.87
C GLU B 543 -13.46 -4.53 32.44
N PHE B 544 -12.42 -4.05 31.77
CA PHE B 544 -12.51 -3.58 30.39
C PHE B 544 -11.11 -3.61 29.79
N ILE B 545 -10.97 -4.30 28.66
CA ILE B 545 -9.66 -4.37 27.97
C ILE B 545 -9.82 -3.84 26.53
N THR B 546 -8.88 -3.00 26.07
CA THR B 546 -8.92 -2.43 24.70
C THR B 546 -7.52 -2.46 24.10
N SER B 547 -7.39 -2.12 22.82
CA SER B 547 -6.06 -2.00 22.21
C SER B 547 -5.79 -0.54 21.88
N HIS B 548 -4.62 -0.24 21.32
CA HIS B 548 -4.23 1.16 21.04
C HIS B 548 -3.31 1.24 19.82
N THR B 549 -3.47 2.27 18.99
CA THR B 549 -2.57 2.45 17.82
C THR B 549 -2.24 3.92 17.66
N ASP B 550 -1.09 4.22 17.06
CA ASP B 550 -0.69 5.62 16.82
C ASP B 550 -0.87 5.97 15.35
N PHE B 551 -1.63 7.01 15.04
CA PHE B 551 -1.74 7.47 13.64
C PHE B 551 -0.69 8.56 13.47
N ALA B 552 0.49 8.24 12.96
CA ALA B 552 1.62 9.16 12.89
C ALA B 552 1.81 9.71 11.48
N ILE B 553 2.28 10.95 11.39
CA ILE B 553 2.48 11.58 10.09
C ILE B 553 3.37 10.76 9.17
N PRO B 554 4.46 10.12 9.62
CA PRO B 554 5.26 9.32 8.67
C PRO B 554 4.49 8.21 7.98
N ASP B 555 3.43 7.70 8.61
CA ASP B 555 2.68 6.59 8.05
C ASP B 555 1.27 6.97 7.63
N TYR B 556 0.67 7.97 8.28
CA TYR B 556 -0.69 8.35 7.96
C TYR B 556 -0.80 9.64 7.19
N GLY B 557 0.29 10.42 7.10
CA GLY B 557 0.19 11.72 6.46
C GLY B 557 -0.76 12.62 7.22
N ASN B 558 -1.63 13.31 6.46
CA ASN B 558 -2.68 14.14 7.03
C ASN B 558 -4.06 13.51 6.89
N SER B 559 -4.12 12.20 6.64
CA SER B 559 -5.42 11.54 6.60
C SER B 559 -6.23 11.68 7.89
N PRO B 560 -5.64 11.70 9.09
CA PRO B 560 -6.43 12.01 10.29
C PRO B 560 -6.68 13.48 10.55
N LEU B 561 -6.15 14.39 9.71
CA LEU B 561 -6.17 15.82 10.04
C LEU B 561 -7.59 16.37 10.16
N LYS B 562 -8.51 15.94 9.30
CA LYS B 562 -9.92 16.31 9.46
C LYS B 562 -10.45 15.87 10.82
N PHE B 563 -10.07 14.67 11.26
CA PHE B 563 -10.57 14.16 12.55
C PHE B 563 -10.06 15.02 13.71
N VAL B 564 -8.75 15.29 13.77
CA VAL B 564 -8.22 16.06 14.89
C VAL B 564 -8.81 17.47 14.88
N ASN B 565 -9.05 18.04 13.70
CA ASN B 565 -9.73 19.33 13.61
C ASN B 565 -11.14 19.25 14.16
N SER B 566 -11.81 18.10 13.97
CA SER B 566 -13.18 17.94 14.46
C SER B 566 -13.26 18.12 15.97
N LEU B 567 -12.20 17.73 16.69
CA LEU B 567 -12.16 17.80 18.14
C LEU B 567 -11.67 19.16 18.65
N GLY B 568 -11.29 20.06 17.74
CA GLY B 568 -10.86 21.40 18.10
C GLY B 568 -9.38 21.68 17.92
N PHE B 569 -8.58 20.72 17.50
CA PHE B 569 -7.13 20.92 17.46
C PHE B 569 -6.71 21.68 16.20
N SER B 570 -5.74 22.58 16.36
CA SER B 570 -5.30 23.30 15.18
C SER B 570 -4.38 22.43 14.34
N ASP B 571 -4.19 22.83 13.09
CA ASP B 571 -3.24 22.13 12.24
C ASP B 571 -1.82 22.21 12.77
N GLU B 572 -1.53 23.19 13.65
CA GLU B 572 -0.20 23.26 14.25
C GLU B 572 -0.04 22.21 15.33
N GLU B 573 -1.07 22.03 16.16
CA GLU B 573 -1.03 21.01 17.20
C GLU B 573 -0.83 19.62 16.59
N TRP B 574 -1.42 19.38 15.41
CA TRP B 574 -1.23 18.11 14.74
C TRP B 574 0.23 17.89 14.39
N ASN B 575 0.89 18.94 13.88
CA ASN B 575 2.31 18.81 13.56
C ASN B 575 3.16 18.89 14.81
N ARG B 576 2.66 19.57 15.85
CA ARG B 576 3.40 19.63 17.10
C ARG B 576 3.49 18.26 17.74
N ALA B 577 2.36 17.54 17.79
CA ALA B 577 2.35 16.18 18.32
C ALA B 577 2.92 15.20 17.30
N GLY B 578 2.59 15.34 16.03
CA GLY B 578 3.08 14.43 15.01
C GLY B 578 2.29 13.15 14.89
N LYS B 579 1.25 12.96 15.70
CA LYS B 579 0.50 11.71 15.73
C LYS B 579 -0.76 11.95 16.54
N VAL B 580 -1.70 11.01 16.41
CA VAL B 580 -2.82 10.87 17.34
C VAL B 580 -2.87 9.42 17.81
N THR B 581 -2.93 9.22 19.13
CA THR B 581 -3.07 7.90 19.72
C THR B 581 -4.55 7.59 19.88
N VAL B 582 -5.02 6.49 19.27
CA VAL B 582 -6.43 6.14 19.30
C VAL B 582 -6.59 4.78 19.95
N LEU B 583 -7.75 4.57 20.57
CA LEU B 583 -8.09 3.26 21.11
C LEU B 583 -8.77 2.44 20.03
N ARG B 584 -8.43 1.16 19.98
CA ARG B 584 -8.83 0.29 18.88
C ARG B 584 -9.65 -0.88 19.41
N ALA B 585 -10.79 -1.16 18.76
CA ALA B 585 -11.71 -2.23 19.15
C ALA B 585 -12.12 -3.00 17.90
N ALA B 586 -11.55 -4.20 17.71
CA ALA B 586 -11.95 -5.11 16.63
C ALA B 586 -13.05 -6.02 17.18
N VAL B 587 -14.31 -5.62 16.98
CA VAL B 587 -15.43 -6.31 17.62
C VAL B 587 -15.68 -7.68 17.00
N MET B 588 -15.07 -8.72 17.59
CA MET B 588 -15.27 -10.07 17.10
C MET B 588 -16.17 -10.92 17.98
N THR B 589 -16.59 -10.41 19.14
CA THR B 589 -17.55 -11.13 19.96
C THR B 589 -18.84 -11.39 19.16
N PRO B 590 -19.41 -12.60 19.26
CA PRO B 590 -20.69 -12.87 18.60
C PRO B 590 -21.91 -12.61 19.47
N TYR B 591 -21.76 -12.10 20.70
CA TYR B 591 -22.86 -12.01 21.66
C TYR B 591 -23.50 -10.63 21.78
N MET B 592 -22.90 -9.58 21.22
CA MET B 592 -23.37 -8.22 21.40
C MET B 592 -24.23 -7.71 20.25
N ASN B 593 -24.67 -8.59 19.37
CA ASN B 593 -25.52 -8.17 18.25
C ASN B 593 -26.93 -7.91 18.70
N ASP B 594 -27.35 -8.55 19.79
CA ASP B 594 -28.69 -8.29 20.37
C ASP B 594 -28.59 -7.05 21.24
N LYS B 595 -29.42 -6.05 20.99
CA LYS B 595 -29.37 -4.78 21.74
C LYS B 595 -29.56 -5.04 23.22
N GLU B 596 -30.50 -5.89 23.58
CA GLU B 596 -30.81 -6.15 25.00
C GLU B 596 -29.58 -6.73 25.72
N GLU B 597 -28.84 -7.59 25.05
CA GLU B 597 -27.61 -8.17 25.66
C GLU B 597 -26.50 -7.13 25.69
N PHE B 598 -26.40 -6.26 24.69
CA PHE B 598 -25.41 -5.18 24.73
C PHE B 598 -25.75 -4.24 25.88
N ASP B 599 -27.03 -4.06 26.15
CA ASP B 599 -27.48 -3.11 27.19
C ASP B 599 -27.18 -3.68 28.56
N VAL B 600 -26.84 -4.95 28.62
CA VAL B 600 -26.47 -5.58 29.92
C VAL B 600 -25.01 -5.24 30.17
N TYR B 601 -24.19 -5.21 29.13
CA TYR B 601 -22.73 -5.00 29.33
C TYR B 601 -22.35 -3.53 29.19
N ALA B 602 -23.23 -2.71 28.61
CA ALA B 602 -22.98 -1.26 28.49
C ALA B 602 -22.71 -0.63 29.86
N PRO B 603 -23.52 -0.83 30.93
CA PRO B 603 -23.18 -0.31 32.24
C PRO B 603 -21.85 -0.83 32.80
N LYS B 604 -21.45 -2.04 32.43
CA LYS B 604 -20.19 -2.64 32.95
C LYS B 604 -19.02 -1.95 32.26
N ILE B 605 -19.14 -1.69 30.95
CA ILE B 605 -18.11 -0.93 30.21
C ILE B 605 -18.03 0.47 30.81
N GLN B 606 -19.18 1.11 31.03
CA GLN B 606 -19.21 2.48 31.58
C GLN B 606 -18.53 2.49 32.93
N ALA B 607 -18.92 1.60 33.83
CA ALA B 607 -18.39 1.65 35.20
C ALA B 607 -16.88 1.49 35.21
N ALA B 608 -16.36 0.58 34.40
CA ALA B 608 -14.90 0.31 34.38
C ALA B 608 -14.16 1.51 33.83
N LEU B 609 -14.71 2.13 32.79
CA LEU B 609 -14.06 3.30 32.19
C LEU B 609 -14.02 4.43 33.23
N GLN B 610 -15.10 4.65 33.97
CA GLN B 610 -15.10 5.66 35.06
C GLN B 610 -14.04 5.29 36.09
N GLU B 611 -13.99 4.02 36.50
CA GLU B 611 -13.05 3.64 37.57
C GLU B 611 -11.62 3.87 37.11
N LYS B 612 -11.34 3.61 35.83
CA LYS B 612 -9.96 3.75 35.32
C LYS B 612 -9.68 5.24 35.10
N LEU B 613 -10.68 6.01 34.72
CA LEU B 613 -10.49 7.47 34.53
C LEU B 613 -10.26 8.10 35.89
N GLU B 614 -11.06 7.72 36.88
CA GLU B 614 -10.84 8.23 38.26
C GLU B 614 -9.46 7.78 38.74
N GLN B 615 -8.96 6.68 38.22
CA GLN B 615 -7.65 6.15 38.69
C GLN B 615 -6.52 6.98 38.10
N ILE B 616 -6.61 7.42 36.84
CA ILE B 616 -5.47 8.13 36.21
C ILE B 616 -5.53 9.62 36.55
N TYR B 617 -6.61 10.07 37.18
CA TYR B 617 -6.78 11.51 37.49
C TYR B 617 -6.79 11.74 38.99
N ASP B 618 -6.27 10.80 39.78
CA ASP B 618 -6.18 11.01 41.24
C ASP B 618 -4.87 10.39 41.75
N LEU C 6 13.02 -37.88 40.88
CA LEU C 6 13.49 -38.69 39.75
C LEU C 6 14.99 -38.83 39.77
N ALA C 7 15.44 -40.04 40.08
CA ALA C 7 16.85 -40.36 40.05
C ALA C 7 17.35 -40.45 38.60
N LYS C 8 18.68 -40.51 38.47
CA LYS C 8 19.30 -40.70 37.18
C LYS C 8 18.81 -41.99 36.53
N GLY C 9 18.40 -41.90 35.26
CA GLY C 9 17.97 -43.08 34.54
C GLY C 9 16.62 -43.61 34.94
N GLU C 10 15.83 -42.81 35.65
CA GLU C 10 14.57 -43.25 36.19
C GLU C 10 13.40 -42.67 35.40
N MET C 11 13.68 -41.88 34.37
CA MET C 11 12.61 -41.35 33.54
C MET C 11 12.04 -42.49 32.70
N ASN C 12 10.75 -42.76 32.84
CA ASN C 12 10.11 -43.87 32.13
C ASN C 12 9.41 -43.29 30.90
N LEU C 13 9.98 -43.53 29.73
CA LEU C 13 9.37 -43.02 28.52
C LEU C 13 8.01 -43.63 28.24
N ASN C 14 7.74 -44.83 28.78
CA ASN C 14 6.45 -45.46 28.54
C ASN C 14 5.31 -44.68 29.17
N ALA C 15 5.61 -43.78 30.09
CA ALA C 15 4.59 -42.93 30.66
C ALA C 15 4.34 -41.68 29.83
N LEU C 16 5.13 -41.44 28.77
CA LEU C 16 5.05 -40.18 28.05
C LEU C 16 4.39 -40.30 26.67
N PHE C 17 3.78 -41.43 26.35
CA PHE C 17 3.10 -41.61 25.08
C PHE C 17 1.74 -42.27 25.31
N ILE C 18 0.75 -41.87 24.51
CA ILE C 18 -0.55 -42.53 24.58
C ILE C 18 -0.38 -44.03 24.40
N GLY C 19 0.47 -44.42 23.45
CA GLY C 19 0.85 -45.80 23.28
C GLY C 19 0.50 -46.40 21.94
N ASP C 20 1.27 -47.41 21.53
CA ASP C 20 0.95 -48.22 20.35
C ASP C 20 -0.45 -48.84 20.41
N LYS C 21 -0.93 -49.23 21.60
CA LYS C 21 -2.28 -49.76 21.72
C LYS C 21 -3.05 -49.02 22.78
N ALA C 22 -2.87 -47.70 22.82
CA ALA C 22 -3.64 -46.83 23.72
C ALA C 22 -3.54 -47.29 25.17
N GLU C 23 -2.39 -47.88 25.55
CA GLU C 23 -2.23 -48.35 26.93
C GLU C 23 -2.37 -47.20 27.92
N ASN C 24 -1.93 -46.00 27.57
CA ASN C 24 -2.11 -44.84 28.44
C ASN C 24 -3.26 -43.97 27.98
N GLY C 25 -4.28 -44.58 27.39
CA GLY C 25 -5.41 -43.82 26.88
C GLY C 25 -6.18 -43.16 28.00
N GLN C 26 -6.41 -43.90 29.09
CA GLN C 26 -7.12 -43.32 30.21
C GLN C 26 -6.30 -42.22 30.88
N LEU C 27 -4.99 -42.42 30.98
CA LEU C 27 -4.14 -41.39 31.56
C LEU C 27 -4.23 -40.11 30.74
N TYR C 28 -4.16 -40.24 29.42
CA TYR C 28 -4.31 -39.10 28.53
C TYR C 28 -5.66 -38.41 28.74
N LYS C 29 -6.76 -39.18 28.70
CA LYS C 29 -8.09 -38.58 28.81
C LYS C 29 -8.25 -37.89 30.15
N ASP C 30 -7.79 -38.51 31.24
CA ASP C 30 -7.93 -37.91 32.56
C ASP C 30 -7.18 -36.58 32.64
N LEU C 31 -5.94 -36.54 32.15
CA LEU C 31 -5.17 -35.30 32.20
C LEU C 31 -5.75 -34.26 31.25
N LEU C 32 -6.21 -34.71 30.06
CA LEU C 32 -6.82 -33.80 29.11
C LEU C 32 -8.03 -33.11 29.69
N ILE C 33 -8.91 -33.88 30.34
CA ILE C 33 -10.13 -33.34 30.92
C ILE C 33 -9.81 -32.48 32.13
N ASP C 34 -8.81 -32.85 32.92
CA ASP C 34 -8.42 -32.02 34.05
C ASP C 34 -7.98 -30.65 33.58
N LEU C 35 -7.16 -30.63 32.52
CA LEU C 35 -6.67 -29.35 31.98
C LEU C 35 -7.83 -28.53 31.41
N VAL C 36 -8.71 -29.13 30.62
CA VAL C 36 -9.89 -28.43 30.08
C VAL C 36 -10.72 -27.84 31.22
N ASP C 37 -10.86 -28.55 32.32
CA ASP C 37 -11.68 -28.09 33.47
C ASP C 37 -11.04 -26.89 34.15
N GLU C 38 -9.71 -26.84 34.19
CA GLU C 38 -8.98 -25.69 34.75
C GLU C 38 -9.15 -24.48 33.84
N HIS C 39 -9.18 -24.68 32.53
CA HIS C 39 -9.45 -23.57 31.60
C HIS C 39 -10.89 -23.09 31.76
N LEU C 40 -11.82 -23.99 32.01
CA LEU C 40 -13.25 -23.60 32.08
C LEU C 40 -13.47 -22.83 33.38
N GLY C 41 -12.74 -23.16 34.42
CA GLY C 41 -12.85 -22.43 35.70
C GLY C 41 -12.23 -21.06 35.61
N TRP C 42 -11.18 -20.93 34.80
CA TRP C 42 -10.55 -19.61 34.55
C TRP C 42 -11.53 -18.71 33.79
N ARG C 43 -12.32 -19.29 32.90
CA ARG C 43 -13.24 -18.49 32.08
C ARG C 43 -14.38 -18.01 32.96
N GLN C 44 -14.79 -18.84 33.89
CA GLN C 44 -15.98 -18.53 34.71
C GLN C 44 -15.65 -17.57 35.83
N ASN C 45 -14.41 -17.57 36.30
CA ASN C 45 -14.08 -16.76 37.48
C ASN C 45 -13.46 -15.45 37.04
N TYR C 46 -13.45 -15.19 35.73
CA TYR C 46 -13.09 -13.86 35.21
C TYR C 46 -14.38 -13.08 35.28
N MET C 47 -14.44 -12.03 36.08
CA MET C 47 -15.71 -11.31 36.31
C MET C 47 -16.79 -12.31 36.68
N PRO C 48 -16.68 -12.97 37.86
CA PRO C 48 -17.64 -14.00 38.24
C PRO C 48 -19.04 -13.45 38.48
N GLN C 49 -19.17 -12.13 38.54
CA GLN C 49 -20.48 -11.46 38.74
C GLN C 49 -21.22 -11.41 37.42
N ASP C 50 -20.50 -11.64 36.32
CA ASP C 50 -21.16 -11.72 35.00
C ASP C 50 -21.96 -13.01 34.95
N MET C 51 -23.24 -12.89 34.64
CA MET C 51 -24.10 -14.07 34.56
C MET C 51 -23.99 -14.68 33.16
N PRO C 52 -24.14 -16.00 33.01
CA PRO C 52 -24.11 -16.62 31.70
C PRO C 52 -25.03 -16.00 30.65
N VAL C 53 -24.51 -15.75 29.46
CA VAL C 53 -25.28 -15.13 28.34
C VAL C 53 -26.08 -16.23 27.63
N ILE C 54 -25.47 -17.38 27.38
CA ILE C 54 -26.21 -18.52 26.81
C ILE C 54 -27.06 -19.11 27.94
N SER C 55 -28.37 -19.06 27.79
CA SER C 55 -29.29 -19.50 28.86
C SER C 55 -29.47 -21.01 28.85
N SER C 56 -30.14 -21.52 29.89
CA SER C 56 -30.43 -22.95 30.01
C SER C 56 -31.48 -23.33 28.97
N GLN C 57 -32.47 -22.46 28.80
CA GLN C 57 -33.56 -22.69 27.85
C GLN C 57 -33.03 -22.72 26.42
N GLU C 58 -32.06 -21.88 26.11
CA GLU C 58 -31.51 -21.82 24.75
C GLU C 58 -30.77 -23.12 24.46
N ARG C 59 -30.24 -23.76 25.49
CA ARG C 59 -29.43 -24.98 25.32
C ARG C 59 -30.34 -26.21 25.25
N THR C 60 -31.64 -26.02 25.43
CA THR C 60 -32.62 -27.14 25.35
C THR C 60 -33.56 -26.79 24.19
N SER C 61 -33.23 -25.74 23.45
CA SER C 61 -34.05 -25.27 22.31
C SER C 61 -33.89 -26.19 21.10
N LYS C 62 -34.86 -26.16 20.20
CA LYS C 62 -34.85 -27.05 19.02
C LYS C 62 -33.77 -26.61 18.05
N SER C 63 -33.61 -25.31 17.88
CA SER C 63 -32.54 -24.78 17.01
C SER C 63 -31.17 -25.21 17.53
N TYR C 64 -30.96 -25.16 18.84
CA TYR C 64 -29.66 -25.54 19.44
C TYR C 64 -29.39 -27.02 19.15
N GLU C 65 -30.36 -27.89 19.44
CA GLU C 65 -30.22 -29.34 19.21
C GLU C 65 -29.92 -29.60 17.74
N LYS C 66 -30.60 -28.90 16.85
CA LYS C 66 -30.42 -29.13 15.41
C LYS C 66 -29.03 -28.66 14.98
N THR C 67 -28.53 -27.62 15.62
CA THR C 67 -27.18 -27.11 15.29
C THR C 67 -26.11 -28.06 15.86
N VAL C 68 -26.36 -28.63 17.03
CA VAL C 68 -25.40 -29.56 17.69
C VAL C 68 -25.38 -30.88 16.91
N ASN C 69 -26.52 -31.31 16.39
CA ASN C 69 -26.60 -32.56 15.60
C ASN C 69 -25.86 -32.39 14.27
N HIS C 70 -25.91 -31.20 13.69
CA HIS C 70 -25.19 -30.89 12.43
C HIS C 70 -23.68 -30.92 12.68
N MET C 71 -23.23 -30.44 13.83
CA MET C 71 -21.80 -30.45 14.18
C MET C 71 -21.35 -31.90 14.32
N LYS C 72 -22.10 -32.69 15.08
CA LYS C 72 -21.80 -34.12 15.29
C LYS C 72 -21.73 -34.84 13.95
N ASP C 73 -22.56 -34.45 13.00
CA ASP C 73 -22.58 -35.08 11.66
C ASP C 73 -21.26 -34.80 10.92
N VAL C 74 -20.77 -33.57 11.01
CA VAL C 74 -19.54 -33.16 10.28
C VAL C 74 -18.34 -33.82 10.97
N LEU C 75 -18.39 -33.95 12.29
CA LEU C 75 -17.32 -34.60 13.04
C LEU C 75 -17.35 -36.12 12.78
N ASN C 76 -18.53 -36.66 12.50
CA ASN C 76 -18.65 -38.11 12.18
C ASN C 76 -18.04 -38.37 10.80
N GLU C 77 -18.14 -37.40 9.90
CA GLU C 77 -17.52 -37.50 8.55
C GLU C 77 -16.02 -37.36 8.69
N ILE C 78 -15.56 -36.41 9.49
CA ILE C 78 -14.11 -36.22 9.73
C ILE C 78 -13.58 -37.53 10.31
N SER C 79 -14.27 -38.09 11.29
CA SER C 79 -13.86 -39.37 11.90
C SER C 79 -13.71 -40.45 10.83
N SER C 80 -14.72 -40.64 9.99
CA SER C 80 -14.69 -41.67 8.94
C SER C 80 -13.48 -41.50 8.05
N ARG C 81 -13.25 -40.29 7.58
CA ARG C 81 -12.15 -40.05 6.63
C ARG C 81 -10.80 -40.31 7.29
N MET C 82 -10.61 -39.86 8.51
CA MET C 82 -9.33 -40.04 9.22
C MET C 82 -9.11 -41.52 9.54
N ARG C 83 -10.16 -42.25 9.82
CA ARG C 83 -9.99 -43.66 10.21
C ARG C 83 -10.01 -44.54 8.96
N THR C 84 -10.15 -43.93 7.79
CA THR C 84 -10.16 -44.70 6.52
C THR C 84 -8.81 -44.55 5.82
N HIS C 85 -8.18 -43.39 5.89
CA HIS C 85 -6.96 -43.16 5.08
C HIS C 85 -5.69 -42.84 5.88
N SER C 86 -5.81 -42.57 7.17
CA SER C 86 -4.60 -42.14 7.93
C SER C 86 -3.60 -43.27 8.15
N VAL C 87 -2.33 -42.93 8.38
CA VAL C 87 -1.23 -43.93 8.50
C VAL C 87 -1.00 -44.37 9.96
N PRO C 88 -0.90 -45.69 10.23
CA PRO C 88 -0.71 -46.17 11.59
C PRO C 88 0.70 -46.26 12.17
N TRP C 89 1.43 -45.14 12.21
CA TRP C 89 2.82 -45.09 12.72
C TRP C 89 2.84 -45.08 14.25
N HIS C 90 1.70 -45.35 14.87
CA HIS C 90 1.59 -45.46 16.34
C HIS C 90 2.16 -46.82 16.73
N THR C 91 2.21 -47.74 15.76
CA THR C 91 2.70 -49.12 16.02
C THR C 91 4.13 -49.12 16.55
N ALA C 92 4.46 -50.11 17.36
CA ALA C 92 5.79 -50.19 17.99
C ALA C 92 6.81 -50.80 17.02
N GLY C 93 6.45 -51.80 16.23
CA GLY C 93 7.46 -52.48 15.38
C GLY C 93 6.91 -52.96 14.06
N ARG C 94 5.98 -52.23 13.49
CA ARG C 94 5.43 -52.60 12.16
C ARG C 94 5.66 -51.44 11.18
N TYR C 95 5.93 -50.24 11.69
CA TYR C 95 6.19 -49.05 10.83
C TYR C 95 7.68 -48.76 10.81
N TRP C 96 8.29 -48.87 9.64
CA TRP C 96 9.72 -48.58 9.49
C TRP C 96 9.88 -47.71 8.27
N GLY C 97 9.38 -46.47 8.32
CA GLY C 97 9.41 -45.65 7.12
C GLY C 97 9.71 -44.17 7.30
N HIS C 98 8.70 -43.32 7.24
CA HIS C 98 8.93 -41.85 7.27
C HIS C 98 9.27 -41.31 8.65
N MET C 99 9.74 -40.07 8.71
CA MET C 99 10.16 -39.43 9.98
C MET C 99 8.91 -39.03 10.77
N ASN C 100 8.20 -40.01 11.30
CA ASN C 100 6.90 -39.73 11.95
C ASN C 100 6.54 -40.95 12.79
N SER C 101 6.25 -40.72 14.06
CA SER C 101 5.82 -41.82 14.95
C SER C 101 4.75 -41.28 15.86
N GLU C 102 4.94 -41.50 17.14
CA GLU C 102 3.98 -41.03 18.14
C GLU C 102 4.54 -39.72 18.69
N THR C 103 3.67 -38.85 19.15
CA THR C 103 4.13 -37.58 19.75
C THR C 103 4.03 -37.69 21.25
N LEU C 104 4.78 -36.86 21.95
CA LEU C 104 4.75 -36.85 23.43
C LEU C 104 3.38 -36.41 23.95
N MET C 105 2.81 -37.17 24.86
CA MET C 105 1.51 -36.83 25.50
C MET C 105 1.59 -35.45 26.16
N PRO C 106 2.61 -35.08 26.96
CA PRO C 106 2.71 -33.73 27.48
C PRO C 106 2.49 -32.64 26.44
N SER C 107 3.11 -32.74 25.26
CA SER C 107 2.97 -31.75 24.16
C SER C 107 1.53 -31.69 23.66
N LEU C 108 0.91 -32.82 23.36
CA LEU C 108 -0.50 -32.87 22.88
C LEU C 108 -1.41 -32.26 23.93
N LEU C 109 -1.17 -32.57 25.19
CA LEU C 109 -2.01 -32.09 26.29
C LEU C 109 -1.90 -30.58 26.41
N ALA C 110 -0.68 -30.06 26.36
CA ALA C 110 -0.42 -28.62 26.49
C ALA C 110 -0.92 -27.86 25.25
N TYR C 111 -0.77 -28.41 24.07
CA TYR C 111 -1.33 -27.73 22.88
C TYR C 111 -2.83 -27.56 23.03
N ASN C 112 -3.58 -28.64 23.30
CA ASN C 112 -5.05 -28.51 23.37
C ASN C 112 -5.44 -27.53 24.46
N PHE C 113 -4.75 -27.56 25.59
CA PHE C 113 -5.06 -26.70 26.74
C PHE C 113 -4.90 -25.24 26.33
N ALA C 114 -3.78 -24.91 25.70
CA ALA C 114 -3.49 -23.52 25.33
C ALA C 114 -4.34 -23.06 24.15
N MET C 115 -4.62 -23.96 23.22
CA MET C 115 -5.47 -23.62 22.06
C MET C 115 -6.80 -23.09 22.58
N LEU C 116 -7.15 -23.45 23.81
CA LEU C 116 -8.41 -22.93 24.32
C LEU C 116 -8.31 -21.44 24.63
N TRP C 117 -7.10 -20.94 24.86
CA TRP C 117 -6.86 -19.51 25.01
C TRP C 117 -6.60 -18.84 23.66
N ASN C 118 -6.08 -19.60 22.69
CA ASN C 118 -5.86 -19.12 21.34
C ASN C 118 -4.98 -17.88 21.31
N GLY C 119 -3.90 -17.93 22.09
CA GLY C 119 -2.96 -16.83 22.11
C GLY C 119 -2.13 -16.78 20.83
N ASN C 120 -1.83 -15.55 20.40
CA ASN C 120 -0.99 -15.27 19.23
C ASN C 120 0.37 -14.79 19.72
N ASN C 121 1.43 -15.51 19.33
CA ASN C 121 2.77 -15.19 19.81
C ASN C 121 3.48 -14.10 19.02
N VAL C 122 2.88 -13.59 17.94
CA VAL C 122 3.53 -12.55 17.14
C VAL C 122 3.69 -11.26 17.94
N ALA C 123 2.92 -11.11 19.02
CA ALA C 123 2.97 -9.93 19.87
C ALA C 123 2.69 -10.36 21.30
N TYR C 124 3.62 -10.00 22.20
CA TYR C 124 3.58 -10.40 23.61
C TYR C 124 2.24 -10.09 24.26
N GLU C 125 1.61 -8.98 23.85
CA GLU C 125 0.37 -8.55 24.48
C GLU C 125 -0.75 -9.56 24.32
N SER C 126 -0.71 -10.37 23.26
CA SER C 126 -1.83 -11.31 23.00
C SER C 126 -1.77 -12.50 23.95
N SER C 127 -0.59 -13.07 24.13
CA SER C 127 -0.45 -14.16 25.13
C SER C 127 0.88 -14.02 25.84
N PRO C 128 0.94 -13.22 26.91
CA PRO C 128 2.17 -13.02 27.67
C PRO C 128 2.84 -14.31 28.14
N ALA C 129 2.05 -15.27 28.62
CA ALA C 129 2.60 -16.54 29.18
C ALA C 129 3.21 -17.43 28.10
N THR C 130 2.55 -17.54 26.96
CA THR C 130 3.07 -18.35 25.84
C THR C 130 4.26 -17.65 25.19
N SER C 131 4.29 -16.33 25.21
CA SER C 131 5.42 -15.56 24.65
C SER C 131 6.65 -15.75 25.53
N GLN C 132 6.46 -15.78 26.85
CA GLN C 132 7.57 -16.06 27.78
C GLN C 132 8.04 -17.49 27.57
N MET C 133 7.13 -18.38 27.22
CA MET C 133 7.47 -19.80 26.99
C MET C 133 8.32 -19.92 25.73
N GLU C 134 8.03 -19.16 24.68
CA GLU C 134 8.85 -19.19 23.44
C GLU C 134 10.23 -18.60 23.69
N GLU C 135 10.31 -17.55 24.51
CA GLU C 135 11.62 -16.98 24.87
C GLU C 135 12.44 -18.04 25.58
N GLU C 136 11.83 -18.71 26.54
CA GLU C 136 12.52 -19.79 27.25
C GLU C 136 12.88 -20.88 26.24
N VAL C 137 11.97 -21.19 25.31
CA VAL C 137 12.30 -22.21 24.32
C VAL C 137 13.51 -21.79 23.50
N GLY C 138 13.59 -20.49 23.16
CA GLY C 138 14.73 -20.01 22.38
C GLY C 138 16.05 -20.18 23.11
N HIS C 139 16.09 -19.82 24.38
CA HIS C 139 17.28 -20.11 25.17
C HIS C 139 17.51 -21.59 25.30
N GLU C 140 16.44 -22.40 25.32
CA GLU C 140 16.63 -23.84 25.42
C GLU C 140 17.22 -24.40 24.13
N PHE C 141 16.77 -23.90 22.97
CA PHE C 141 17.44 -24.19 21.71
C PHE C 141 18.90 -23.73 21.76
N ALA C 142 19.13 -22.52 22.30
CA ALA C 142 20.49 -21.98 22.32
C ALA C 142 21.42 -22.85 23.16
N HIS C 143 20.96 -23.33 24.30
CA HIS C 143 21.80 -24.20 25.14
C HIS C 143 21.95 -25.60 24.53
N LEU C 144 20.99 -26.07 23.74
CA LEU C 144 21.12 -27.39 23.08
C LEU C 144 22.24 -27.31 22.06
N MET C 145 22.50 -26.13 21.52
CA MET C 145 23.55 -25.94 20.48
C MET C 145 24.82 -25.41 21.12
N SER C 146 24.89 -25.37 22.45
CA SER C 146 26.08 -24.93 23.21
C SER C 146 26.46 -23.50 22.86
N TYR C 147 25.48 -22.68 22.51
CA TYR C 147 25.72 -21.25 22.24
C TYR C 147 25.75 -20.51 23.57
N LYS C 148 26.68 -19.57 23.72
CA LYS C 148 26.84 -18.86 25.01
C LYS C 148 25.98 -17.59 25.05
N ASN C 149 25.88 -16.87 23.94
CA ASN C 149 24.99 -15.69 23.88
C ASN C 149 24.12 -15.84 22.65
N GLY C 150 23.41 -16.97 22.57
CA GLY C 150 22.56 -17.23 21.40
C GLY C 150 21.11 -16.91 21.64
N TRP C 151 20.27 -17.27 20.67
CA TRP C 151 18.81 -17.07 20.79
C TRP C 151 18.15 -18.01 19.80
N GLY C 152 16.83 -18.04 19.81
CA GLY C 152 16.07 -18.84 18.85
C GLY C 152 14.60 -18.60 18.98
N HIS C 153 13.81 -19.20 18.11
CA HIS C 153 12.34 -19.08 18.18
C HIS C 153 11.74 -20.26 17.43
N ILE C 154 10.43 -20.45 17.60
CA ILE C 154 9.74 -21.54 16.86
C ILE C 154 9.37 -20.99 15.49
N VAL C 155 9.69 -21.71 14.44
CA VAL C 155 9.29 -21.32 13.07
C VAL C 155 8.21 -22.32 12.69
N ALA C 156 7.44 -22.07 11.65
CA ALA C 156 6.29 -22.94 11.33
C ALA C 156 6.80 -24.27 10.81
N ASP C 157 7.87 -24.22 10.04
CA ASP C 157 8.51 -25.47 9.57
C ASP C 157 10.00 -25.22 9.44
N GLY C 158 10.75 -26.23 9.03
CA GLY C 158 12.20 -26.09 8.85
C GLY C 158 12.51 -25.53 7.50
N SER C 159 11.57 -25.65 6.59
CA SER C 159 11.76 -25.06 5.24
C SER C 159 11.78 -23.53 5.40
N LEU C 160 10.93 -23.00 6.26
CA LEU C 160 10.84 -21.54 6.48
C LEU C 160 11.97 -21.10 7.39
N ALA C 161 12.47 -22.00 8.22
CA ALA C 161 13.62 -21.70 9.10
C ALA C 161 14.88 -21.69 8.24
N ASN C 162 14.90 -22.53 7.21
CA ASN C 162 16.03 -22.56 6.26
C ASN C 162 16.00 -21.25 5.48
N LEU C 163 14.81 -20.77 5.13
CA LEU C 163 14.68 -19.48 4.42
C LEU C 163 15.14 -18.36 5.34
N GLU C 164 14.80 -18.41 6.62
CA GLU C 164 15.22 -17.37 7.58
C GLU C 164 16.74 -17.45 7.75
N GLY C 165 17.34 -18.61 7.55
CA GLY C 165 18.80 -18.72 7.62
C GLY C 165 19.45 -18.08 6.41
N LEU C 166 18.86 -18.26 5.22
CA LEU C 166 19.38 -17.60 4.00
C LEU C 166 19.08 -16.11 4.09
N TRP C 167 18.03 -15.74 4.82
CA TRP C 167 17.76 -14.30 5.05
C TRP C 167 18.88 -13.73 5.90
N TYR C 168 19.15 -14.36 7.04
CA TYR C 168 20.21 -13.90 7.95
C TYR C 168 21.51 -13.79 7.17
N ALA C 169 21.83 -14.81 6.38
CA ALA C 169 23.09 -14.80 5.63
C ALA C 169 23.11 -13.69 4.57
N ARG C 170 22.07 -13.60 3.74
CA ARG C 170 21.99 -12.54 2.70
C ARG C 170 22.25 -11.19 3.35
N ASN C 171 21.44 -10.87 4.34
CA ASN C 171 21.54 -9.53 4.98
C ASN C 171 22.91 -9.34 5.63
N ILE C 172 23.57 -10.40 6.09
CA ILE C 172 24.85 -10.24 6.85
C ILE C 172 25.99 -10.01 5.86
N LYS C 173 25.96 -10.67 4.70
CA LYS C 173 27.09 -10.55 3.75
C LYS C 173 26.96 -9.19 3.06
N SER C 174 25.76 -8.62 3.07
CA SER C 174 25.53 -7.33 2.38
C SER C 174 25.93 -6.21 3.33
N LEU C 175 26.00 -6.50 4.62
CA LEU C 175 26.28 -5.42 5.59
C LEU C 175 27.62 -4.76 5.26
N PRO C 176 28.77 -5.47 5.09
CA PRO C 176 30.02 -4.86 4.64
C PRO C 176 29.93 -3.75 3.59
N PHE C 177 29.33 -4.05 2.44
CA PHE C 177 29.18 -3.05 1.35
C PHE C 177 28.36 -1.86 1.86
N ALA C 178 27.33 -2.14 2.64
CA ALA C 178 26.45 -1.07 3.17
C ALA C 178 27.20 -0.27 4.22
N MET C 179 28.27 -0.85 4.76
CA MET C 179 29.11 -0.14 5.75
C MET C 179 30.18 0.64 4.99
N LYS C 180 30.26 0.50 3.67
CA LYS C 180 31.20 1.30 2.85
C LYS C 180 30.39 2.45 2.28
N GLU C 181 29.08 2.25 2.17
CA GLU C 181 28.18 3.30 1.59
C GLU C 181 27.70 4.20 2.72
N VAL C 182 27.90 3.81 3.97
CA VAL C 182 27.51 4.65 5.14
C VAL C 182 28.61 4.39 6.17
N LYS C 183 29.05 5.41 6.90
CA LYS C 183 30.17 5.26 7.88
C LYS C 183 31.25 4.33 7.31
N PRO C 184 32.02 4.72 6.27
CA PRO C 184 32.99 3.82 5.67
C PRO C 184 34.24 3.67 6.54
N GLU C 185 34.28 4.36 7.67
CA GLU C 185 35.43 4.25 8.61
C GLU C 185 35.36 2.89 9.30
N LEU C 186 34.18 2.28 9.33
CA LEU C 186 34.01 0.94 9.94
C LEU C 186 34.87 -0.03 9.15
N VAL C 187 34.90 0.15 7.83
CA VAL C 187 35.72 -0.74 6.96
C VAL C 187 36.83 0.10 6.35
N ALA C 188 37.42 0.99 7.14
CA ALA C 188 38.48 1.91 6.66
C ALA C 188 39.53 1.17 5.84
N GLY C 189 39.54 1.38 4.53
CA GLY C 189 40.57 0.77 3.68
C GLY C 189 40.41 -0.74 3.61
N LYS C 190 39.39 -1.21 2.90
CA LYS C 190 39.19 -2.67 2.71
C LYS C 190 38.75 -2.92 1.27
N SER C 191 39.37 -3.89 0.61
CA SER C 191 39.02 -4.25 -0.78
C SER C 191 37.60 -4.81 -0.83
N ASP C 192 37.02 -4.86 -2.03
CA ASP C 192 35.69 -5.50 -2.15
C ASP C 192 35.84 -6.96 -1.71
N TRP C 193 36.85 -7.67 -2.19
CA TRP C 193 37.10 -9.07 -1.74
C TRP C 193 37.23 -9.12 -0.23
N GLU C 194 37.90 -8.13 0.36
CA GLU C 194 38.04 -8.09 1.84
C GLU C 194 36.66 -7.92 2.47
N LEU C 195 35.83 -7.02 1.94
CA LEU C 195 34.52 -6.76 2.57
C LEU C 195 33.69 -8.03 2.47
N LEU C 196 33.67 -8.65 1.30
CA LEU C 196 32.81 -9.82 1.09
C LEU C 196 33.46 -11.10 1.61
N ASN C 197 34.41 -11.00 2.55
CA ASN C 197 35.02 -12.20 3.17
C ASN C 197 35.35 -11.86 4.62
N MET C 198 34.66 -10.86 5.16
CA MET C 198 34.83 -10.53 6.60
C MET C 198 34.00 -11.53 7.40
N PRO C 199 34.55 -12.12 8.48
CA PRO C 199 33.80 -13.05 9.33
C PRO C 199 32.55 -12.48 10.00
N THR C 200 31.57 -13.33 10.32
CA THR C 200 30.27 -12.87 10.86
C THR C 200 30.43 -12.11 12.17
N LYS C 201 31.27 -12.59 13.08
CA LYS C 201 31.42 -11.91 14.39
C LYS C 201 31.92 -10.51 14.13
N GLU C 202 32.90 -10.38 13.25
CA GLU C 202 33.47 -9.05 12.92
C GLU C 202 32.36 -8.13 12.47
N ILE C 203 31.56 -8.57 11.51
CA ILE C 203 30.47 -7.71 10.95
C ILE C 203 29.56 -7.30 12.09
N MET C 204 29.21 -8.25 12.94
CA MET C 204 28.23 -7.95 14.00
C MET C 204 28.83 -6.95 14.99
N ASP C 205 30.08 -7.17 15.39
CA ASP C 205 30.74 -6.27 16.36
C ASP C 205 30.77 -4.86 15.77
N LEU C 206 31.09 -4.78 14.49
CA LEU C 206 31.18 -3.47 13.80
C LEU C 206 29.80 -2.81 13.74
N LEU C 207 28.75 -3.56 13.41
CA LEU C 207 27.39 -2.97 13.27
C LEU C 207 26.93 -2.45 14.61
N GLU C 208 27.32 -3.11 15.70
CA GLU C 208 26.78 -2.67 17.00
C GLU C 208 27.45 -1.35 17.37
N SER C 209 28.70 -1.16 16.95
CA SER C 209 29.42 0.11 17.24
C SER C 209 28.66 1.31 16.67
N ALA C 210 28.04 1.14 15.49
CA ALA C 210 27.29 2.23 14.84
C ALA C 210 25.85 2.27 15.36
N GLU C 211 25.67 2.59 16.63
CA GLU C 211 24.32 2.52 17.23
C GLU C 211 23.36 3.44 16.49
N ASP C 212 23.77 4.66 16.21
CA ASP C 212 22.81 5.64 15.63
C ASP C 212 22.64 5.43 14.13
N GLU C 213 23.48 4.61 13.50
CA GLU C 213 23.38 4.48 12.04
C GLU C 213 23.02 3.06 11.62
N ILE C 214 22.71 2.18 12.57
CA ILE C 214 22.44 0.75 12.20
C ILE C 214 21.25 0.72 11.25
N ASP C 215 20.25 1.55 11.52
CA ASP C 215 19.03 1.53 10.68
C ASP C 215 19.40 1.92 9.25
N GLU C 216 20.30 2.88 9.08
CA GLU C 216 20.71 3.35 7.74
C GLU C 216 21.57 2.29 7.07
N ILE C 217 22.49 1.67 7.82
CA ILE C 217 23.32 0.58 7.25
C ILE C 217 22.40 -0.56 6.81
N LYS C 218 21.35 -0.85 7.58
CA LYS C 218 20.41 -1.94 7.23
C LYS C 218 19.58 -1.52 6.02
N ALA C 219 19.30 -0.23 5.91
CA ALA C 219 18.55 0.28 4.74
C ALA C 219 19.42 0.17 3.49
N HIS C 220 20.72 0.13 3.68
CA HIS C 220 21.65 0.01 2.53
C HIS C 220 22.02 -1.46 2.33
N SER C 221 21.42 -2.35 3.12
CA SER C 221 21.75 -3.79 3.04
C SER C 221 20.88 -4.49 2.01
N ALA C 222 20.88 -5.82 1.99
CA ALA C 222 20.12 -6.57 0.96
C ALA C 222 18.64 -6.33 1.17
N ARG C 223 18.26 -5.70 2.27
CA ARG C 223 16.85 -5.36 2.52
C ARG C 223 16.36 -4.39 1.45
N SER C 224 17.26 -3.64 0.82
CA SER C 224 16.91 -2.63 -0.23
C SER C 224 16.69 -3.27 -1.59
N GLY C 225 17.35 -4.38 -1.87
CA GLY C 225 17.21 -5.07 -3.16
C GLY C 225 18.50 -5.06 -3.93
N LYS C 226 19.54 -4.48 -3.35
CA LYS C 226 20.80 -4.30 -4.10
C LYS C 226 21.88 -5.28 -3.65
N HIS C 227 22.77 -5.66 -4.57
CA HIS C 227 23.93 -6.55 -4.28
C HIS C 227 23.49 -7.98 -4.04
N LEU C 228 22.46 -8.45 -4.74
CA LEU C 228 21.94 -9.81 -4.46
C LEU C 228 22.79 -10.83 -5.23
N GLN C 229 23.46 -10.40 -6.29
CA GLN C 229 24.30 -11.32 -7.10
C GLN C 229 25.76 -11.12 -6.73
N ALA C 230 26.03 -10.16 -5.86
CA ALA C 230 27.42 -9.87 -5.46
C ALA C 230 27.71 -10.53 -4.13
N ILE C 231 26.67 -10.92 -3.41
CA ILE C 231 26.90 -11.48 -2.04
C ILE C 231 27.49 -12.88 -2.16
N GLY C 232 27.14 -13.61 -3.21
CA GLY C 232 27.84 -14.89 -3.40
C GLY C 232 26.99 -16.09 -3.74
N LYS C 233 27.61 -17.27 -3.67
CA LYS C 233 26.91 -18.53 -4.03
C LYS C 233 26.51 -19.30 -2.78
N TRP C 234 25.35 -19.93 -2.80
CA TRP C 234 24.91 -20.78 -1.67
C TRP C 234 25.40 -22.19 -1.90
N LEU C 235 26.29 -22.66 -1.05
CA LEU C 235 26.88 -23.99 -1.24
C LEU C 235 26.09 -24.98 -0.37
N VAL C 236 25.51 -25.99 -0.99
CA VAL C 236 24.61 -26.92 -0.27
C VAL C 236 25.02 -28.33 -0.70
N PRO C 237 24.74 -29.39 0.08
CA PRO C 237 25.04 -30.72 -0.36
C PRO C 237 24.19 -31.06 -1.60
N GLN C 238 24.65 -31.99 -2.42
CA GLN C 238 23.93 -32.30 -3.68
C GLN C 238 22.65 -33.08 -3.38
N THR C 239 22.53 -33.62 -2.17
CA THR C 239 21.36 -34.43 -1.76
C THR C 239 20.50 -33.55 -0.86
N LYS C 240 20.52 -32.24 -1.09
CA LYS C 240 19.83 -31.27 -0.21
C LYS C 240 18.32 -31.37 -0.34
N HIS C 241 17.62 -30.79 0.63
CA HIS C 241 16.14 -30.78 0.60
C HIS C 241 15.69 -29.67 -0.32
N TYR C 242 14.60 -29.87 -1.05
CA TYR C 242 14.08 -28.86 -1.99
C TYR C 242 13.87 -27.52 -1.29
N SER C 243 13.74 -27.51 0.04
CA SER C 243 13.59 -26.28 0.83
C SER C 243 14.71 -25.30 0.51
N TRP C 244 15.88 -25.80 0.17
CA TRP C 244 17.04 -24.92 -0.11
C TRP C 244 16.93 -24.24 -1.47
N LEU C 245 16.43 -24.94 -2.47
CA LEU C 245 16.20 -24.31 -3.79
C LEU C 245 15.06 -23.30 -3.67
N LYS C 246 13.97 -23.68 -3.03
CA LYS C 246 12.82 -22.76 -2.87
C LYS C 246 13.30 -21.52 -2.13
N ALA C 247 14.19 -21.68 -1.16
CA ALA C 247 14.69 -20.55 -0.38
C ALA C 247 15.51 -19.62 -1.27
N ALA C 248 16.39 -20.17 -2.10
CA ALA C 248 17.17 -19.34 -3.04
C ALA C 248 16.22 -18.55 -3.93
N ASP C 249 15.28 -19.24 -4.57
CA ASP C 249 14.24 -18.60 -5.39
C ASP C 249 13.57 -17.48 -4.59
N ILE C 250 13.07 -17.73 -3.39
CA ILE C 250 12.30 -16.71 -2.62
C ILE C 250 13.20 -15.57 -2.15
N ILE C 251 14.38 -15.87 -1.61
CA ILE C 251 15.25 -14.82 -1.00
C ILE C 251 15.83 -13.88 -2.07
N GLY C 252 15.86 -14.29 -3.35
CA GLY C 252 16.26 -13.37 -4.42
C GLY C 252 17.61 -13.67 -5.04
N ILE C 253 18.48 -14.37 -4.32
CA ILE C 253 19.81 -14.74 -4.86
C ILE C 253 19.60 -15.59 -6.11
N GLY C 254 18.63 -16.49 -6.08
CA GLY C 254 18.29 -17.23 -7.31
C GLY C 254 18.76 -18.65 -7.36
N LEU C 255 18.14 -19.44 -8.22
CA LEU C 255 18.49 -20.86 -8.37
C LEU C 255 19.83 -20.99 -9.06
N ASP C 256 20.18 -20.02 -9.90
CA ASP C 256 21.45 -20.07 -10.67
C ASP C 256 22.62 -19.66 -9.77
N GLN C 257 22.33 -19.09 -8.59
CA GLN C 257 23.39 -18.73 -7.62
C GLN C 257 23.47 -19.80 -6.52
N VAL C 258 23.18 -21.06 -6.88
CA VAL C 258 23.26 -22.18 -5.91
C VAL C 258 24.22 -23.21 -6.45
N ILE C 259 25.17 -23.66 -5.63
CA ILE C 259 26.21 -24.63 -6.09
C ILE C 259 26.08 -25.97 -5.36
N PRO C 260 25.83 -27.08 -6.08
CA PRO C 260 25.81 -28.39 -5.47
C PRO C 260 27.20 -28.96 -5.14
N VAL C 261 27.47 -29.18 -3.85
CA VAL C 261 28.77 -29.75 -3.42
C VAL C 261 28.61 -31.26 -3.37
N PRO C 262 29.47 -32.03 -4.05
CA PRO C 262 29.33 -33.48 -4.12
C PRO C 262 29.40 -34.22 -2.78
N VAL C 263 28.69 -35.34 -2.68
CA VAL C 263 28.67 -36.13 -1.42
C VAL C 263 29.57 -37.34 -1.60
N ASP C 264 29.97 -37.95 -0.49
CA ASP C 264 30.89 -39.11 -0.57
C ASP C 264 30.10 -40.41 -0.60
N HIS C 265 30.80 -41.53 -0.50
CA HIS C 265 30.12 -42.85 -0.53
C HIS C 265 29.34 -43.06 0.76
N ASN C 266 29.61 -42.26 1.80
CA ASN C 266 28.84 -42.32 3.07
C ASN C 266 27.77 -41.22 3.00
N TYR C 267 27.58 -40.62 1.83
CA TYR C 267 26.51 -39.62 1.58
C TYR C 267 26.67 -38.37 2.44
N ARG C 268 27.90 -38.06 2.80
CA ARG C 268 28.18 -36.81 3.55
C ARG C 268 28.97 -35.89 2.63
N MET C 269 28.98 -34.59 2.88
CA MET C 269 29.65 -33.64 1.96
C MET C 269 31.14 -33.97 1.86
N ASP C 270 31.70 -33.91 0.65
CA ASP C 270 33.18 -34.09 0.49
C ASP C 270 33.84 -32.76 0.80
N ILE C 271 34.59 -32.68 1.90
CA ILE C 271 35.23 -31.40 2.32
C ILE C 271 36.38 -31.11 1.37
N ASN C 272 36.80 -32.12 0.63
CA ASN C 272 37.87 -31.93 -0.38
C ASN C 272 37.23 -31.28 -1.61
N GLU C 273 35.99 -31.63 -1.91
CA GLU C 273 35.28 -31.01 -3.06
C GLU C 273 34.74 -29.64 -2.63
N LEU C 274 34.54 -29.43 -1.34
CA LEU C 274 34.11 -28.10 -0.87
C LEU C 274 35.29 -27.16 -1.06
N GLU C 275 36.49 -27.61 -0.69
CA GLU C 275 37.69 -26.76 -0.85
C GLU C 275 37.86 -26.39 -2.32
N LYS C 276 37.83 -27.37 -3.21
CA LYS C 276 38.00 -27.12 -4.66
C LYS C 276 37.03 -26.06 -5.13
N ILE C 277 35.74 -26.22 -4.84
CA ILE C 277 34.71 -25.27 -5.35
C ILE C 277 34.98 -23.90 -4.74
N VAL C 278 35.19 -23.83 -3.44
CA VAL C 278 35.36 -22.52 -2.76
C VAL C 278 36.61 -21.85 -3.31
N ARG C 279 37.70 -22.60 -3.43
CA ARG C 279 38.97 -21.98 -3.86
C ARG C 279 38.86 -21.54 -5.32
N GLY C 280 38.10 -22.25 -6.12
CA GLY C 280 37.89 -21.87 -7.52
C GLY C 280 37.15 -20.55 -7.61
N LEU C 281 36.15 -20.37 -6.76
CA LEU C 281 35.33 -19.14 -6.80
C LEU C 281 36.18 -18.02 -6.24
N ALA C 282 37.13 -18.37 -5.39
CA ALA C 282 38.03 -17.35 -4.81
C ALA C 282 38.94 -16.79 -5.91
N GLU C 283 39.42 -17.66 -6.79
CA GLU C 283 40.34 -17.20 -7.86
C GLU C 283 39.56 -16.28 -8.79
N GLU C 284 38.25 -16.50 -8.93
CA GLU C 284 37.43 -15.67 -9.83
C GLU C 284 36.75 -14.54 -9.04
N GLN C 285 37.21 -14.30 -7.82
CA GLN C 285 36.67 -13.23 -6.95
C GLN C 285 35.14 -13.32 -6.78
N ILE C 286 34.57 -14.52 -6.94
CA ILE C 286 33.11 -14.73 -6.69
C ILE C 286 33.00 -15.13 -5.24
N PRO C 287 32.28 -14.37 -4.39
CA PRO C 287 32.24 -14.65 -2.96
C PRO C 287 31.42 -15.90 -2.62
N VAL C 288 31.60 -16.42 -1.42
CA VAL C 288 30.75 -17.57 -0.99
C VAL C 288 29.78 -17.05 0.07
N LEU C 289 28.50 -16.93 -0.28
CA LEU C 289 27.46 -16.45 0.66
C LEU C 289 27.48 -17.32 1.90
N GLY C 290 27.36 -18.64 1.70
CA GLY C 290 27.43 -19.54 2.86
C GLY C 290 27.40 -20.99 2.48
N VAL C 291 27.64 -21.86 3.46
CA VAL C 291 27.63 -23.33 3.24
C VAL C 291 26.61 -23.94 4.21
N VAL C 292 25.83 -24.91 3.74
CA VAL C 292 24.89 -25.63 4.63
C VAL C 292 25.43 -27.02 4.94
N GLY C 293 25.64 -27.32 6.21
CA GLY C 293 25.99 -28.69 6.57
C GLY C 293 24.75 -29.41 7.06
N VAL C 294 24.51 -30.61 6.57
CA VAL C 294 23.25 -31.31 6.94
C VAL C 294 23.51 -32.34 8.04
N VAL C 295 23.03 -32.03 9.25
CA VAL C 295 23.14 -33.01 10.36
C VAL C 295 21.79 -33.73 10.40
N GLY C 296 21.71 -34.84 9.68
CA GLY C 296 20.42 -35.55 9.60
C GLY C 296 19.84 -35.53 8.21
N SER C 297 20.56 -36.09 7.25
CA SER C 297 20.09 -36.12 5.85
C SER C 297 18.67 -36.68 5.80
N THR C 298 17.82 -36.11 4.92
CA THR C 298 16.41 -36.51 4.84
C THR C 298 16.22 -37.90 4.25
N GLU C 299 17.15 -38.36 3.43
CA GLU C 299 16.92 -39.63 2.71
C GLU C 299 17.82 -40.76 3.20
N GLU C 300 18.92 -40.46 3.90
CA GLU C 300 19.88 -41.52 4.30
C GLU C 300 20.30 -41.37 5.76
N GLY C 301 20.03 -40.23 6.37
CA GLY C 301 20.31 -40.06 7.80
C GLY C 301 21.74 -39.71 8.06
N ALA C 302 22.40 -39.14 7.07
CA ALA C 302 23.84 -38.87 7.20
C ALA C 302 24.09 -37.60 7.99
N VAL C 303 25.21 -37.57 8.70
CA VAL C 303 25.59 -36.36 9.47
C VAL C 303 26.82 -35.80 8.76
N ASP C 304 26.68 -34.64 8.14
CA ASP C 304 27.82 -33.99 7.45
C ASP C 304 28.89 -33.64 8.48
N SER C 305 30.16 -33.68 8.08
CA SER C 305 31.29 -33.40 9.00
C SER C 305 31.39 -31.92 9.28
N ILE C 306 30.52 -31.38 10.12
CA ILE C 306 30.52 -29.94 10.48
C ILE C 306 31.89 -29.60 11.07
N ASP C 307 32.47 -30.50 11.86
CA ASP C 307 33.83 -30.30 12.39
C ASP C 307 34.79 -29.92 11.24
N LYS C 308 34.84 -30.72 10.19
CA LYS C 308 35.80 -30.50 9.08
C LYS C 308 35.42 -29.27 8.25
N ILE C 309 34.14 -28.90 8.23
CA ILE C 309 33.66 -27.72 7.46
C ILE C 309 34.19 -26.44 8.11
N ILE C 310 34.13 -26.35 9.43
CA ILE C 310 34.57 -25.12 10.13
C ILE C 310 36.08 -25.12 10.09
N ALA C 311 36.68 -26.31 10.10
CA ALA C 311 38.15 -26.41 10.08
C ALA C 311 38.68 -25.89 8.75
N LEU C 312 37.97 -26.17 7.67
CA LEU C 312 38.41 -25.70 6.34
C LEU C 312 38.19 -24.19 6.27
N ARG C 313 37.13 -23.70 6.88
CA ARG C 313 36.88 -22.24 6.92
C ARG C 313 38.07 -21.57 7.60
N ASP C 314 38.60 -22.20 8.65
CA ASP C 314 39.69 -21.58 9.41
C ASP C 314 40.96 -21.57 8.56
N GLU C 315 41.18 -22.66 7.81
CA GLU C 315 42.34 -22.76 6.92
C GLU C 315 42.17 -21.77 5.75
N LEU C 316 40.94 -21.43 5.36
CA LEU C 316 40.75 -20.55 4.18
C LEU C 316 40.83 -19.09 4.63
N MET C 317 40.56 -18.82 5.90
CA MET C 317 40.68 -17.45 6.45
C MET C 317 42.15 -17.07 6.44
N LYS C 318 43.03 -18.06 6.34
CA LYS C 318 44.49 -17.75 6.17
C LYS C 318 44.70 -17.15 4.77
N ASP C 319 43.95 -17.61 3.78
CA ASP C 319 44.05 -17.06 2.40
C ASP C 319 42.92 -16.06 2.15
N GLY C 320 42.37 -15.47 3.21
CA GLY C 320 41.31 -14.45 3.08
C GLY C 320 40.01 -14.94 2.45
N ILE C 321 39.57 -16.15 2.78
CA ILE C 321 38.26 -16.67 2.28
C ILE C 321 37.40 -17.08 3.48
N TYR C 322 36.16 -16.59 3.56
CA TYR C 322 35.25 -16.93 4.70
C TYR C 322 33.92 -17.37 4.15
N TYR C 323 33.23 -18.26 4.86
CA TYR C 323 31.86 -18.64 4.46
C TYR C 323 31.01 -18.74 5.72
N TYR C 324 29.72 -18.49 5.58
CA TYR C 324 28.79 -18.58 6.72
C TYR C 324 28.40 -20.06 6.82
N VAL C 325 28.21 -20.56 8.04
CA VAL C 325 27.74 -21.96 8.17
C VAL C 325 26.34 -22.02 8.76
N HIS C 326 25.39 -22.58 8.01
CA HIS C 326 24.05 -22.82 8.58
C HIS C 326 23.91 -24.34 8.66
N VAL C 327 23.49 -24.83 9.81
CA VAL C 327 23.37 -26.30 10.00
C VAL C 327 21.92 -26.72 9.79
N ASP C 328 21.64 -27.50 8.76
CA ASP C 328 20.28 -28.06 8.57
C ASP C 328 20.16 -29.28 9.48
N ALA C 329 19.74 -29.06 10.72
CA ALA C 329 19.56 -30.16 11.68
C ALA C 329 18.06 -30.31 11.95
N ALA C 330 17.25 -30.16 10.91
CA ALA C 330 15.80 -30.30 11.05
C ALA C 330 15.50 -31.70 11.57
N TYR C 331 16.20 -32.69 11.06
CA TYR C 331 16.01 -34.07 11.57
C TYR C 331 16.86 -34.36 12.79
N GLY C 332 18.14 -34.03 12.80
CA GLY C 332 19.02 -34.47 13.89
C GLY C 332 19.29 -33.46 14.99
N GLY C 333 18.61 -32.34 15.02
CA GLY C 333 18.95 -31.31 16.01
C GLY C 333 18.72 -31.72 17.44
N TYR C 334 17.71 -32.53 17.69
CA TYR C 334 17.37 -32.92 19.07
C TYR C 334 18.34 -34.00 19.54
N GLY C 335 19.06 -34.59 18.59
CA GLY C 335 20.02 -35.65 18.92
C GLY C 335 21.23 -35.16 19.69
N ARG C 336 21.50 -33.87 19.67
CA ARG C 336 22.65 -33.29 20.40
C ARG C 336 22.42 -33.43 21.90
N ALA C 337 21.20 -33.76 22.32
CA ALA C 337 20.89 -33.92 23.75
C ALA C 337 21.58 -35.17 24.30
N ILE C 338 21.84 -36.15 23.42
CA ILE C 338 22.52 -37.42 23.82
C ILE C 338 23.97 -37.13 24.19
N PHE C 339 24.41 -35.90 23.97
CA PHE C 339 25.83 -35.58 24.18
C PHE C 339 25.99 -34.56 25.30
N LEU C 340 24.89 -34.15 25.90
CA LEU C 340 24.96 -33.10 26.93
C LEU C 340 24.58 -33.66 28.31
N ASP C 341 25.20 -33.16 29.37
CA ASP C 341 24.91 -33.63 30.74
C ASP C 341 23.97 -32.64 31.42
N GLU C 342 23.66 -32.88 32.70
CA GLU C 342 22.66 -32.03 33.40
C GLU C 342 23.20 -30.63 33.69
N ASP C 343 24.47 -30.37 33.40
CA ASP C 343 25.01 -28.99 33.54
C ASP C 343 25.24 -28.41 32.15
N ASN C 344 24.84 -29.12 31.10
CA ASN C 344 24.92 -28.64 29.69
C ASN C 344 26.36 -28.63 29.19
N ASN C 345 27.17 -29.57 29.69
CA ASN C 345 28.55 -29.69 29.17
C ASN C 345 28.58 -30.85 28.18
N PHE C 346 29.24 -30.67 27.06
CA PHE C 346 29.36 -31.77 26.07
C PHE C 346 30.16 -32.88 26.71
N ILE C 347 29.52 -34.02 26.94
CA ILE C 347 30.21 -35.13 27.66
C ILE C 347 31.38 -35.58 26.82
N PRO C 348 32.59 -35.69 27.39
CA PRO C 348 33.72 -36.21 26.65
C PRO C 348 33.34 -37.55 26.02
N TYR C 349 33.83 -37.82 24.82
CA TYR C 349 33.41 -39.02 24.08
C TYR C 349 33.64 -40.29 24.89
N GLU C 350 34.75 -40.37 25.58
CA GLU C 350 35.09 -41.63 26.29
C GLU C 350 34.19 -41.85 27.50
N ASP C 351 33.60 -40.80 28.05
CA ASP C 351 32.65 -40.95 29.18
C ASP C 351 31.25 -41.30 28.66
N LEU C 352 31.02 -41.30 27.35
CA LEU C 352 29.65 -41.48 26.79
C LEU C 352 29.00 -42.79 27.26
N GLN C 353 29.59 -43.94 26.96
CA GLN C 353 28.96 -45.24 27.32
C GLN C 353 28.69 -45.32 28.82
N ASP C 354 29.53 -44.72 29.65
CA ASP C 354 29.34 -44.75 31.12
C ASP C 354 28.17 -43.86 31.53
N VAL C 355 28.07 -42.66 30.97
CA VAL C 355 26.95 -41.74 31.29
C VAL C 355 25.67 -42.28 30.67
N HIS C 356 25.75 -42.85 29.47
CA HIS C 356 24.58 -43.42 28.78
C HIS C 356 24.06 -44.63 29.57
N GLU C 357 24.93 -45.32 30.28
CA GLU C 357 24.53 -46.51 31.07
C GLU C 357 23.92 -46.04 32.38
N GLU C 358 24.45 -44.95 32.92
CA GLU C 358 23.92 -44.40 34.19
C GLU C 358 22.56 -43.74 33.96
N TYR C 359 22.30 -43.28 32.73
CA TYR C 359 21.07 -42.49 32.47
C TYR C 359 20.07 -43.30 31.68
N GLY C 360 20.41 -44.55 31.35
CA GLY C 360 19.45 -45.42 30.65
C GLY C 360 19.32 -45.07 29.19
N VAL C 361 20.20 -44.23 28.68
CA VAL C 361 20.14 -43.78 27.27
C VAL C 361 20.30 -45.00 26.37
N PHE C 362 21.16 -45.92 26.76
CA PHE C 362 21.38 -47.14 25.96
C PHE C 362 21.24 -48.36 26.86
N LYS C 363 20.69 -49.44 26.33
CA LYS C 363 20.45 -50.66 27.12
C LYS C 363 21.70 -51.54 27.09
N GLU C 364 22.44 -51.52 25.99
CA GLU C 364 23.68 -52.32 25.85
C GLU C 364 24.89 -51.38 25.84
N LYS C 365 25.91 -51.68 26.62
CA LYS C 365 27.11 -50.81 26.70
C LYS C 365 28.05 -51.14 25.57
N LYS C 366 27.89 -50.46 24.45
CA LYS C 366 28.77 -50.64 23.29
C LYS C 366 28.79 -49.28 22.61
N GLU C 367 29.63 -49.10 21.60
CA GLU C 367 29.64 -47.83 20.86
C GLU C 367 28.36 -47.73 20.04
N HIS C 368 27.72 -46.57 20.04
CA HIS C 368 26.52 -46.37 19.20
C HIS C 368 26.78 -45.12 18.35
N ILE C 369 27.47 -44.14 18.91
CA ILE C 369 27.82 -42.90 18.16
C ILE C 369 29.28 -43.02 17.72
N SER C 370 29.64 -42.48 16.54
CA SER C 370 30.95 -42.75 15.92
C SER C 370 32.14 -41.83 16.22
N ARG C 371 32.02 -40.80 17.04
CA ARG C 371 33.14 -39.84 17.26
C ARG C 371 33.19 -38.86 16.09
N GLU C 372 33.08 -39.34 14.87
CA GLU C 372 32.97 -38.42 13.73
C GLU C 372 31.63 -37.69 13.88
N VAL C 373 30.56 -38.43 14.16
CA VAL C 373 29.22 -37.83 14.38
C VAL C 373 29.26 -37.01 15.67
N TYR C 374 29.95 -37.47 16.70
CA TYR C 374 30.13 -36.70 17.95
C TYR C 374 30.81 -35.36 17.67
N ASP C 375 31.83 -35.36 16.81
CA ASP C 375 32.62 -34.14 16.56
C ASP C 375 31.81 -33.19 15.68
N ALA C 376 31.09 -33.74 14.72
CA ALA C 376 30.22 -32.92 13.87
C ALA C 376 29.18 -32.22 14.74
N TYR C 377 28.58 -32.95 15.68
CA TYR C 377 27.54 -32.37 16.55
C TYR C 377 28.15 -31.31 17.47
N LYS C 378 29.38 -31.54 17.90
CA LYS C 378 30.06 -30.59 18.83
C LYS C 378 30.40 -29.29 18.09
N ALA C 379 30.58 -29.37 16.77
CA ALA C 379 31.01 -28.19 16.00
C ALA C 379 29.86 -27.29 15.56
N ILE C 380 28.63 -27.63 15.92
CA ILE C 380 27.46 -26.79 15.58
C ILE C 380 27.55 -25.52 16.42
N GLU C 381 28.30 -25.57 17.53
CA GLU C 381 28.50 -24.39 18.41
C GLU C 381 29.22 -23.28 17.63
N LEU C 382 29.98 -23.63 16.59
CA LEU C 382 30.79 -22.63 15.88
C LEU C 382 30.05 -22.14 14.64
N ALA C 383 28.91 -22.75 14.32
CA ALA C 383 28.09 -22.29 13.18
C ALA C 383 27.21 -21.14 13.63
N GLU C 384 26.71 -20.35 12.69
CA GLU C 384 25.99 -19.12 13.07
C GLU C 384 24.50 -19.36 13.23
N SER C 385 23.97 -20.33 12.50
CA SER C 385 22.51 -20.59 12.54
C SER C 385 22.27 -22.09 12.44
N VAL C 386 21.20 -22.57 13.09
CA VAL C 386 20.84 -24.00 13.01
C VAL C 386 19.34 -24.12 12.76
N THR C 387 18.97 -24.93 11.78
CA THR C 387 17.54 -25.24 11.60
C THR C 387 17.26 -26.47 12.45
N ILE C 388 16.28 -26.39 13.34
CA ILE C 388 15.93 -27.54 14.21
C ILE C 388 14.41 -27.72 14.16
N ASP C 389 13.96 -28.95 13.95
CA ASP C 389 12.50 -29.19 13.87
C ASP C 389 11.97 -29.97 15.07
N PRO C 390 11.29 -29.32 16.02
CA PRO C 390 10.61 -30.05 17.09
C PRO C 390 9.64 -31.11 16.54
N HIS C 391 9.05 -30.90 15.36
CA HIS C 391 8.04 -31.82 14.77
C HIS C 391 8.71 -32.99 14.07
N MET C 393 12.49 -34.96 15.32
CA MET C 393 13.09 -35.74 16.43
C MET C 393 12.83 -35.12 17.80
N GLY C 394 11.97 -34.11 17.88
CA GLY C 394 11.56 -33.57 19.17
C GLY C 394 10.28 -34.22 19.61
N TYR C 395 9.65 -34.99 18.72
CA TYR C 395 8.41 -35.74 19.04
C TYR C 395 7.30 -34.78 19.43
N ILE C 396 7.34 -33.58 18.85
CA ILE C 396 6.33 -32.56 19.15
C ILE C 396 5.41 -32.54 17.95
N PRO C 397 4.10 -32.49 18.14
CA PRO C 397 3.19 -32.47 17.03
C PRO C 397 3.42 -31.41 15.95
N TYR C 398 3.06 -31.72 14.72
CA TYR C 398 3.13 -30.71 13.64
C TYR C 398 2.11 -29.63 14.00
N SER C 399 2.35 -28.38 13.58
CA SER C 399 3.60 -27.93 12.93
C SER C 399 4.44 -27.09 13.90
N ALA C 400 5.68 -27.51 14.12
CA ALA C 400 6.59 -26.75 15.00
C ALA C 400 8.02 -26.89 14.49
N GLY C 401 8.60 -25.82 13.96
CA GLY C 401 9.99 -25.82 13.51
C GLY C 401 10.81 -24.93 14.40
N GLY C 402 12.03 -24.62 14.00
CA GLY C 402 12.86 -23.82 14.91
C GLY C 402 14.12 -23.26 14.29
N ILE C 403 14.52 -22.09 14.77
CA ILE C 403 15.78 -21.46 14.31
C ILE C 403 16.62 -21.20 15.55
N VAL C 404 17.91 -21.48 15.48
CA VAL C 404 18.82 -21.14 16.60
C VAL C 404 19.92 -20.25 16.01
N ILE C 405 20.19 -19.12 16.64
CA ILE C 405 21.29 -18.22 16.18
C ILE C 405 22.42 -18.18 17.22
N GLN C 406 23.68 -18.17 16.77
CA GLN C 406 24.87 -18.19 17.65
C GLN C 406 24.95 -16.91 18.45
N ASP C 407 24.60 -15.80 17.82
CA ASP C 407 24.65 -14.49 18.49
C ASP C 407 23.24 -13.95 18.56
N ILE C 408 22.78 -13.54 19.74
CA ILE C 408 21.43 -12.90 19.88
C ILE C 408 21.44 -11.57 19.13
N ARG C 409 22.62 -11.05 18.80
CA ARG C 409 22.71 -9.72 18.13
C ARG C 409 22.40 -9.89 16.65
N MET C 410 22.60 -11.08 16.12
CA MET C 410 22.36 -11.34 14.68
C MET C 410 20.90 -11.02 14.31
N ARG C 411 19.99 -11.07 15.27
CA ARG C 411 18.56 -10.79 15.01
C ARG C 411 18.36 -9.33 14.61
N ASP C 412 19.33 -8.45 14.87
CA ASP C 412 19.17 -7.00 14.59
C ASP C 412 19.28 -6.78 13.08
N VAL C 413 19.89 -7.73 12.37
CA VAL C 413 20.09 -7.63 10.91
C VAL C 413 18.76 -7.86 10.17
N ILE C 414 17.76 -8.44 10.83
CA ILE C 414 16.45 -8.62 10.20
C ILE C 414 15.33 -7.91 10.94
N SER C 415 15.58 -7.32 12.10
CA SER C 415 14.50 -6.75 12.89
C SER C 415 13.76 -5.66 12.12
N TYR C 416 12.52 -5.40 12.54
CA TYR C 416 11.70 -4.29 12.03
C TYR C 416 11.03 -3.59 13.21
N PHE C 417 11.06 -2.27 13.22
CA PHE C 417 10.22 -1.57 14.20
C PHE C 417 9.16 -0.70 13.51
N ILE C 428 12.98 -10.23 26.42
CA ILE C 428 11.80 -10.65 25.68
C ILE C 428 11.23 -9.57 24.75
N PRO C 429 11.08 -9.91 23.46
CA PRO C 429 10.49 -8.95 22.52
C PRO C 429 9.04 -8.60 22.88
N ALA C 430 8.68 -7.34 22.66
CA ALA C 430 7.29 -6.95 22.77
C ALA C 430 6.49 -7.39 21.54
N LEU C 431 7.14 -7.47 20.38
CA LEU C 431 6.56 -8.08 19.17
C LEU C 431 7.59 -9.01 18.55
N LEU C 432 7.44 -10.30 18.81
CA LEU C 432 8.31 -11.31 18.23
C LEU C 432 8.20 -11.35 16.70
N GLY C 433 7.08 -10.86 16.14
CA GLY C 433 7.00 -10.80 14.69
C GLY C 433 7.99 -9.85 14.05
N ALA C 434 8.61 -8.98 14.87
CA ALA C 434 9.65 -8.07 14.42
C ALA C 434 11.00 -8.76 14.27
N TYR C 435 11.18 -9.94 14.84
CA TYR C 435 12.47 -10.61 14.84
C TYR C 435 12.46 -11.92 14.10
N ILE C 436 11.43 -12.19 13.30
CA ILE C 436 11.26 -13.49 12.67
C ILE C 436 10.81 -13.31 11.23
N LEU C 437 10.98 -14.38 10.44
CA LEU C 437 10.55 -14.30 9.06
C LEU C 437 9.02 -14.30 8.96
N GLU C 438 8.36 -15.14 9.75
CA GLU C 438 6.92 -15.26 9.64
C GLU C 438 6.22 -14.17 10.46
N GLY C 439 4.89 -14.22 10.48
CA GLY C 439 4.07 -13.30 11.27
C GLY C 439 3.33 -13.98 12.42
N SER C 440 2.01 -14.16 12.32
CA SER C 440 1.24 -14.73 13.42
C SER C 440 1.64 -16.18 13.75
N LYS C 441 1.59 -16.50 15.04
CA LYS C 441 2.06 -17.79 15.58
C LYS C 441 1.10 -18.23 16.68
N ALA C 442 0.82 -19.53 16.74
CA ALA C 442 0.00 -20.05 17.82
C ALA C 442 0.82 -20.06 19.11
N GLY C 443 0.31 -19.40 20.15
CA GLY C 443 0.89 -19.62 21.46
C GLY C 443 0.82 -21.06 21.91
N ALA C 444 -0.16 -21.83 21.39
CA ALA C 444 -0.28 -23.25 21.73
C ALA C 444 0.94 -24.04 21.26
N THR C 445 1.55 -23.62 20.16
CA THR C 445 2.77 -24.28 19.72
C THR C 445 3.87 -24.08 20.75
N ALA C 446 4.00 -22.86 21.27
CA ALA C 446 5.04 -22.57 22.26
C ALA C 446 4.83 -23.39 23.51
N ALA C 447 3.61 -23.39 24.03
CA ALA C 447 3.31 -24.22 25.19
C ALA C 447 3.62 -25.69 24.90
N SER C 448 3.36 -26.11 23.66
CA SER C 448 3.60 -27.49 23.24
C SER C 448 5.09 -27.84 23.24
N VAL C 449 5.95 -26.92 22.77
CA VAL C 449 7.38 -27.22 22.80
C VAL C 449 7.91 -27.09 24.23
N TRP C 450 7.45 -26.06 24.94
CA TRP C 450 7.89 -25.87 26.32
C TRP C 450 7.57 -27.09 27.17
N ALA C 451 6.36 -27.66 27.04
CA ALA C 451 5.99 -28.83 27.81
C ALA C 451 6.95 -29.98 27.59
N ALA C 452 7.31 -30.24 26.33
CA ALA C 452 8.27 -31.30 26.06
C ALA C 452 9.62 -30.97 26.69
N HIS C 453 10.06 -29.71 26.58
CA HIS C 453 11.41 -29.39 27.05
C HIS C 453 11.50 -29.53 28.55
N HIS C 454 10.40 -29.34 29.25
CA HIS C 454 10.40 -29.37 30.70
C HIS C 454 9.93 -30.70 31.28
N VAL C 455 9.34 -31.59 30.47
CA VAL C 455 9.19 -32.97 30.90
C VAL C 455 10.45 -33.75 30.58
N LEU C 456 11.00 -33.53 29.38
CA LEU C 456 12.24 -34.16 28.92
C LEU C 456 13.30 -33.09 28.76
N PRO C 457 14.18 -32.88 29.76
CA PRO C 457 15.26 -31.90 29.60
C PRO C 457 16.14 -32.20 28.39
N LEU C 458 16.71 -31.14 27.82
CA LEU C 458 17.48 -31.26 26.60
C LEU C 458 18.92 -31.70 26.90
N ASN C 459 19.02 -32.86 27.53
CA ASN C 459 20.30 -33.50 27.84
C ASN C 459 20.02 -34.99 28.07
N VAL C 460 20.99 -35.70 28.67
CA VAL C 460 20.87 -37.14 28.85
C VAL C 460 19.80 -37.50 29.89
N ALA C 461 19.36 -36.54 30.70
CA ALA C 461 18.33 -36.82 31.68
C ALA C 461 16.91 -36.82 31.08
N GLY C 462 16.76 -36.39 29.83
CA GLY C 462 15.47 -36.31 29.17
C GLY C 462 15.53 -36.78 27.73
N TYR C 463 15.68 -35.84 26.79
CA TYR C 463 15.66 -36.19 25.36
C TYR C 463 16.79 -37.15 24.99
N GLY C 464 17.93 -37.08 25.67
CA GLY C 464 18.98 -38.03 25.39
C GLY C 464 18.50 -39.46 25.50
N LYS C 465 17.64 -39.73 26.48
CA LYS C 465 17.13 -41.07 26.65
C LYS C 465 16.18 -41.44 25.51
N LEU C 466 15.39 -40.49 25.03
CA LEU C 466 14.49 -40.78 23.93
C LEU C 466 15.25 -40.98 22.61
N ILE C 467 16.15 -40.02 22.28
CA ILE C 467 16.98 -40.17 21.08
C ILE C 467 17.80 -41.46 21.16
N GLY C 468 18.35 -41.76 22.33
CA GLY C 468 19.05 -43.02 22.49
C GLY C 468 18.17 -44.22 22.20
N ALA C 469 16.92 -44.19 22.70
CA ALA C 469 16.01 -45.30 22.45
C ALA C 469 15.75 -45.47 20.96
N SER C 470 15.65 -44.34 20.24
CA SER C 470 15.45 -44.39 18.79
C SER C 470 16.66 -45.00 18.09
N ILE C 471 17.87 -44.57 18.47
CA ILE C 471 19.09 -45.05 17.84
C ILE C 471 19.29 -46.54 18.10
N GLU C 472 19.07 -46.98 19.35
CA GLU C 472 19.27 -48.40 19.64
C GLU C 472 18.29 -49.25 18.84
N GLY C 473 17.05 -48.78 18.69
CA GLY C 473 16.10 -49.48 17.87
C GLY C 473 16.54 -49.55 16.41
N SER C 474 17.10 -48.46 15.88
CA SER C 474 17.60 -48.48 14.51
C SER C 474 18.75 -49.47 14.36
N HIS C 475 19.58 -49.59 15.39
CA HIS C 475 20.69 -50.53 15.29
C HIS C 475 20.23 -51.97 15.39
N HIS C 476 19.18 -52.25 16.17
CA HIS C 476 18.58 -53.58 16.16
C HIS C 476 17.97 -53.90 14.80
N PHE C 477 17.28 -52.92 14.19
CA PHE C 477 16.74 -53.11 12.85
C PHE C 477 17.85 -53.33 11.83
N TYR C 478 18.94 -52.55 11.98
CA TYR C 478 20.10 -52.67 11.10
C TYR C 478 20.67 -54.08 11.13
N ASN C 479 20.95 -54.59 12.33
CA ASN C 479 21.52 -55.91 12.43
C ASN C 479 20.55 -57.00 11.97
N PHE C 480 19.24 -56.79 12.17
CA PHE C 480 18.26 -57.77 11.68
C PHE C 480 18.22 -57.79 10.17
N LEU C 481 18.38 -56.61 9.55
CA LEU C 481 18.39 -56.55 8.09
C LEU C 481 19.62 -57.17 7.43
N ASN C 482 20.81 -57.17 8.04
CA ASN C 482 22.00 -57.57 7.28
C ASN C 482 21.91 -59.03 6.84
N ASP C 483 21.83 -59.95 7.79
CA ASP C 483 21.91 -61.36 7.42
C ASP C 483 20.59 -61.94 6.88
N LEU C 484 19.57 -61.10 6.67
CA LEU C 484 18.22 -61.57 6.35
C LEU C 484 18.13 -62.07 4.89
N THR C 485 17.67 -63.31 4.72
CA THR C 485 17.48 -63.93 3.42
C THR C 485 16.10 -64.58 3.32
N PHE C 486 15.53 -64.55 2.12
CA PHE C 486 14.20 -65.09 1.89
C PHE C 486 14.25 -66.19 0.83
N GLU C 494 19.84 -61.77 0.20
CA GLU C 494 18.67 -61.09 -0.37
C GLU C 494 18.61 -59.63 0.13
N VAL C 495 18.83 -59.39 1.42
CA VAL C 495 18.70 -58.00 1.95
C VAL C 495 20.08 -57.41 2.21
N HIS C 496 20.29 -56.16 1.80
CA HIS C 496 21.60 -55.50 1.97
C HIS C 496 21.39 -54.06 2.46
N THR C 497 22.11 -53.64 3.49
CA THR C 497 22.00 -52.27 4.02
C THR C 497 22.91 -51.34 3.23
N LEU C 498 22.49 -50.10 3.08
CA LEU C 498 23.28 -49.12 2.29
C LEU C 498 24.59 -48.81 3.00
N THR C 499 24.52 -48.19 4.17
CA THR C 499 25.72 -47.81 4.91
C THR C 499 25.37 -47.93 6.39
N HIS C 500 26.38 -47.88 7.24
CA HIS C 500 26.09 -47.87 8.67
C HIS C 500 25.39 -46.55 9.02
N PRO C 501 24.30 -46.58 9.77
CA PRO C 501 23.54 -45.35 10.03
C PRO C 501 24.32 -44.37 10.90
N ASP C 502 24.43 -43.13 10.40
CA ASP C 502 25.00 -42.06 11.21
C ASP C 502 24.08 -41.65 12.34
N PHE C 503 22.80 -41.95 12.23
CA PHE C 503 21.82 -41.52 13.22
C PHE C 503 20.88 -42.68 13.48
N ASN C 504 19.60 -42.53 13.10
CA ASN C 504 18.59 -43.54 13.38
C ASN C 504 17.87 -43.97 12.11
N MET C 505 18.39 -43.61 10.94
CA MET C 505 17.73 -43.94 9.68
C MET C 505 18.51 -45.06 9.01
N VAL C 506 17.81 -46.13 8.66
CA VAL C 506 18.43 -47.30 8.04
C VAL C 506 17.85 -47.48 6.64
N ASP C 507 18.69 -47.33 5.63
CA ASP C 507 18.34 -47.60 4.24
C ASP C 507 18.82 -49.00 3.85
N TYR C 508 18.08 -49.63 2.94
CA TYR C 508 18.34 -51.03 2.62
C TYR C 508 17.73 -51.34 1.25
N VAL C 509 18.20 -52.43 0.65
CA VAL C 509 17.71 -52.89 -0.65
C VAL C 509 17.56 -54.40 -0.66
N PHE C 510 16.64 -54.86 -1.51
CA PHE C 510 16.44 -56.31 -1.70
C PHE C 510 17.08 -56.65 -3.04
N LYS C 511 17.69 -57.83 -3.16
CA LYS C 511 18.40 -58.21 -4.41
C LYS C 511 18.35 -59.72 -4.59
N GLU C 512 18.10 -60.19 -5.82
CA GLU C 512 18.15 -61.65 -6.08
C GLU C 512 19.61 -62.11 -6.10
N LYS C 513 19.93 -63.16 -5.36
CA LYS C 513 21.31 -63.71 -5.42
C LYS C 513 21.56 -64.17 -6.85
N GLY C 514 22.46 -63.49 -7.56
CA GLY C 514 22.78 -63.88 -8.94
C GLY C 514 22.44 -62.79 -9.94
N ASN C 515 21.27 -62.17 -9.81
CA ASN C 515 20.84 -61.16 -10.81
C ASN C 515 21.76 -59.96 -10.72
N ASP C 516 22.17 -59.42 -11.87
CA ASP C 516 23.12 -58.29 -11.90
C ASP C 516 22.51 -57.14 -12.70
N ASP C 517 21.18 -57.01 -12.65
CA ASP C 517 20.50 -55.90 -13.35
C ASP C 517 20.07 -54.87 -12.30
N LEU C 518 20.62 -53.67 -12.36
CA LEU C 518 20.27 -52.60 -11.40
C LEU C 518 18.80 -52.30 -11.61
N VAL C 519 18.36 -52.26 -12.87
CA VAL C 519 16.94 -51.95 -13.19
C VAL C 519 16.03 -53.02 -12.56
N ALA C 520 16.54 -54.25 -12.39
CA ALA C 520 15.72 -55.33 -11.82
C ALA C 520 15.68 -55.24 -10.30
N MET C 521 16.78 -54.88 -9.64
CA MET C 521 16.71 -54.71 -8.18
C MET C 521 15.92 -53.42 -7.91
N ASN C 522 15.91 -52.51 -8.87
CA ASN C 522 15.12 -51.28 -8.69
C ASN C 522 13.64 -51.64 -8.81
N LYS C 523 13.33 -52.65 -9.61
CA LYS C 523 11.94 -53.12 -9.78
C LYS C 523 11.54 -53.82 -8.50
N LEU C 524 12.36 -54.75 -8.03
CA LEU C 524 12.10 -55.50 -6.79
C LEU C 524 11.81 -54.52 -5.66
N ASN C 525 12.54 -53.42 -5.62
CA ASN C 525 12.41 -52.49 -4.47
C ASN C 525 11.22 -51.54 -4.66
N HIS C 526 10.85 -51.23 -5.90
CA HIS C 526 9.64 -50.39 -6.06
C HIS C 526 8.46 -51.28 -5.74
N ASP C 527 8.64 -52.58 -5.97
CA ASP C 527 7.51 -53.47 -5.75
C ASP C 527 7.29 -53.76 -4.27
N VAL C 528 8.37 -53.87 -3.49
CA VAL C 528 8.17 -54.06 -2.05
C VAL C 528 7.54 -52.81 -1.44
N TYR C 529 8.02 -51.62 -1.82
CA TYR C 529 7.37 -50.38 -1.31
C TYR C 529 5.90 -50.42 -1.67
N ASP C 530 5.59 -50.76 -2.91
CA ASP C 530 4.18 -50.70 -3.38
C ASP C 530 3.30 -51.50 -2.42
N TYR C 531 3.73 -52.72 -2.09
CA TYR C 531 2.97 -53.58 -1.16
C TYR C 531 3.05 -53.05 0.27
N ALA C 532 4.20 -52.49 0.66
CA ALA C 532 4.40 -51.97 2.02
C ALA C 532 3.98 -50.51 2.11
N SER C 533 2.91 -50.16 1.41
CA SER C 533 2.43 -48.75 1.43
C SER C 533 0.96 -48.63 1.08
N TYR C 534 0.52 -47.38 0.87
CA TYR C 534 -0.89 -47.09 0.53
C TYR C 534 -1.18 -47.47 -0.92
N VAL C 535 -0.13 -47.70 -1.70
CA VAL C 535 -0.31 -48.05 -3.14
C VAL C 535 -1.14 -49.33 -3.20
N LYS C 536 -0.64 -50.41 -2.61
CA LYS C 536 -1.34 -51.71 -2.75
C LYS C 536 -2.13 -52.03 -1.48
N GLY C 537 -3.44 -51.87 -1.53
CA GLY C 537 -4.28 -52.29 -0.39
C GLY C 537 -4.59 -51.20 0.59
N ASN C 538 -5.30 -51.56 1.67
CA ASN C 538 -5.60 -50.61 2.75
C ASN C 538 -4.41 -50.61 3.71
N ILE C 539 -3.93 -49.43 4.09
CA ILE C 539 -2.77 -49.32 4.99
C ILE C 539 -3.20 -49.71 6.41
N TYR C 540 -4.51 -49.70 6.68
CA TYR C 540 -5.00 -50.17 7.99
C TYR C 540 -4.94 -51.69 8.06
N ASN C 541 -4.71 -52.35 6.93
CA ASN C 541 -4.53 -53.80 6.96
C ASN C 541 -3.10 -54.24 6.65
N ASN C 542 -2.16 -53.30 6.52
CA ASN C 542 -0.78 -53.61 6.13
C ASN C 542 0.07 -54.09 7.31
N GLU C 543 0.68 -55.26 7.16
CA GLU C 543 1.48 -55.83 8.24
C GLU C 543 2.90 -55.27 8.30
N PHE C 544 3.33 -54.48 7.31
CA PHE C 544 4.65 -53.88 7.32
C PHE C 544 4.65 -52.67 6.41
N ILE C 545 5.07 -51.52 6.94
CA ILE C 545 5.09 -50.28 6.19
C ILE C 545 6.50 -49.73 6.22
N THR C 546 7.00 -49.30 5.05
CA THR C 546 8.28 -48.61 4.93
C THR C 546 8.17 -47.52 3.86
N SER C 547 9.25 -46.76 3.68
CA SER C 547 9.28 -45.73 2.64
C SER C 547 10.40 -46.06 1.63
N HIS C 548 10.50 -45.23 0.59
CA HIS C 548 11.38 -45.54 -0.54
C HIS C 548 11.86 -44.25 -1.17
N THR C 549 13.08 -44.31 -1.71
CA THR C 549 13.68 -43.18 -2.39
C THR C 549 14.64 -43.68 -3.47
N ASP C 550 14.87 -42.82 -4.46
CA ASP C 550 15.76 -43.11 -5.57
C ASP C 550 17.07 -42.36 -5.38
N PHE C 551 18.19 -43.08 -5.49
CA PHE C 551 19.53 -42.46 -5.56
C PHE C 551 19.88 -42.32 -7.04
N ALA C 552 19.70 -41.13 -7.60
CA ALA C 552 19.90 -40.87 -9.02
C ALA C 552 21.15 -40.05 -9.32
N ILE C 553 21.84 -40.39 -10.42
CA ILE C 553 23.11 -39.69 -10.81
C ILE C 553 22.94 -38.17 -10.84
N PRO C 554 21.91 -37.58 -11.45
CA PRO C 554 21.74 -36.13 -11.37
C PRO C 554 21.90 -35.49 -9.99
N ASP C 555 21.48 -36.17 -8.93
CA ASP C 555 21.49 -35.55 -7.58
C ASP C 555 22.47 -36.27 -6.65
N TYR C 556 22.97 -37.42 -7.05
CA TYR C 556 23.85 -38.22 -6.14
C TYR C 556 25.23 -38.42 -6.79
N GLY C 557 25.31 -38.28 -8.10
CA GLY C 557 26.58 -38.53 -8.80
C GLY C 557 26.89 -40.00 -8.79
N ASN C 558 28.14 -40.35 -8.56
CA ASN C 558 28.48 -41.79 -8.44
C ASN C 558 28.73 -42.05 -6.96
N SER C 559 28.15 -41.23 -6.08
CA SER C 559 28.24 -41.51 -4.63
C SER C 559 27.71 -42.91 -4.30
N PRO C 560 26.66 -43.46 -4.94
CA PRO C 560 26.27 -44.82 -4.67
C PRO C 560 27.05 -45.90 -5.43
N LEU C 561 28.13 -45.54 -6.11
CA LEU C 561 28.83 -46.53 -6.97
C LEU C 561 29.57 -47.54 -6.11
N LYS C 562 30.24 -47.10 -5.06
CA LYS C 562 30.87 -48.11 -4.19
C LYS C 562 29.79 -49.09 -3.77
N PHE C 563 28.60 -48.58 -3.44
CA PHE C 563 27.57 -49.50 -2.97
C PHE C 563 27.12 -50.46 -4.06
N VAL C 564 26.79 -49.93 -5.25
CA VAL C 564 26.33 -50.81 -6.32
C VAL C 564 27.45 -51.75 -6.77
N ASN C 565 28.69 -51.26 -6.79
CA ASN C 565 29.80 -52.14 -7.15
C ASN C 565 29.92 -53.27 -6.15
N SER C 566 29.74 -52.94 -4.87
CA SER C 566 29.85 -53.93 -3.79
C SER C 566 28.82 -55.04 -3.94
N LEU C 567 27.65 -54.73 -4.51
CA LEU C 567 26.60 -55.73 -4.65
C LEU C 567 26.77 -56.60 -5.89
N GLY C 568 27.79 -56.34 -6.70
CA GLY C 568 28.02 -57.07 -7.92
C GLY C 568 27.73 -56.29 -9.18
N PHE C 569 27.19 -55.08 -9.02
CA PHE C 569 26.75 -54.33 -10.21
C PHE C 569 27.95 -53.72 -10.90
N SER C 570 27.92 -53.78 -12.22
CA SER C 570 29.02 -53.18 -13.01
C SER C 570 28.85 -51.67 -13.02
N ASP C 571 29.93 -50.96 -13.29
CA ASP C 571 29.82 -49.49 -13.44
C ASP C 571 28.91 -49.20 -14.62
N GLU C 572 28.81 -50.11 -15.58
CA GLU C 572 27.99 -49.88 -16.80
C GLU C 572 26.52 -49.93 -16.41
N GLU C 573 26.13 -50.98 -15.69
CA GLU C 573 24.73 -51.13 -15.21
C GLU C 573 24.33 -49.85 -14.47
N TRP C 574 25.27 -49.25 -13.75
CA TRP C 574 24.95 -48.05 -12.95
C TRP C 574 24.59 -46.89 -13.88
N ASN C 575 25.36 -46.71 -14.95
CA ASN C 575 25.12 -45.55 -15.86
C ASN C 575 23.93 -45.85 -16.77
N ARG C 576 23.63 -47.14 -16.98
CA ARG C 576 22.47 -47.51 -17.82
C ARG C 576 21.18 -47.27 -17.04
N ALA C 577 21.19 -47.54 -15.74
CA ALA C 577 19.97 -47.37 -14.92
C ALA C 577 19.86 -45.91 -14.53
N GLY C 578 20.99 -45.32 -14.17
CA GLY C 578 21.00 -43.92 -13.76
C GLY C 578 20.60 -43.75 -12.31
N LYS C 579 20.41 -44.87 -11.59
CA LYS C 579 19.90 -44.75 -10.24
C LYS C 579 19.98 -46.10 -9.57
N VAL C 580 19.87 -46.07 -8.24
CA VAL C 580 19.53 -47.22 -7.41
C VAL C 580 18.37 -46.83 -6.51
N THR C 581 17.33 -47.67 -6.51
CA THR C 581 16.15 -47.46 -5.67
C THR C 581 16.38 -48.15 -4.33
N VAL C 582 16.29 -47.37 -3.26
CA VAL C 582 16.54 -47.87 -1.92
C VAL C 582 15.32 -47.64 -1.03
N LEU C 583 15.12 -48.58 -0.10
CA LEU C 583 14.07 -48.48 0.89
C LEU C 583 14.62 -47.77 2.12
N ARG C 584 13.79 -46.88 2.69
CA ARG C 584 14.22 -45.96 3.74
C ARG C 584 13.38 -46.18 5.00
N ALA C 585 14.06 -46.24 6.15
CA ALA C 585 13.42 -46.49 7.44
C ALA C 585 13.95 -45.50 8.47
N ALA C 586 13.13 -44.50 8.80
CA ALA C 586 13.46 -43.54 9.84
C ALA C 586 12.98 -44.09 11.17
N VAL C 587 13.84 -44.85 11.87
CA VAL C 587 13.41 -45.56 13.07
C VAL C 587 13.14 -44.59 14.21
N MET C 588 11.90 -44.10 14.31
CA MET C 588 11.54 -43.16 15.37
C MET C 588 10.70 -43.77 16.47
N THR C 589 10.27 -45.02 16.33
CA THR C 589 9.59 -45.68 17.42
C THR C 589 10.48 -45.72 18.65
N PRO C 590 9.95 -45.43 19.83
CA PRO C 590 10.75 -45.52 21.05
C PRO C 590 10.77 -46.90 21.72
N TYR C 591 10.11 -47.90 21.13
CA TYR C 591 9.85 -49.17 21.79
C TYR C 591 10.79 -50.30 21.41
N MET C 592 11.62 -50.11 20.39
CA MET C 592 12.41 -51.21 19.85
C MET C 592 13.85 -51.20 20.33
N ASN C 593 14.17 -50.40 21.36
CA ASN C 593 15.54 -50.33 21.84
C ASN C 593 15.90 -51.55 22.69
N ASP C 594 14.92 -52.15 23.32
CA ASP C 594 15.10 -53.38 24.10
C ASP C 594 15.14 -54.57 23.14
N LYS C 595 16.23 -55.35 23.19
CA LYS C 595 16.40 -56.45 22.23
C LYS C 595 15.26 -57.46 22.32
N GLU C 596 14.84 -57.81 23.55
CA GLU C 596 13.74 -58.74 23.71
C GLU C 596 12.46 -58.28 23.03
N GLU C 597 12.09 -57.01 23.20
CA GLU C 597 10.89 -56.51 22.57
C GLU C 597 11.04 -56.40 21.05
N PHE C 598 12.25 -56.05 20.57
CA PHE C 598 12.50 -56.07 19.13
C PHE C 598 12.37 -57.48 18.59
N ASP C 599 12.82 -58.48 19.36
CA ASP C 599 12.71 -59.85 18.89
C ASP C 599 11.26 -60.32 18.80
N VAL C 600 10.31 -59.59 19.41
CA VAL C 600 8.91 -59.94 19.24
C VAL C 600 8.43 -59.55 17.85
N TYR C 601 8.88 -58.41 17.35
CA TYR C 601 8.40 -57.94 16.06
C TYR C 601 9.28 -58.36 14.90
N ALA C 602 10.47 -58.89 15.20
CA ALA C 602 11.34 -59.44 14.13
C ALA C 602 10.58 -60.49 13.32
N PRO C 603 9.98 -61.56 13.88
CA PRO C 603 9.31 -62.57 13.08
C PRO C 603 8.08 -62.05 12.32
N LYS C 604 7.46 -60.99 12.82
CA LYS C 604 6.29 -60.39 12.15
C LYS C 604 6.74 -59.69 10.86
N ILE C 605 7.88 -58.99 10.91
CA ILE C 605 8.43 -58.32 9.70
C ILE C 605 8.86 -59.41 8.73
N GLN C 606 9.53 -60.45 9.23
CA GLN C 606 9.98 -61.56 8.35
C GLN C 606 8.76 -62.13 7.65
N ALA C 607 7.71 -62.43 8.41
CA ALA C 607 6.51 -63.06 7.82
C ALA C 607 5.88 -62.11 6.81
N ALA C 608 5.82 -60.83 7.14
CA ALA C 608 5.13 -59.89 6.24
C ALA C 608 5.95 -59.73 4.96
N LEU C 609 7.26 -59.68 5.08
CA LEU C 609 8.08 -59.43 3.89
C LEU C 609 8.06 -60.68 3.01
N GLN C 610 7.94 -61.85 3.62
CA GLN C 610 7.83 -63.08 2.83
C GLN C 610 6.57 -62.99 1.98
N GLU C 611 5.42 -62.73 2.60
CA GLU C 611 4.14 -62.72 1.85
C GLU C 611 4.16 -61.61 0.80
N LYS C 612 4.93 -60.56 1.04
CA LYS C 612 4.91 -59.42 0.10
C LYS C 612 5.81 -59.75 -1.08
N LEU C 613 6.90 -60.45 -0.82
CA LEU C 613 7.83 -60.81 -1.91
C LEU C 613 7.14 -61.89 -2.74
N GLU C 614 6.30 -62.70 -2.11
CA GLU C 614 5.53 -63.74 -2.84
C GLU C 614 4.35 -63.07 -3.54
N GLN C 615 4.21 -61.76 -3.38
CA GLN C 615 3.13 -60.99 -4.05
C GLN C 615 1.78 -61.56 -3.64
#